data_1YBG
#
_entry.id   1YBG
#
_cell.length_a   84.080
_cell.length_b   134.598
_cell.length_c   174.997
_cell.angle_alpha   90.00
_cell.angle_beta   90.00
_cell.angle_gamma   90.00
#
_symmetry.space_group_name_H-M   'P 21 21 21'
#
loop_
_entity.id
_entity.type
_entity.pdbx_description
1 polymer 'UDP-N-acetylglucosamine 1-carboxyvinyltransferase'
2 non-polymer 'N-METHYL-N-{2-[(2-NAPHTHYLSULFONYL)AMINO]-5-[(2-NAPHTHYLSULFONYL)OXY]BENZOYL}-L-ASPARTIC ACID'
3 water water
#
_entity_poly.entity_id   1
_entity_poly.type   'polypeptide(L)'
_entity_poly.pdbx_seq_one_letter_code
;MDKFRVQGPTRLQGEVTISGAKNAALPILFAALLAEEPVEIQNVPKLKDIDTTMKLLTQLGTKVER(IAS)GSVWIDASN
VNNFSAPYDLVKTMRASIWALGPLVARFGQGQVSLPGGCAIGARPVDLHIFGLEKLGAEIKLEEGYVKASVNGRLKGAHI
VMDKVSVGATVTIMSAATLAEGTTIIENAAREPEIVDTANFLVALGAKISGQGTDRITIEGVERLGGGVYRVLPDRIETG
TFLVAAAISGGKIVCRNAQPDTLDAVLAKLREAGADIETGEDWISLDMHGKRPKAVTVRTAPHPAFPTDMQAQFTLLNLV
AEGTGVITETIFENRFMHVPELIRMGAHAEIESNTVICHGVEKLSGAQVMATDLRASASLVLAGCIAEGTTVVDRIYHID
RGYERIEDKLRALGANIERVKGE
;
_entity_poly.pdbx_strand_id   A,B,C,D
#
loop_
_chem_comp.id
_chem_comp.type
_chem_comp.name
_chem_comp.formula
IAS L-beta-peptide, C-gamma linking 'BETA-L-ASPARTIC ACID' 'C4 H7 N O4'
#
# COMPACT_ATOMS: atom_id res chain seq x y z
N MET A 1 -14.68 36.84 9.84
CA MET A 1 -14.09 35.50 10.12
C MET A 1 -13.83 35.37 11.62
N ASP A 2 -14.74 34.67 12.31
CA ASP A 2 -14.59 34.48 13.75
C ASP A 2 -13.30 33.74 14.07
N LYS A 3 -12.82 33.96 15.28
CA LYS A 3 -11.61 33.28 15.74
C LYS A 3 -11.55 33.26 17.26
N PHE A 4 -10.67 32.43 17.80
CA PHE A 4 -10.52 32.33 19.24
C PHE A 4 -9.23 32.90 19.75
N ARG A 5 -9.33 33.82 20.69
CA ARG A 5 -8.18 34.43 21.32
C ARG A 5 -8.07 33.76 22.68
N VAL A 6 -6.99 33.05 22.89
CA VAL A 6 -6.80 32.33 24.14
C VAL A 6 -5.61 32.86 24.93
N GLN A 7 -5.71 32.76 26.25
CA GLN A 7 -4.61 33.18 27.10
C GLN A 7 -4.18 32.05 27.99
N GLY A 8 -2.89 31.79 28.00
CA GLY A 8 -2.38 30.72 28.84
C GLY A 8 -1.22 31.14 29.69
N PRO A 9 -0.72 30.26 30.56
CA PRO A 9 -1.26 28.89 30.71
C PRO A 9 -2.40 28.82 31.74
N THR A 10 -3.33 27.90 31.52
CA THR A 10 -4.44 27.70 32.44
C THR A 10 -4.66 26.22 32.66
N ARG A 11 -4.82 25.80 33.92
CA ARG A 11 -5.06 24.38 34.16
C ARG A 11 -6.53 24.16 33.83
N LEU A 12 -6.81 23.14 33.01
CA LEU A 12 -8.18 22.82 32.63
C LEU A 12 -8.68 21.69 33.55
N GLN A 13 -9.64 22.02 34.39
CA GLN A 13 -10.19 21.06 35.33
C GLN A 13 -11.64 21.37 35.69
N GLY A 14 -12.34 20.35 36.14
CA GLY A 14 -13.73 20.53 36.50
C GLY A 14 -14.55 19.43 35.88
N GLU A 15 -15.63 19.83 35.22
CA GLU A 15 -16.54 18.88 34.56
C GLU A 15 -17.05 19.41 33.24
N VAL A 16 -17.48 18.48 32.41
CA VAL A 16 -18.02 18.82 31.11
C VAL A 16 -19.09 17.79 30.76
N THR A 17 -20.19 18.22 30.17
CA THR A 17 -21.21 17.28 29.77
C THR A 17 -21.05 17.05 28.28
N ILE A 18 -20.80 15.81 27.89
CA ILE A 18 -20.58 15.47 26.48
C ILE A 18 -21.87 15.54 25.65
N SER A 19 -21.80 16.21 24.51
CA SER A 19 -22.97 16.33 23.64
C SER A 19 -23.21 15.05 22.86
N GLY A 20 -24.33 15.03 22.14
CA GLY A 20 -24.65 13.88 21.31
C GLY A 20 -23.79 14.00 20.07
N ALA A 21 -23.27 12.87 19.59
CA ALA A 21 -22.43 12.88 18.40
C ALA A 21 -23.24 13.14 17.14
N LYS A 22 -22.92 14.23 16.45
CA LYS A 22 -23.60 14.57 15.22
C LYS A 22 -23.34 13.47 14.20
N ASN A 23 -22.19 12.81 14.30
CA ASN A 23 -21.88 11.74 13.37
C ASN A 23 -22.87 10.60 13.50
N ALA A 24 -23.59 10.56 14.63
CA ALA A 24 -24.60 9.53 14.81
C ALA A 24 -25.98 10.13 14.51
N ALA A 25 -26.22 11.35 15.00
CA ALA A 25 -27.49 12.02 14.77
C ALA A 25 -27.83 12.15 13.27
N LEU A 26 -26.87 12.60 12.46
CA LEU A 26 -27.10 12.75 11.02
C LEU A 26 -27.66 11.50 10.39
N PRO A 27 -26.93 10.37 10.46
CA PRO A 27 -27.51 9.17 9.84
C PRO A 27 -28.85 8.75 10.44
N ILE A 28 -29.06 9.08 11.72
CA ILE A 28 -30.30 8.71 12.39
C ILE A 28 -31.45 9.58 11.86
N LEU A 29 -31.23 10.88 11.79
CA LEU A 29 -32.26 11.81 11.28
C LEU A 29 -32.77 11.43 9.89
N PHE A 30 -31.85 11.02 9.01
CA PHE A 30 -32.24 10.60 7.68
C PHE A 30 -32.89 9.25 7.75
N ALA A 31 -32.46 8.43 8.69
CA ALA A 31 -33.08 7.13 8.81
C ALA A 31 -34.54 7.35 9.20
N ALA A 32 -34.78 8.38 10.00
CA ALA A 32 -36.14 8.69 10.46
C ALA A 32 -37.19 8.79 9.34
N LEU A 33 -36.73 9.05 8.11
CA LEU A 33 -37.65 9.12 6.98
C LEU A 33 -38.42 7.80 6.86
N LEU A 34 -37.88 6.72 7.38
CA LEU A 34 -38.55 5.44 7.31
C LEU A 34 -39.68 5.29 8.35
N ALA A 35 -39.65 6.11 9.38
CA ALA A 35 -40.64 6.02 10.46
C ALA A 35 -42.02 6.48 10.04
N GLU A 36 -42.99 5.57 10.17
CA GLU A 36 -44.36 5.91 9.80
C GLU A 36 -45.07 6.69 10.90
N GLU A 37 -44.62 6.50 12.14
CA GLU A 37 -45.20 7.21 13.28
C GLU A 37 -44.16 8.18 13.83
N PRO A 38 -44.62 9.18 14.60
CA PRO A 38 -43.71 10.18 15.18
C PRO A 38 -42.51 9.62 15.93
N VAL A 39 -41.40 10.35 15.84
CA VAL A 39 -40.18 9.93 16.49
C VAL A 39 -39.53 11.05 17.27
N GLU A 40 -39.10 10.73 18.48
CA GLU A 40 -38.41 11.74 19.27
C GLU A 40 -36.97 11.31 19.34
N ILE A 41 -36.09 12.07 18.70
CA ILE A 41 -34.67 11.75 18.72
C ILE A 41 -34.06 12.67 19.77
N GLN A 42 -33.57 12.09 20.86
CA GLN A 42 -32.99 12.86 21.96
C GLN A 42 -31.48 12.96 21.91
N ASN A 43 -30.99 14.04 22.50
CA ASN A 43 -29.56 14.28 22.59
C ASN A 43 -28.92 14.64 21.27
N VAL A 44 -29.55 15.54 20.55
CA VAL A 44 -29.00 15.96 19.28
C VAL A 44 -28.37 17.31 19.46
N PRO A 45 -27.11 17.47 19.04
CA PRO A 45 -26.44 18.76 19.19
C PRO A 45 -27.01 19.81 18.25
N LYS A 46 -26.71 21.07 18.53
CA LYS A 46 -27.18 22.18 17.71
C LYS A 46 -26.00 22.66 16.86
N LEU A 47 -25.90 22.13 15.65
CA LEU A 47 -24.82 22.43 14.73
C LEU A 47 -25.38 22.65 13.32
N LYS A 48 -24.64 23.38 12.48
CA LYS A 48 -25.07 23.67 11.12
C LYS A 48 -25.72 22.50 10.35
N ASP A 49 -25.04 21.35 10.28
CA ASP A 49 -25.57 20.19 9.55
C ASP A 49 -26.89 19.67 10.09
N ILE A 50 -27.13 19.86 11.38
CA ILE A 50 -28.40 19.43 11.97
C ILE A 50 -29.48 20.38 11.44
N ASP A 51 -29.18 21.69 11.40
CA ASP A 51 -30.16 22.64 10.87
C ASP A 51 -30.43 22.28 9.42
N THR A 52 -29.37 22.15 8.63
CA THR A 52 -29.53 21.82 7.24
C THR A 52 -30.36 20.55 7.02
N THR A 53 -30.10 19.53 7.82
CA THR A 53 -30.84 18.29 7.70
C THR A 53 -32.31 18.53 7.96
N MET A 54 -32.61 19.28 9.02
CA MET A 54 -34.01 19.58 9.37
C MET A 54 -34.72 20.33 8.24
N LYS A 55 -33.99 21.22 7.56
CA LYS A 55 -34.59 21.96 6.49
C LYS A 55 -34.90 20.97 5.37
N LEU A 56 -33.89 20.20 4.98
CA LEU A 56 -34.05 19.23 3.89
C LEU A 56 -35.24 18.30 4.16
N LEU A 57 -35.32 17.75 5.38
CA LEU A 57 -36.45 16.89 5.69
C LEU A 57 -37.76 17.66 5.52
N THR A 58 -37.84 18.84 6.15
CA THR A 58 -39.06 19.64 6.03
C THR A 58 -39.44 19.84 4.54
N GLN A 59 -38.45 20.09 3.68
CA GLN A 59 -38.76 20.28 2.28
C GLN A 59 -39.09 18.98 1.57
N LEU A 60 -39.22 17.88 2.30
CA LEU A 60 -39.57 16.61 1.67
C LEU A 60 -40.96 16.28 2.15
N GLY A 61 -41.50 17.16 2.99
CA GLY A 61 -42.84 16.97 3.49
C GLY A 61 -42.92 16.46 4.91
N THR A 62 -41.78 16.31 5.56
CA THR A 62 -41.81 15.81 6.93
C THR A 62 -41.93 16.97 7.92
N LYS A 63 -42.75 16.78 8.95
CA LYS A 63 -42.92 17.80 9.98
C LYS A 63 -41.76 17.67 10.96
N VAL A 64 -40.99 18.73 11.11
CA VAL A 64 -39.83 18.73 11.99
C VAL A 64 -39.80 19.88 12.99
N GLU A 65 -39.38 19.58 14.21
CA GLU A 65 -39.21 20.60 15.22
C GLU A 65 -38.27 20.12 16.33
N ARG A 66 -37.48 21.08 16.86
CA ARG A 66 -36.49 20.76 17.88
C ARG A 66 -36.47 21.74 19.04
N IAS A 67 -35.51 21.54 19.94
CA IAS A 67 -35.32 22.39 21.11
C IAS A 67 -34.33 23.56 21.05
O IAS A 67 -33.62 23.74 20.02
CB IAS A 67 -35.14 21.55 22.38
CG IAS A 67 -33.89 20.73 22.33
OD1 IAS A 67 -33.08 20.87 21.41
OXT IAS A 67 -34.27 24.30 22.07
N GLY A 68 -33.70 19.88 23.34
CA GLY A 68 -32.51 19.04 23.37
C GLY A 68 -32.68 17.92 22.37
N SER A 69 -33.90 17.76 21.87
CA SER A 69 -34.17 16.71 20.92
C SER A 69 -34.84 17.24 19.67
N VAL A 70 -34.93 16.40 18.65
CA VAL A 70 -35.55 16.78 17.39
C VAL A 70 -36.75 15.84 17.21
N TRP A 71 -37.92 16.43 16.96
CA TRP A 71 -39.12 15.60 16.77
C TRP A 71 -39.39 15.48 15.29
N ILE A 72 -39.66 14.25 14.86
CA ILE A 72 -39.90 13.97 13.46
C ILE A 72 -41.22 13.26 13.17
N ASP A 73 -41.98 13.80 12.22
CA ASP A 73 -43.20 13.17 11.79
C ASP A 73 -43.05 13.04 10.26
N ALA A 74 -42.72 11.84 9.83
CA ALA A 74 -42.51 11.56 8.42
C ALA A 74 -43.66 10.73 7.87
N SER A 75 -44.78 10.78 8.59
CA SER A 75 -45.97 10.05 8.17
C SER A 75 -46.46 10.56 6.83
N ASN A 76 -46.17 11.83 6.54
CA ASN A 76 -46.64 12.43 5.32
C ASN A 76 -45.65 12.97 4.29
N VAL A 77 -44.47 12.37 4.21
CA VAL A 77 -43.46 12.78 3.23
C VAL A 77 -44.08 12.65 1.85
N ASN A 78 -44.15 13.75 1.10
CA ASN A 78 -44.77 13.70 -0.22
C ASN A 78 -43.93 14.26 -1.37
N ASN A 79 -42.72 14.70 -1.07
CA ASN A 79 -41.80 15.23 -2.07
C ASN A 79 -40.55 14.36 -2.01
N PHE A 80 -40.15 13.78 -3.14
CA PHE A 80 -39.01 12.90 -3.11
C PHE A 80 -37.75 13.37 -3.80
N SER A 81 -37.60 14.67 -3.94
CA SER A 81 -36.42 15.21 -4.60
C SER A 81 -35.67 16.18 -3.69
N ALA A 82 -34.52 15.76 -3.16
CA ALA A 82 -33.72 16.62 -2.29
C ALA A 82 -33.19 17.82 -3.08
N PRO A 83 -33.58 19.05 -2.70
CA PRO A 83 -33.13 20.26 -3.40
C PRO A 83 -31.62 20.48 -3.44
N TYR A 84 -31.11 20.80 -4.62
CA TYR A 84 -29.69 21.03 -4.81
C TYR A 84 -29.15 22.04 -3.79
N ASP A 85 -29.90 23.13 -3.59
CA ASP A 85 -29.48 24.18 -2.68
C ASP A 85 -29.06 23.69 -1.30
N LEU A 86 -29.84 22.80 -0.68
CA LEU A 86 -29.47 22.28 0.63
C LEU A 86 -28.44 21.14 0.51
N VAL A 87 -28.67 20.26 -0.45
CA VAL A 87 -27.80 19.13 -0.67
C VAL A 87 -26.30 19.47 -0.83
N LYS A 88 -26.01 20.51 -1.59
CA LYS A 88 -24.64 20.94 -1.85
C LYS A 88 -23.82 21.28 -0.62
N THR A 89 -24.48 21.65 0.48
CA THR A 89 -23.79 22.06 1.68
C THR A 89 -23.20 20.98 2.56
N MET A 90 -23.62 19.72 2.37
CA MET A 90 -23.10 18.63 3.20
C MET A 90 -23.10 17.23 2.61
N ARG A 91 -22.08 16.46 3.00
CA ARG A 91 -21.92 15.08 2.56
C ARG A 91 -23.09 14.18 3.02
N ALA A 92 -23.66 14.47 4.17
CA ALA A 92 -24.75 13.67 4.71
C ALA A 92 -26.05 13.63 3.89
N SER A 93 -26.17 14.53 2.90
CA SER A 93 -27.37 14.61 2.04
C SER A 93 -27.71 13.30 1.36
N ILE A 94 -26.65 12.61 0.95
CA ILE A 94 -26.80 11.37 0.22
C ILE A 94 -27.66 10.37 0.95
N TRP A 95 -27.66 10.46 2.27
CA TRP A 95 -28.46 9.55 3.09
C TRP A 95 -29.97 9.64 2.92
N ALA A 96 -30.46 10.67 2.24
CA ALA A 96 -31.89 10.83 2.01
C ALA A 96 -32.32 9.99 0.83
N LEU A 97 -31.36 9.47 0.09
CA LEU A 97 -31.64 8.68 -1.09
C LEU A 97 -32.24 7.30 -0.78
N GLY A 98 -31.51 6.48 -0.03
CA GLY A 98 -32.00 5.14 0.29
C GLY A 98 -33.36 5.08 0.98
N PRO A 99 -33.59 5.85 2.05
CA PRO A 99 -34.89 5.80 2.74
C PRO A 99 -36.04 6.09 1.80
N LEU A 100 -35.90 7.12 0.97
CA LEU A 100 -36.95 7.48 0.02
C LEU A 100 -37.29 6.34 -0.97
N VAL A 101 -36.28 5.69 -1.53
CA VAL A 101 -36.56 4.63 -2.47
C VAL A 101 -37.11 3.42 -1.71
N ALA A 102 -36.59 3.15 -0.54
CA ALA A 102 -37.08 1.99 0.19
C ALA A 102 -38.52 2.16 0.65
N ARG A 103 -38.86 3.33 1.18
CA ARG A 103 -40.21 3.51 1.66
C ARG A 103 -41.20 4.00 0.63
N PHE A 104 -40.76 4.85 -0.28
CA PHE A 104 -41.70 5.38 -1.27
C PHE A 104 -41.47 5.04 -2.71
N GLY A 105 -40.52 4.14 -2.97
CA GLY A 105 -40.25 3.72 -4.32
C GLY A 105 -39.45 4.67 -5.20
N GLN A 106 -39.13 5.86 -4.69
CA GLN A 106 -38.37 6.81 -5.50
C GLN A 106 -37.67 7.90 -4.68
N GLY A 107 -36.49 8.29 -5.16
CA GLY A 107 -35.69 9.31 -4.51
C GLY A 107 -34.74 9.89 -5.53
N GLN A 108 -34.52 11.19 -5.44
CA GLN A 108 -33.64 11.87 -6.37
C GLN A 108 -32.75 12.84 -5.64
N VAL A 109 -31.44 12.69 -5.80
CA VAL A 109 -30.48 13.56 -5.13
C VAL A 109 -29.38 13.98 -6.09
N SER A 110 -28.96 15.25 -6.03
CA SER A 110 -27.87 15.73 -6.89
C SER A 110 -26.54 15.11 -6.46
N LEU A 111 -25.61 14.97 -7.40
CA LEU A 111 -24.32 14.39 -7.08
C LEU A 111 -23.19 15.34 -7.37
N PRO A 112 -22.03 15.15 -6.71
CA PRO A 112 -20.89 16.03 -6.94
C PRO A 112 -20.50 16.03 -8.40
N GLY A 113 -20.10 17.19 -8.89
CA GLY A 113 -19.71 17.31 -10.29
C GLY A 113 -18.23 17.50 -10.54
N GLY A 114 -17.42 16.56 -10.09
CA GLY A 114 -15.99 16.65 -10.31
C GLY A 114 -15.65 16.29 -11.75
N CYS A 115 -14.56 15.56 -11.93
CA CYS A 115 -14.11 15.12 -13.27
C CYS A 115 -13.67 13.64 -13.19
N ALA A 116 -13.25 13.22 -12.00
CA ALA A 116 -12.74 11.87 -11.79
C ALA A 116 -13.80 10.79 -11.79
N ILE A 117 -13.50 9.72 -12.50
CA ILE A 117 -14.41 8.59 -12.62
C ILE A 117 -13.91 7.43 -11.78
N GLY A 118 -14.81 6.77 -11.08
CA GLY A 118 -14.41 5.63 -10.27
C GLY A 118 -13.64 6.05 -9.04
N ALA A 119 -14.31 6.79 -8.17
CA ALA A 119 -13.71 7.27 -6.95
C ALA A 119 -14.86 7.83 -6.11
N ARG A 120 -15.60 8.79 -6.68
CA ARG A 120 -16.72 9.43 -6.01
C ARG A 120 -17.35 8.46 -5.00
N PRO A 121 -17.08 8.67 -3.68
CA PRO A 121 -17.63 7.79 -2.63
C PRO A 121 -19.13 7.50 -2.82
N VAL A 122 -19.82 8.47 -3.37
CA VAL A 122 -21.23 8.38 -3.64
C VAL A 122 -21.59 7.16 -4.51
N ASP A 123 -20.66 6.71 -5.34
CA ASP A 123 -20.92 5.57 -6.20
C ASP A 123 -21.28 4.27 -5.46
N LEU A 124 -20.70 4.03 -4.29
CA LEU A 124 -21.01 2.82 -3.55
C LEU A 124 -22.49 2.77 -3.19
N HIS A 125 -23.04 3.93 -2.84
CA HIS A 125 -24.44 4.07 -2.45
C HIS A 125 -25.37 3.72 -3.57
N ILE A 126 -25.03 4.21 -4.76
CA ILE A 126 -25.83 3.97 -5.95
C ILE A 126 -25.80 2.49 -6.28
N PHE A 127 -24.61 1.89 -6.26
CA PHE A 127 -24.49 0.47 -6.56
C PHE A 127 -25.07 -0.40 -5.46
N GLY A 128 -24.98 0.10 -4.23
CA GLY A 128 -25.52 -0.59 -3.07
C GLY A 128 -27.01 -0.65 -3.25
N LEU A 129 -27.62 0.48 -3.59
CA LEU A 129 -29.07 0.52 -3.82
C LEU A 129 -29.44 -0.36 -5.01
N GLU A 130 -28.68 -0.31 -6.10
CA GLU A 130 -28.97 -1.18 -7.25
C GLU A 130 -28.96 -2.63 -6.80
N LYS A 131 -27.99 -3.02 -5.97
CA LYS A 131 -27.91 -4.41 -5.50
C LYS A 131 -29.22 -4.81 -4.81
N LEU A 132 -29.83 -3.86 -4.10
CA LEU A 132 -31.07 -4.12 -3.41
C LEU A 132 -32.23 -4.12 -4.38
N GLY A 133 -31.90 -3.97 -5.66
CA GLY A 133 -32.93 -4.00 -6.69
C GLY A 133 -33.51 -2.67 -7.14
N ALA A 134 -32.85 -1.57 -6.87
CA ALA A 134 -33.38 -0.29 -7.33
C ALA A 134 -32.92 -0.01 -8.77
N GLU A 135 -33.83 0.54 -9.55
CA GLU A 135 -33.53 0.92 -10.90
C GLU A 135 -32.81 2.25 -10.67
N ILE A 136 -31.72 2.45 -11.39
CA ILE A 136 -30.91 3.65 -11.26
C ILE A 136 -30.85 4.40 -12.60
N LYS A 137 -31.01 5.72 -12.55
CA LYS A 137 -30.92 6.56 -13.73
C LYS A 137 -29.92 7.66 -13.42
N LEU A 138 -28.85 7.70 -14.21
CA LEU A 138 -27.79 8.70 -14.05
C LEU A 138 -27.86 9.70 -15.19
N GLU A 139 -28.38 10.90 -14.91
CA GLU A 139 -28.51 11.95 -15.92
C GLU A 139 -28.38 13.35 -15.33
N GLU A 140 -28.07 14.31 -16.20
CA GLU A 140 -27.95 15.70 -15.82
C GLU A 140 -27.34 15.91 -14.42
N GLY A 141 -26.30 15.15 -14.11
CA GLY A 141 -25.62 15.29 -12.84
C GLY A 141 -26.34 14.84 -11.58
N TYR A 142 -27.36 14.02 -11.71
CA TYR A 142 -28.03 13.56 -10.51
C TYR A 142 -28.30 12.07 -10.61
N VAL A 143 -28.90 11.55 -9.55
CA VAL A 143 -29.24 10.15 -9.49
C VAL A 143 -30.69 10.05 -9.13
N LYS A 144 -31.42 9.29 -9.91
CA LYS A 144 -32.82 9.05 -9.63
C LYS A 144 -32.89 7.53 -9.43
N ALA A 145 -33.17 7.14 -8.20
CA ALA A 145 -33.27 5.74 -7.83
C ALA A 145 -34.71 5.37 -7.50
N SER A 146 -35.22 4.29 -8.08
CA SER A 146 -36.59 3.89 -7.79
C SER A 146 -36.75 2.40 -7.89
N VAL A 147 -37.91 1.91 -7.46
CA VAL A 147 -38.23 0.50 -7.48
C VAL A 147 -39.74 0.25 -7.59
N ASN A 148 -40.14 -0.77 -8.35
CA ASN A 148 -41.56 -1.11 -8.48
C ASN A 148 -41.83 -2.13 -7.39
N GLY A 149 -42.59 -1.75 -6.36
CA GLY A 149 -42.84 -2.67 -5.27
C GLY A 149 -41.72 -2.57 -4.25
N ARG A 150 -41.55 -3.55 -3.37
CA ARG A 150 -40.47 -3.48 -2.37
C ARG A 150 -39.07 -3.82 -2.96
N LEU A 151 -38.01 -3.46 -2.24
CA LEU A 151 -36.65 -3.76 -2.63
C LEU A 151 -36.47 -5.23 -2.23
N LYS A 152 -35.43 -5.87 -2.69
CA LYS A 152 -35.20 -7.27 -2.36
C LYS A 152 -33.90 -7.42 -1.63
N GLY A 153 -33.93 -8.14 -0.52
CA GLY A 153 -32.73 -8.36 0.25
C GLY A 153 -31.68 -8.97 -0.65
N ALA A 154 -30.42 -8.60 -0.42
CA ALA A 154 -29.33 -9.10 -1.21
C ALA A 154 -28.08 -9.37 -0.36
N HIS A 155 -27.17 -10.17 -0.89
CA HIS A 155 -25.92 -10.46 -0.20
C HIS A 155 -24.92 -9.53 -0.84
N ILE A 156 -24.48 -8.52 -0.08
CA ILE A 156 -23.55 -7.53 -0.59
C ILE A 156 -22.16 -7.54 0.01
N VAL A 157 -21.14 -7.60 -0.85
CA VAL A 157 -19.75 -7.58 -0.38
C VAL A 157 -19.15 -6.20 -0.64
N MET A 158 -18.86 -5.47 0.43
CA MET A 158 -18.27 -4.15 0.32
C MET A 158 -16.78 -4.33 0.05
N ASP A 159 -16.30 -3.71 -1.03
CA ASP A 159 -14.89 -3.81 -1.38
C ASP A 159 -14.11 -2.87 -0.49
N LYS A 160 -14.64 -1.68 -0.31
CA LYS A 160 -14.01 -0.70 0.57
C LYS A 160 -14.93 -0.63 1.78
N VAL A 161 -14.35 -0.50 2.98
CA VAL A 161 -15.16 -0.37 4.20
C VAL A 161 -15.66 1.08 4.16
N SER A 162 -16.97 1.28 4.09
CA SER A 162 -17.52 2.64 4.03
C SER A 162 -18.60 2.92 5.08
N VAL A 163 -18.39 3.96 5.87
CA VAL A 163 -19.35 4.34 6.89
C VAL A 163 -20.60 4.81 6.19
N GLY A 164 -20.42 5.64 5.17
CA GLY A 164 -21.56 6.15 4.43
C GLY A 164 -22.41 5.10 3.70
N ALA A 165 -21.75 4.19 3.00
CA ALA A 165 -22.46 3.17 2.24
C ALA A 165 -23.14 2.18 3.16
N THR A 166 -22.47 1.87 4.28
CA THR A 166 -23.02 0.95 5.25
C THR A 166 -24.36 1.52 5.73
N VAL A 167 -24.41 2.81 6.00
CA VAL A 167 -25.64 3.41 6.45
C VAL A 167 -26.72 3.37 5.36
N THR A 168 -26.38 3.75 4.13
CA THR A 168 -27.37 3.72 3.07
C THR A 168 -27.95 2.34 2.87
N ILE A 169 -27.09 1.35 2.63
CA ILE A 169 -27.55 -0.01 2.42
C ILE A 169 -28.31 -0.59 3.60
N MET A 170 -27.78 -0.42 4.81
CA MET A 170 -28.44 -0.95 6.01
C MET A 170 -29.80 -0.30 6.21
N SER A 171 -29.88 1.02 6.05
CA SER A 171 -31.15 1.71 6.24
C SER A 171 -32.16 1.23 5.21
N ALA A 172 -31.78 1.24 3.94
CA ALA A 172 -32.69 0.79 2.90
C ALA A 172 -33.15 -0.67 3.12
N ALA A 173 -32.22 -1.55 3.46
CA ALA A 173 -32.54 -2.98 3.67
C ALA A 173 -33.66 -3.27 4.67
N THR A 174 -33.81 -2.45 5.71
CA THR A 174 -34.83 -2.67 6.74
C THR A 174 -36.27 -2.79 6.23
N LEU A 175 -36.53 -2.30 5.00
CA LEU A 175 -37.86 -2.37 4.40
C LEU A 175 -37.90 -3.24 3.15
N ALA A 176 -36.83 -3.96 2.88
CA ALA A 176 -36.79 -4.82 1.71
C ALA A 176 -37.37 -6.19 2.00
N GLU A 177 -37.67 -6.93 0.94
CA GLU A 177 -38.20 -8.28 1.06
C GLU A 177 -37.04 -9.24 1.22
N GLY A 178 -36.98 -9.93 2.35
CA GLY A 178 -35.89 -10.86 2.53
C GLY A 178 -34.75 -10.36 3.37
N THR A 179 -33.65 -11.09 3.25
CA THR A 179 -32.47 -10.79 4.03
C THR A 179 -31.35 -10.12 3.25
N THR A 180 -30.70 -9.15 3.89
CA THR A 180 -29.56 -8.46 3.31
C THR A 180 -28.36 -8.69 4.22
N ILE A 181 -27.23 -9.04 3.62
CA ILE A 181 -26.01 -9.24 4.39
C ILE A 181 -24.97 -8.27 3.85
N ILE A 182 -24.34 -7.52 4.73
CA ILE A 182 -23.34 -6.58 4.30
C ILE A 182 -22.03 -7.05 4.86
N GLU A 183 -21.15 -7.51 3.97
CA GLU A 183 -19.84 -7.98 4.41
C GLU A 183 -18.84 -6.81 4.36
N ASN A 184 -17.93 -6.75 5.33
CA ASN A 184 -16.93 -5.67 5.43
C ASN A 184 -17.64 -4.33 5.66
N ALA A 185 -18.61 -4.38 6.57
CA ALA A 185 -19.40 -3.22 6.95
C ALA A 185 -18.57 -2.38 7.89
N ALA A 186 -18.80 -1.08 7.87
CA ALA A 186 -18.11 -0.18 8.76
C ALA A 186 -18.49 -0.62 10.19
N ARG A 187 -17.53 -0.56 11.10
CA ARG A 187 -17.78 -0.99 12.47
C ARG A 187 -17.98 0.12 13.50
N GLU A 188 -17.82 1.37 13.08
CA GLU A 188 -17.96 2.51 13.98
C GLU A 188 -19.14 2.54 14.94
N PRO A 189 -18.91 3.01 16.16
CA PRO A 189 -19.97 3.08 17.16
C PRO A 189 -21.24 3.79 16.64
N GLU A 190 -21.02 4.73 15.71
CA GLU A 190 -22.10 5.51 15.13
C GLU A 190 -22.95 4.63 14.22
N ILE A 191 -22.35 3.58 13.65
CA ILE A 191 -23.07 2.65 12.78
C ILE A 191 -23.97 1.90 13.73
N VAL A 192 -23.36 1.41 14.80
CA VAL A 192 -24.05 0.65 15.84
C VAL A 192 -25.26 1.43 16.38
N ASP A 193 -25.09 2.74 16.59
CA ASP A 193 -26.19 3.56 17.10
C ASP A 193 -27.31 3.67 16.04
N THR A 194 -26.94 3.76 14.78
CA THR A 194 -27.95 3.87 13.74
C THR A 194 -28.66 2.54 13.67
N ALA A 195 -27.91 1.44 13.76
CA ALA A 195 -28.53 0.13 13.75
C ALA A 195 -29.52 0.07 14.90
N ASN A 196 -29.08 0.49 16.09
CA ASN A 196 -29.97 0.44 17.22
C ASN A 196 -31.20 1.32 17.11
N PHE A 197 -31.08 2.44 16.43
CA PHE A 197 -32.21 3.31 16.23
C PHE A 197 -33.26 2.61 15.35
N LEU A 198 -32.81 2.05 14.24
CA LEU A 198 -33.69 1.32 13.32
C LEU A 198 -34.38 0.15 14.06
N VAL A 199 -33.64 -0.52 14.92
CA VAL A 199 -34.21 -1.62 15.68
C VAL A 199 -35.28 -1.08 16.61
N ALA A 200 -34.98 0.04 17.26
CA ALA A 200 -35.95 0.64 18.16
C ALA A 200 -37.27 0.91 17.44
N LEU A 201 -37.20 1.12 16.13
CA LEU A 201 -38.38 1.41 15.32
C LEU A 201 -39.06 0.16 14.73
N GLY A 202 -38.56 -1.02 15.08
CA GLY A 202 -39.18 -2.23 14.55
C GLY A 202 -38.38 -3.02 13.53
N ALA A 203 -37.19 -2.55 13.19
CA ALA A 203 -36.39 -3.26 12.21
C ALA A 203 -35.70 -4.48 12.83
N LYS A 204 -35.27 -5.40 11.96
CA LYS A 204 -34.55 -6.59 12.36
C LYS A 204 -33.11 -6.54 11.83
N ILE A 205 -32.20 -6.19 12.74
CA ILE A 205 -30.78 -6.04 12.43
C ILE A 205 -29.89 -6.62 13.50
N SER A 206 -28.87 -7.36 13.09
CA SER A 206 -27.91 -7.89 14.04
C SER A 206 -26.51 -7.84 13.42
N GLY A 207 -25.50 -8.04 14.27
CA GLY A 207 -24.14 -7.98 13.81
C GLY A 207 -23.58 -6.56 13.71
N GLN A 208 -24.35 -5.53 14.06
CA GLN A 208 -23.81 -4.18 13.94
C GLN A 208 -22.61 -4.09 14.84
N GLY A 209 -21.56 -3.41 14.37
CA GLY A 209 -20.35 -3.33 15.18
C GLY A 209 -19.35 -4.39 14.70
N THR A 210 -19.82 -5.38 13.96
CA THR A 210 -18.93 -6.41 13.45
C THR A 210 -18.67 -6.24 11.95
N ASP A 211 -17.99 -7.22 11.36
CA ASP A 211 -17.68 -7.15 9.94
C ASP A 211 -18.85 -7.48 9.03
N ARG A 212 -19.93 -8.03 9.58
CA ARG A 212 -21.10 -8.31 8.74
C ARG A 212 -22.37 -8.06 9.51
N ILE A 213 -23.21 -7.25 8.90
CA ILE A 213 -24.47 -6.89 9.43
C ILE A 213 -25.50 -7.70 8.69
N THR A 214 -26.52 -8.16 9.40
CA THR A 214 -27.60 -8.90 8.75
C THR A 214 -28.91 -8.19 8.97
N ILE A 215 -29.63 -7.91 7.90
CA ILE A 215 -30.91 -7.25 8.03
C ILE A 215 -32.01 -8.15 7.47
N GLU A 216 -33.09 -8.22 8.23
CA GLU A 216 -34.25 -8.99 7.87
C GLU A 216 -35.36 -7.98 7.62
N GLY A 217 -35.61 -7.69 6.35
CA GLY A 217 -36.62 -6.71 5.99
C GLY A 217 -37.98 -6.94 6.60
N VAL A 218 -38.63 -5.86 7.04
CA VAL A 218 -39.97 -5.93 7.64
C VAL A 218 -40.96 -5.07 6.84
N GLU A 219 -42.25 -5.27 7.06
CA GLU A 219 -43.30 -4.53 6.36
C GLU A 219 -43.10 -3.03 6.42
N ARG A 220 -43.00 -2.51 7.64
CA ARG A 220 -42.84 -1.07 7.90
C ARG A 220 -42.23 -0.82 9.27
N LEU A 221 -41.81 0.43 9.50
CA LEU A 221 -41.21 0.80 10.77
C LEU A 221 -42.10 1.79 11.53
N GLY A 222 -42.17 1.62 12.85
CA GLY A 222 -43.01 2.51 13.64
C GLY A 222 -42.40 3.85 14.01
N GLY A 223 -42.50 4.17 15.29
CA GLY A 223 -41.97 5.41 15.79
C GLY A 223 -41.53 5.19 17.22
N GLY A 224 -41.23 6.25 17.93
CA GLY A 224 -40.82 6.08 19.31
C GLY A 224 -39.78 7.09 19.75
N VAL A 225 -39.04 6.73 20.78
CA VAL A 225 -38.02 7.62 21.30
C VAL A 225 -36.63 6.94 21.23
N TYR A 226 -35.61 7.71 20.90
CA TYR A 226 -34.26 7.15 20.86
C TYR A 226 -33.27 8.27 21.20
N ARG A 227 -32.25 7.91 21.98
CA ARG A 227 -31.24 8.87 22.38
C ARG A 227 -29.94 8.62 21.62
N VAL A 228 -29.43 9.65 20.98
CA VAL A 228 -28.17 9.58 20.21
C VAL A 228 -27.01 9.36 21.17
N LEU A 229 -26.09 8.47 20.81
CA LEU A 229 -24.95 8.18 21.67
C LEU A 229 -24.02 9.39 21.82
N PRO A 230 -23.31 9.47 22.95
CA PRO A 230 -22.38 10.57 23.24
C PRO A 230 -21.29 10.65 22.16
N ASP A 231 -20.76 11.84 21.94
CA ASP A 231 -19.68 12.08 20.98
C ASP A 231 -18.35 11.60 21.58
N ARG A 232 -17.87 10.44 21.16
CA ARG A 232 -16.61 9.89 21.65
C ARG A 232 -15.40 10.77 21.34
N ILE A 233 -15.42 11.51 20.22
CA ILE A 233 -14.26 12.37 19.93
C ILE A 233 -14.27 13.65 20.79
N GLU A 234 -15.47 14.16 21.10
CA GLU A 234 -15.56 15.34 21.94
C GLU A 234 -15.01 14.89 23.28
N THR A 235 -15.43 13.70 23.72
CA THR A 235 -14.99 13.17 25.00
C THR A 235 -13.45 13.11 25.03
N GLY A 236 -12.86 12.53 24.00
CA GLY A 236 -11.40 12.43 23.90
C GLY A 236 -10.74 13.80 23.94
N THR A 237 -11.31 14.75 23.21
CA THR A 237 -10.74 16.07 23.18
C THR A 237 -10.59 16.61 24.61
N PHE A 238 -11.67 16.57 25.39
CA PHE A 238 -11.63 17.05 26.76
C PHE A 238 -10.76 16.23 27.70
N LEU A 239 -10.70 14.90 27.50
CA LEU A 239 -9.85 14.10 28.37
C LEU A 239 -8.41 14.53 28.15
N VAL A 240 -8.08 14.86 26.92
CA VAL A 240 -6.74 15.32 26.59
C VAL A 240 -6.57 16.76 27.14
N ALA A 241 -7.66 17.51 27.22
CA ALA A 241 -7.57 18.86 27.74
C ALA A 241 -7.11 18.81 29.19
N ALA A 242 -7.56 17.81 29.94
CA ALA A 242 -7.16 17.67 31.34
C ALA A 242 -5.79 16.99 31.44
N ALA A 243 -5.58 16.02 30.56
CA ALA A 243 -4.36 15.25 30.52
C ALA A 243 -3.10 16.04 30.18
N ILE A 244 -3.24 17.14 29.47
CA ILE A 244 -2.06 17.90 29.10
C ILE A 244 -1.84 19.09 29.99
N SER A 245 -2.76 19.36 30.91
CA SER A 245 -2.61 20.53 31.79
C SER A 245 -2.58 20.24 33.30
N GLY A 246 -2.14 19.05 33.67
CA GLY A 246 -2.06 18.67 35.07
C GLY A 246 -3.42 18.70 35.75
N GLY A 247 -4.48 18.71 34.97
CA GLY A 247 -5.82 18.78 35.53
C GLY A 247 -6.51 17.48 35.86
N LYS A 248 -7.75 17.62 36.32
CA LYS A 248 -8.65 16.53 36.66
C LYS A 248 -10.02 16.97 36.15
N ILE A 249 -10.65 16.08 35.38
CA ILE A 249 -11.94 16.38 34.78
C ILE A 249 -12.82 15.16 34.82
N VAL A 250 -14.13 15.37 34.79
CA VAL A 250 -15.04 14.23 34.74
C VAL A 250 -15.93 14.54 33.56
N CYS A 251 -16.09 13.57 32.67
CA CYS A 251 -16.95 13.76 31.51
C CYS A 251 -18.27 13.09 31.81
N ARG A 252 -19.33 13.88 31.79
CA ARG A 252 -20.68 13.36 32.06
C ARG A 252 -21.41 13.04 30.75
N ASN A 253 -22.45 12.19 30.84
CA ASN A 253 -23.22 11.79 29.66
C ASN A 253 -22.25 11.17 28.64
N ALA A 254 -21.34 10.35 29.13
CA ALA A 254 -20.36 9.73 28.26
C ALA A 254 -20.63 8.23 28.11
N GLN A 255 -19.94 7.59 27.16
CA GLN A 255 -20.09 6.16 26.97
C GLN A 255 -18.70 5.52 26.85
N PRO A 256 -18.11 5.17 28.00
CA PRO A 256 -16.79 4.56 28.12
C PRO A 256 -16.48 3.47 27.10
N ASP A 257 -17.40 2.53 26.86
CA ASP A 257 -17.09 1.46 25.92
C ASP A 257 -16.83 1.82 24.46
N THR A 258 -16.94 3.10 24.10
CA THR A 258 -16.63 3.47 22.74
C THR A 258 -15.20 4.01 22.69
N LEU A 259 -14.52 4.03 23.84
CA LEU A 259 -13.18 4.56 23.92
C LEU A 259 -12.12 3.65 24.58
N ASP A 260 -12.25 2.35 24.46
CA ASP A 260 -11.27 1.48 25.07
C ASP A 260 -9.82 1.87 24.73
N ALA A 261 -9.54 2.06 23.44
CA ALA A 261 -8.19 2.41 23.00
C ALA A 261 -7.72 3.75 23.55
N VAL A 262 -8.56 4.78 23.46
CA VAL A 262 -8.18 6.09 23.93
C VAL A 262 -7.94 6.10 25.43
N LEU A 263 -8.79 5.43 26.19
CA LEU A 263 -8.62 5.43 27.62
C LEU A 263 -7.33 4.74 28.00
N ALA A 264 -7.07 3.59 27.38
CA ALA A 264 -5.85 2.83 27.68
C ALA A 264 -4.62 3.68 27.36
N LYS A 265 -4.70 4.42 26.24
CA LYS A 265 -3.59 5.25 25.82
C LYS A 265 -3.37 6.40 26.78
N LEU A 266 -4.43 6.90 27.40
CA LEU A 266 -4.27 7.97 28.37
C LEU A 266 -3.62 7.44 29.63
N ARG A 267 -3.95 6.20 30.01
CA ARG A 267 -3.34 5.62 31.19
C ARG A 267 -1.86 5.45 30.95
N GLU A 268 -1.48 5.02 29.75
CA GLU A 268 -0.07 4.87 29.40
C GLU A 268 0.61 6.23 29.49
N ALA A 269 -0.17 7.29 29.28
CA ALA A 269 0.36 8.63 29.35
C ALA A 269 0.47 9.04 30.80
N GLY A 270 0.05 8.16 31.69
CA GLY A 270 0.13 8.42 33.11
C GLY A 270 -1.14 8.93 33.77
N ALA A 271 -2.24 9.02 33.02
CA ALA A 271 -3.50 9.49 33.58
C ALA A 271 -4.09 8.45 34.54
N ASP A 272 -4.71 8.95 35.58
CA ASP A 272 -5.36 8.16 36.61
C ASP A 272 -6.82 8.16 36.18
N ILE A 273 -7.30 7.07 35.59
CA ILE A 273 -8.66 7.04 35.10
C ILE A 273 -9.67 6.10 35.73
N GLU A 274 -10.86 6.64 36.02
CA GLU A 274 -11.99 5.88 36.58
C GLU A 274 -13.17 6.04 35.64
N THR A 275 -13.97 4.99 35.48
CA THR A 275 -15.15 5.09 34.62
C THR A 275 -16.39 4.61 35.35
N GLY A 276 -17.54 5.15 34.95
CA GLY A 276 -18.81 4.73 35.52
C GLY A 276 -19.68 4.25 34.39
N GLU A 277 -20.98 4.14 34.63
CA GLU A 277 -21.91 3.69 33.59
C GLU A 277 -22.01 4.74 32.50
N ASP A 278 -21.99 6.01 32.89
CA ASP A 278 -22.11 7.10 31.94
C ASP A 278 -21.18 8.27 32.20
N TRP A 279 -20.04 8.02 32.82
CA TRP A 279 -19.09 9.08 33.06
C TRP A 279 -17.67 8.51 33.02
N ILE A 280 -16.70 9.39 32.87
CA ILE A 280 -15.29 9.02 32.84
C ILE A 280 -14.53 10.13 33.56
N SER A 281 -13.64 9.78 34.48
CA SER A 281 -12.88 10.83 35.12
C SER A 281 -11.43 10.58 34.83
N LEU A 282 -10.67 11.68 34.74
CA LEU A 282 -9.27 11.59 34.46
C LEU A 282 -8.53 12.54 35.39
N ASP A 283 -7.50 12.04 36.06
CA ASP A 283 -6.73 12.85 36.99
C ASP A 283 -5.23 12.75 36.73
N MET A 284 -4.59 13.89 36.54
CA MET A 284 -3.15 13.87 36.31
C MET A 284 -2.39 14.10 37.62
N HIS A 285 -3.12 14.49 38.65
CA HIS A 285 -2.54 14.76 39.97
C HIS A 285 -1.45 15.81 39.84
N GLY A 286 -1.71 16.80 38.99
CA GLY A 286 -0.76 17.89 38.77
C GLY A 286 0.50 17.53 38.01
N LYS A 287 0.60 16.32 37.47
CA LYS A 287 1.80 15.92 36.74
C LYS A 287 1.71 16.12 35.22
N ARG A 288 2.87 16.25 34.57
CA ARG A 288 2.91 16.38 33.12
C ARG A 288 2.60 15.01 32.56
N PRO A 289 2.11 14.95 31.31
CA PRO A 289 1.82 13.63 30.76
C PRO A 289 3.12 12.98 30.32
N LYS A 290 3.10 11.65 30.28
CA LYS A 290 4.25 10.87 29.83
C LYS A 290 4.06 10.54 28.35
N ALA A 291 5.09 10.74 27.53
CA ALA A 291 5.02 10.48 26.10
C ALA A 291 4.51 9.09 25.78
N VAL A 292 3.67 8.99 24.75
CA VAL A 292 3.13 7.71 24.36
C VAL A 292 3.38 7.40 22.89
N THR A 293 3.21 6.13 22.53
CA THR A 293 3.39 5.68 21.15
C THR A 293 1.97 5.43 20.65
N VAL A 294 1.63 6.00 19.50
CA VAL A 294 0.30 5.84 18.97
C VAL A 294 0.32 5.29 17.56
N ARG A 295 -0.61 4.39 17.28
CA ARG A 295 -0.76 3.80 15.95
C ARG A 295 -2.25 3.87 15.61
N THR A 296 -2.65 4.76 14.71
CA THR A 296 -4.07 4.87 14.39
C THR A 296 -4.47 3.70 13.52
N ALA A 297 -5.68 3.20 13.72
CA ALA A 297 -6.15 2.08 12.93
C ALA A 297 -7.68 2.06 13.03
N PRO A 298 -8.33 1.21 12.24
CA PRO A 298 -9.79 1.06 12.21
C PRO A 298 -10.41 0.75 13.58
N HIS A 299 -11.60 1.24 13.84
CA HIS A 299 -12.26 0.95 15.10
C HIS A 299 -12.30 -0.58 15.26
N PRO A 300 -12.20 -1.10 16.50
CA PRO A 300 -12.06 -0.48 17.81
C PRO A 300 -10.66 -0.06 18.24
N ALA A 301 -9.73 0.03 17.29
CA ALA A 301 -8.35 0.46 17.58
C ALA A 301 -8.31 1.99 17.78
N PHE A 302 -7.15 2.54 18.10
CA PHE A 302 -7.03 3.99 18.31
C PHE A 302 -7.56 4.77 17.11
N PRO A 303 -8.51 5.71 17.34
CA PRO A 303 -9.13 6.53 16.29
C PRO A 303 -8.30 7.66 15.72
N THR A 304 -8.29 7.71 14.40
CA THR A 304 -7.56 8.75 13.68
C THR A 304 -8.08 10.15 14.08
N ASP A 305 -9.35 10.25 14.43
CA ASP A 305 -9.93 11.55 14.82
C ASP A 305 -9.43 12.06 16.17
N MET A 306 -8.59 11.27 16.85
CA MET A 306 -8.03 11.66 18.14
C MET A 306 -6.53 11.92 17.99
N GLN A 307 -6.05 11.72 16.77
CA GLN A 307 -4.64 11.88 16.47
C GLN A 307 -4.02 13.26 16.70
N ALA A 308 -4.61 14.31 16.16
CA ALA A 308 -4.07 15.65 16.35
C ALA A 308 -3.99 15.96 17.84
N GLN A 309 -5.00 15.54 18.61
CA GLN A 309 -4.96 15.81 20.04
C GLN A 309 -3.82 15.08 20.74
N PHE A 310 -3.61 13.81 20.45
CA PHE A 310 -2.51 13.12 21.11
C PHE A 310 -1.18 13.64 20.63
N THR A 311 -1.12 14.11 19.40
CA THR A 311 0.13 14.66 18.91
C THR A 311 0.47 15.80 19.85
N LEU A 312 -0.50 16.65 20.13
CA LEU A 312 -0.28 17.78 21.03
C LEU A 312 0.15 17.25 22.40
N LEU A 313 -0.54 16.23 22.90
CA LEU A 313 -0.19 15.66 24.19
C LEU A 313 1.31 15.31 24.23
N ASN A 314 1.79 14.60 23.21
CA ASN A 314 3.21 14.24 23.16
C ASN A 314 4.14 15.46 23.07
N LEU A 315 3.72 16.48 22.34
CA LEU A 315 4.57 17.66 22.19
C LEU A 315 4.80 18.41 23.48
N VAL A 316 3.90 18.20 24.45
CA VAL A 316 4.05 18.84 25.76
C VAL A 316 4.25 17.77 26.82
N ALA A 317 4.65 16.56 26.41
CA ALA A 317 4.84 15.48 27.37
C ALA A 317 6.28 15.32 27.79
N GLU A 318 6.51 14.36 28.67
CA GLU A 318 7.84 14.05 29.15
C GLU A 318 8.38 12.94 28.24
N GLY A 319 9.39 13.26 27.43
CA GLY A 319 9.99 12.26 26.56
C GLY A 319 9.60 12.33 25.10
N THR A 320 9.95 11.27 24.36
CA THR A 320 9.65 11.21 22.95
C THR A 320 8.58 10.17 22.64
N GLY A 321 7.75 10.46 21.64
CA GLY A 321 6.69 9.54 21.27
C GLY A 321 6.39 9.68 19.80
N VAL A 322 6.11 8.57 19.15
CA VAL A 322 5.83 8.63 17.73
C VAL A 322 4.39 8.25 17.44
N ILE A 323 3.71 9.11 16.68
CA ILE A 323 2.34 8.84 16.27
C ILE A 323 2.39 8.28 14.82
N THR A 324 1.84 7.09 14.61
CA THR A 324 1.84 6.53 13.29
C THR A 324 0.43 6.46 12.71
N GLU A 325 0.27 6.97 11.50
CA GLU A 325 -1.03 6.95 10.81
C GLU A 325 -0.89 5.74 9.89
N THR A 326 -1.48 4.62 10.25
CA THR A 326 -1.34 3.43 9.43
C THR A 326 -2.28 3.42 8.24
N ILE A 327 -3.37 4.14 8.36
CA ILE A 327 -4.36 4.18 7.29
C ILE A 327 -4.25 5.40 6.37
N PHE A 328 -4.51 6.59 6.91
CA PHE A 328 -4.49 7.83 6.12
C PHE A 328 -3.12 8.46 5.86
N GLU A 329 -3.14 9.54 5.08
CA GLU A 329 -1.94 10.26 4.70
C GLU A 329 -2.12 11.77 4.81
N ASN A 330 -1.03 12.49 4.62
CA ASN A 330 -1.03 13.94 4.67
C ASN A 330 -1.98 14.35 5.78
N ARG A 331 -1.78 13.76 6.94
CA ARG A 331 -2.62 13.99 8.09
C ARG A 331 -1.99 14.84 9.20
N PHE A 332 -0.71 15.13 9.08
CA PHE A 332 0.00 15.91 10.10
C PHE A 332 0.25 17.36 9.72
N MET A 333 -0.66 17.96 8.96
CA MET A 333 -0.42 19.33 8.58
C MET A 333 -0.56 20.31 9.73
N HIS A 334 -1.33 20.00 10.76
CA HIS A 334 -1.44 20.94 11.87
C HIS A 334 -0.11 21.02 12.63
N VAL A 335 0.77 20.03 12.42
CA VAL A 335 2.05 20.02 13.13
C VAL A 335 2.95 21.24 12.98
N PRO A 336 3.03 21.85 11.77
CA PRO A 336 3.89 23.03 11.62
C PRO A 336 3.38 24.25 12.39
N GLU A 337 2.08 24.25 12.66
CA GLU A 337 1.46 25.30 13.43
C GLU A 337 1.94 25.16 14.87
N LEU A 338 1.98 23.92 15.36
CA LEU A 338 2.43 23.67 16.71
C LEU A 338 3.90 24.02 16.86
N ILE A 339 4.70 23.71 15.85
CA ILE A 339 6.12 24.03 15.89
C ILE A 339 6.27 25.53 16.06
N ARG A 340 5.44 26.30 15.39
CA ARG A 340 5.53 27.76 15.52
C ARG A 340 5.20 28.20 16.94
N MET A 341 4.60 27.30 17.71
CA MET A 341 4.27 27.59 19.10
C MET A 341 5.36 27.04 19.99
N GLY A 342 6.43 26.58 19.36
CA GLY A 342 7.57 26.09 20.11
C GLY A 342 7.77 24.59 20.28
N ALA A 343 6.94 23.79 19.64
CA ALA A 343 7.04 22.35 19.75
C ALA A 343 8.20 21.78 18.95
N HIS A 344 8.73 20.65 19.37
CA HIS A 344 9.84 20.01 18.66
C HIS A 344 9.31 18.71 18.05
N ALA A 345 9.27 18.66 16.72
CA ALA A 345 8.76 17.50 16.03
C ALA A 345 9.30 17.31 14.62
N GLU A 346 9.42 16.07 14.19
CA GLU A 346 9.85 15.78 12.84
C GLU A 346 8.76 14.95 12.19
N ILE A 347 8.42 15.29 10.95
CA ILE A 347 7.43 14.51 10.21
C ILE A 347 8.22 13.64 9.25
N GLU A 348 8.00 12.33 9.30
CA GLU A 348 8.68 11.42 8.40
C GLU A 348 7.64 10.42 7.97
N SER A 349 7.21 10.55 6.72
CA SER A 349 6.18 9.67 6.15
C SER A 349 4.85 9.80 6.89
N ASN A 350 4.19 8.67 7.13
CA ASN A 350 2.92 8.60 7.85
C ASN A 350 3.26 8.62 9.34
N THR A 351 4.27 9.39 9.71
CA THR A 351 4.73 9.44 11.08
C THR A 351 5.16 10.82 11.56
N VAL A 352 4.92 11.11 12.83
CA VAL A 352 5.41 12.37 13.38
C VAL A 352 6.14 12.08 14.67
N ILE A 353 7.45 12.32 14.71
CA ILE A 353 8.23 12.06 15.91
C ILE A 353 8.10 13.26 16.86
N CYS A 354 7.52 13.03 18.04
CA CYS A 354 7.30 14.10 19.02
C CYS A 354 8.31 14.17 20.14
N HIS A 355 8.85 15.37 20.37
CA HIS A 355 9.81 15.59 21.45
C HIS A 355 9.21 16.60 22.39
N GLY A 356 8.68 16.11 23.50
CA GLY A 356 8.04 16.99 24.46
C GLY A 356 8.86 18.16 24.94
N VAL A 357 8.21 19.30 25.19
CA VAL A 357 8.91 20.48 25.71
C VAL A 357 8.20 20.95 26.96
N GLU A 358 8.86 21.83 27.70
CA GLU A 358 8.29 22.36 28.95
C GLU A 358 7.01 23.16 28.71
N LYS A 359 7.10 24.21 27.90
CA LYS A 359 5.93 25.04 27.61
C LYS A 359 5.90 25.53 26.19
N LEU A 360 4.69 25.67 25.65
CA LEU A 360 4.53 26.16 24.30
C LEU A 360 4.38 27.65 24.43
N SER A 361 4.53 28.35 23.32
CA SER A 361 4.40 29.80 23.36
C SER A 361 3.27 30.28 22.47
N GLY A 362 2.53 31.26 22.96
CA GLY A 362 1.43 31.78 22.18
C GLY A 362 1.84 32.18 20.76
N ALA A 363 0.91 32.06 19.84
CA ALA A 363 1.24 32.42 18.48
C ALA A 363 -0.06 32.48 17.71
N GLN A 364 0.00 32.97 16.48
CA GLN A 364 -1.17 33.04 15.64
C GLN A 364 -1.18 31.78 14.82
N VAL A 365 -2.23 30.99 14.96
CA VAL A 365 -2.30 29.73 14.23
C VAL A 365 -3.65 29.48 13.59
N MET A 366 -3.67 28.54 12.66
CA MET A 366 -4.88 28.18 11.95
C MET A 366 -4.79 26.73 11.44
N ALA A 367 -5.93 26.05 11.36
CA ALA A 367 -6.00 24.67 10.89
C ALA A 367 -7.37 24.41 10.25
N THR A 368 -7.39 23.82 9.06
CA THR A 368 -8.65 23.54 8.37
C THR A 368 -9.33 22.31 8.95
N ASP A 369 -8.55 21.37 9.45
CA ASP A 369 -9.14 20.20 10.04
C ASP A 369 -9.76 20.50 11.40
N LEU A 370 -11.02 20.10 11.54
CA LEU A 370 -11.81 20.25 12.77
C LEU A 370 -11.03 19.88 14.05
N ARG A 371 -10.51 18.66 14.07
CA ARG A 371 -9.77 18.15 15.23
C ARG A 371 -8.42 18.83 15.39
N ALA A 372 -7.75 19.08 14.27
CA ALA A 372 -6.46 19.75 14.31
C ALA A 372 -6.68 21.13 14.93
N SER A 373 -7.78 21.76 14.55
CA SER A 373 -8.12 23.09 15.05
C SER A 373 -8.44 23.04 16.55
N ALA A 374 -9.26 22.10 16.99
CA ALA A 374 -9.56 22.04 18.41
C ALA A 374 -8.24 21.83 19.16
N SER A 375 -7.31 21.13 18.55
CA SER A 375 -6.02 20.91 19.20
C SER A 375 -5.29 22.20 19.36
N LEU A 376 -5.44 23.09 18.39
CA LEU A 376 -4.75 24.37 18.49
C LEU A 376 -5.36 25.17 19.63
N VAL A 377 -6.64 24.96 19.89
CA VAL A 377 -7.27 25.70 20.97
C VAL A 377 -6.76 25.16 22.32
N LEU A 378 -6.67 23.85 22.46
CA LEU A 378 -6.17 23.35 23.71
C LEU A 378 -4.71 23.82 23.85
N ALA A 379 -3.97 23.85 22.74
CA ALA A 379 -2.58 24.28 22.78
C ALA A 379 -2.49 25.70 23.32
N GLY A 380 -3.41 26.55 22.87
CA GLY A 380 -3.43 27.93 23.33
C GLY A 380 -3.69 28.01 24.82
N CYS A 381 -4.55 27.14 25.34
CA CYS A 381 -4.88 27.14 26.76
C CYS A 381 -3.72 26.86 27.71
N ILE A 382 -2.71 26.12 27.24
CA ILE A 382 -1.58 25.79 28.11
C ILE A 382 -0.31 26.46 27.63
N ALA A 383 -0.43 27.24 26.58
CA ALA A 383 0.73 27.94 26.04
C ALA A 383 1.01 29.19 26.89
N GLU A 384 2.24 29.67 26.83
CA GLU A 384 2.56 30.88 27.57
C GLU A 384 2.14 32.03 26.68
N GLY A 385 1.26 32.87 27.21
CA GLY A 385 0.83 34.03 26.47
C GLY A 385 -0.49 33.99 25.75
N THR A 386 -0.57 34.76 24.69
CA THR A 386 -1.77 34.87 23.89
C THR A 386 -1.72 34.09 22.59
N THR A 387 -2.73 33.28 22.34
CA THR A 387 -2.80 32.47 21.14
C THR A 387 -4.06 32.86 20.37
N VAL A 388 -3.97 32.94 19.06
CA VAL A 388 -5.12 33.30 18.26
C VAL A 388 -5.33 32.25 17.20
N VAL A 389 -6.40 31.48 17.35
CA VAL A 389 -6.76 30.41 16.43
C VAL A 389 -7.76 30.98 15.42
N ASP A 390 -7.36 31.02 14.15
CA ASP A 390 -8.22 31.58 13.11
C ASP A 390 -9.12 30.53 12.44
N ARG A 391 -10.13 31.01 11.72
CA ARG A 391 -11.08 30.16 11.02
C ARG A 391 -11.63 29.06 11.92
N ILE A 392 -12.11 29.44 13.09
CA ILE A 392 -12.64 28.47 14.02
C ILE A 392 -13.99 27.92 13.61
N TYR A 393 -14.55 28.39 12.50
CA TYR A 393 -15.85 27.88 12.07
C TYR A 393 -15.73 26.36 11.85
N HIS A 394 -14.52 25.89 11.57
CA HIS A 394 -14.31 24.46 11.38
C HIS A 394 -14.67 23.71 12.66
N ILE A 395 -14.39 24.34 13.80
CA ILE A 395 -14.68 23.77 15.10
C ILE A 395 -16.17 23.91 15.41
N ASP A 396 -16.73 25.07 15.09
CA ASP A 396 -18.15 25.33 15.31
C ASP A 396 -19.09 24.33 14.63
N ARG A 397 -18.65 23.78 13.51
CA ARG A 397 -19.46 22.85 12.76
C ARG A 397 -19.45 21.47 13.38
N GLY A 398 -18.43 21.18 14.20
CA GLY A 398 -18.34 19.88 14.81
C GLY A 398 -18.47 19.78 16.33
N TYR A 399 -18.23 20.89 17.03
CA TYR A 399 -18.34 20.92 18.48
C TYR A 399 -19.39 21.92 18.91
N GLU A 400 -20.20 21.51 19.89
CA GLU A 400 -21.25 22.35 20.40
C GLU A 400 -20.73 23.28 21.47
N ARG A 401 -20.62 24.57 21.14
CA ARG A 401 -20.16 25.56 22.09
C ARG A 401 -18.88 25.11 22.79
N ILE A 402 -17.77 25.01 22.07
CA ILE A 402 -16.56 24.54 22.74
C ILE A 402 -16.02 25.54 23.72
N GLU A 403 -16.15 26.81 23.41
CA GLU A 403 -15.65 27.87 24.29
C GLU A 403 -16.35 27.90 25.63
N ASP A 404 -17.65 27.65 25.62
CA ASP A 404 -18.40 27.65 26.88
C ASP A 404 -17.97 26.49 27.77
N LYS A 405 -17.70 25.33 27.16
CA LYS A 405 -17.28 24.15 27.90
C LYS A 405 -15.86 24.31 28.41
N LEU A 406 -14.99 24.87 27.57
CA LEU A 406 -13.61 25.12 27.97
C LEU A 406 -13.56 26.19 29.06
N ARG A 407 -14.36 27.23 28.93
CA ARG A 407 -14.33 28.28 29.93
C ARG A 407 -14.71 27.69 31.29
N ALA A 408 -15.70 26.80 31.28
CA ALA A 408 -16.17 26.18 32.51
C ALA A 408 -15.10 25.31 33.15
N LEU A 409 -14.05 24.97 32.40
CA LEU A 409 -12.98 24.13 32.92
C LEU A 409 -11.78 25.00 33.34
N GLY A 410 -11.94 26.32 33.22
CA GLY A 410 -10.90 27.23 33.63
C GLY A 410 -10.19 28.04 32.56
N ALA A 411 -10.45 27.76 31.28
CA ALA A 411 -9.79 28.47 30.19
C ALA A 411 -10.15 29.94 30.06
N ASN A 412 -9.18 30.73 29.62
CA ASN A 412 -9.37 32.17 29.38
C ASN A 412 -9.51 32.20 27.88
N ILE A 413 -10.74 32.31 27.39
CA ILE A 413 -10.98 32.30 25.95
C ILE A 413 -12.08 33.29 25.54
N GLU A 414 -11.92 33.90 24.38
CA GLU A 414 -12.88 34.87 23.88
C GLU A 414 -12.99 34.78 22.37
N ARG A 415 -14.20 34.74 21.85
CA ARG A 415 -14.39 34.67 20.39
C ARG A 415 -14.36 36.10 19.86
N VAL A 416 -13.74 36.31 18.70
CA VAL A 416 -13.69 37.65 18.16
C VAL A 416 -14.02 37.67 16.68
N LYS A 417 -14.52 38.80 16.21
CA LYS A 417 -14.88 38.97 14.80
C LYS A 417 -13.76 39.65 14.01
N GLY A 418 -14.12 40.23 12.87
CA GLY A 418 -13.15 40.92 12.04
C GLY A 418 -11.94 40.10 11.59
N GLU A 419 -12.12 39.34 10.51
CA GLU A 419 -11.09 38.49 9.86
C GLU A 419 -9.96 37.87 10.68
N MET B 1 8.90 -39.68 2.55
CA MET B 1 8.08 -38.47 2.82
C MET B 1 6.78 -38.89 3.53
N ASP B 2 6.72 -38.63 4.85
CA ASP B 2 5.54 -38.96 5.64
C ASP B 2 4.31 -38.18 5.19
N LYS B 3 3.15 -38.78 5.41
CA LYS B 3 1.88 -38.16 5.05
C LYS B 3 0.73 -38.73 5.84
N PHE B 4 -0.37 -37.98 5.89
CA PHE B 4 -1.55 -38.40 6.63
C PHE B 4 -2.68 -38.91 5.74
N ARG B 5 -3.17 -40.08 6.08
CA ARG B 5 -4.27 -40.72 5.38
C ARG B 5 -5.46 -40.53 6.31
N VAL B 6 -6.48 -39.79 5.84
CA VAL B 6 -7.65 -39.52 6.66
C VAL B 6 -8.93 -40.09 6.06
N GLN B 7 -9.78 -40.66 6.92
CA GLN B 7 -11.03 -41.26 6.49
C GLN B 7 -12.17 -40.41 7.00
N GLY B 8 -13.01 -39.93 6.09
CA GLY B 8 -14.11 -39.09 6.52
C GLY B 8 -15.45 -39.65 6.07
N PRO B 9 -16.57 -39.12 6.60
CA PRO B 9 -16.62 -38.04 7.58
C PRO B 9 -16.66 -38.53 9.03
N THR B 10 -16.12 -37.74 9.95
CA THR B 10 -16.16 -38.09 11.37
C THR B 10 -16.42 -36.83 12.15
N ARG B 11 -17.27 -36.90 13.16
CA ARG B 11 -17.52 -35.72 13.97
C ARG B 11 -16.38 -35.66 14.97
N LEU B 12 -15.74 -34.51 15.11
CA LEU B 12 -14.64 -34.37 16.05
C LEU B 12 -15.19 -33.77 17.35
N GLN B 13 -15.10 -34.57 18.42
CA GLN B 13 -15.61 -34.15 19.73
C GLN B 13 -14.83 -34.79 20.84
N GLY B 14 -14.95 -34.20 22.03
CA GLY B 14 -14.25 -34.71 23.20
C GLY B 14 -13.39 -33.63 23.84
N GLU B 15 -12.18 -34.02 24.21
CA GLU B 15 -11.25 -33.10 24.84
C GLU B 15 -9.86 -33.15 24.23
N VAL B 16 -9.15 -32.03 24.37
CA VAL B 16 -7.77 -31.95 23.89
C VAL B 16 -7.00 -31.11 24.89
N THR B 17 -5.74 -31.46 25.09
CA THR B 17 -4.91 -30.69 26.00
C THR B 17 -3.93 -29.91 25.12
N ILE B 18 -3.97 -28.59 25.30
CA ILE B 18 -3.17 -27.67 24.52
C ILE B 18 -1.72 -27.60 24.97
N SER B 19 -0.82 -27.78 24.02
CA SER B 19 0.58 -27.73 24.30
C SER B 19 1.05 -26.29 24.45
N GLY B 20 2.29 -26.13 24.89
CA GLY B 20 2.84 -24.82 25.04
C GLY B 20 3.14 -24.34 23.64
N ALA B 21 3.11 -23.02 23.46
CA ALA B 21 3.40 -22.43 22.16
C ALA B 21 4.90 -22.42 21.93
N LYS B 22 5.33 -23.10 20.88
CA LYS B 22 6.74 -23.12 20.58
C LYS B 22 7.11 -21.68 20.24
N ASN B 23 6.10 -20.90 19.87
CA ASN B 23 6.38 -19.53 19.51
C ASN B 23 6.78 -18.68 20.69
N ALA B 24 6.50 -19.17 21.89
CA ALA B 24 6.92 -18.44 23.07
C ALA B 24 8.07 -19.22 23.71
N ALA B 25 8.09 -20.54 23.52
CA ALA B 25 9.17 -21.30 24.10
C ALA B 25 10.51 -20.89 23.51
N LEU B 26 10.57 -20.77 22.19
CA LEU B 26 11.83 -20.40 21.57
C LEU B 26 12.42 -19.10 22.10
N PRO B 27 11.69 -17.98 22.01
CA PRO B 27 12.31 -16.77 22.55
C PRO B 27 12.69 -16.89 24.04
N ILE B 28 11.89 -17.60 24.82
CA ILE B 28 12.19 -17.76 26.24
C ILE B 28 13.46 -18.57 26.45
N LEU B 29 13.58 -19.69 25.75
CA LEU B 29 14.77 -20.52 25.87
C LEU B 29 16.05 -19.71 25.65
N PHE B 30 16.12 -18.93 24.57
CA PHE B 30 17.29 -18.12 24.30
C PHE B 30 17.42 -17.03 25.35
N ALA B 31 16.29 -16.55 25.86
CA ALA B 31 16.38 -15.50 26.87
C ALA B 31 17.10 -16.09 28.08
N ALA B 32 16.84 -17.38 28.36
CA ALA B 32 17.47 -18.07 29.48
C ALA B 32 19.00 -17.97 29.54
N LEU B 33 19.66 -17.61 28.42
CA LEU B 33 21.11 -17.48 28.43
C LEU B 33 21.48 -16.40 29.41
N LEU B 34 20.56 -15.48 29.68
CA LEU B 34 20.79 -14.37 30.61
C LEU B 34 20.72 -14.76 32.08
N ALA B 35 20.12 -15.92 32.36
CA ALA B 35 19.95 -16.36 33.74
C ALA B 35 21.27 -16.80 34.36
N GLU B 36 21.55 -16.33 35.56
CA GLU B 36 22.79 -16.69 36.21
C GLU B 36 22.66 -17.95 37.05
N GLU B 37 21.44 -18.29 37.42
CA GLU B 37 21.17 -19.50 38.18
C GLU B 37 20.27 -20.39 37.34
N PRO B 38 20.18 -21.67 37.68
CA PRO B 38 19.34 -22.60 36.91
C PRO B 38 17.90 -22.17 36.72
N VAL B 39 17.38 -22.49 35.53
CA VAL B 39 16.01 -22.18 35.17
C VAL B 39 15.23 -23.41 34.67
N GLU B 40 14.00 -23.55 35.16
CA GLU B 40 13.12 -24.64 34.72
C GLU B 40 12.00 -23.99 33.91
N ILE B 41 11.97 -24.32 32.62
CA ILE B 41 10.96 -23.78 31.73
C ILE B 41 9.98 -24.89 31.50
N GLN B 42 8.78 -24.71 32.02
CA GLN B 42 7.76 -25.73 31.90
C GLN B 42 6.85 -25.53 30.71
N ASN B 43 6.19 -26.61 30.34
CA ASN B 43 5.22 -26.60 29.26
C ASN B 43 5.80 -26.32 27.87
N VAL B 44 6.94 -26.95 27.58
CA VAL B 44 7.64 -26.81 26.30
C VAL B 44 7.30 -28.01 25.41
N PRO B 45 6.76 -27.75 24.20
CA PRO B 45 6.42 -28.85 23.30
C PRO B 45 7.66 -29.55 22.80
N LYS B 46 7.49 -30.79 22.33
CA LYS B 46 8.62 -31.54 21.80
C LYS B 46 8.63 -31.42 20.28
N LEU B 47 9.23 -30.35 19.78
CA LEU B 47 9.29 -30.10 18.35
C LEU B 47 10.70 -29.95 17.87
N LYS B 48 10.88 -30.11 16.56
CA LYS B 48 12.19 -30.00 15.93
C LYS B 48 13.01 -28.81 16.41
N ASP B 49 12.46 -27.61 16.29
CA ASP B 49 13.20 -26.39 16.69
C ASP B 49 13.57 -26.34 18.16
N ILE B 50 12.89 -27.10 19.01
CA ILE B 50 13.27 -27.10 20.41
C ILE B 50 14.56 -27.94 20.53
N ASP B 51 14.59 -29.08 19.85
CA ASP B 51 15.79 -29.91 19.89
C ASP B 51 16.96 -29.11 19.39
N THR B 52 16.80 -28.46 18.24
CA THR B 52 17.88 -27.65 17.69
C THR B 52 18.32 -26.58 18.70
N THR B 53 17.36 -25.91 19.34
CA THR B 53 17.72 -24.89 20.32
C THR B 53 18.54 -25.48 21.46
N MET B 54 18.14 -26.64 21.95
CA MET B 54 18.89 -27.25 23.05
C MET B 54 20.29 -27.61 22.61
N LYS B 55 20.44 -28.09 21.38
CA LYS B 55 21.77 -28.43 20.87
C LYS B 55 22.63 -27.18 20.76
N LEU B 56 22.08 -26.12 20.19
CA LEU B 56 22.80 -24.88 20.05
C LEU B 56 23.27 -24.36 21.40
N LEU B 57 22.37 -24.26 22.36
CA LEU B 57 22.74 -23.79 23.67
C LEU B 57 23.87 -24.66 24.24
N THR B 58 23.74 -25.98 24.09
CA THR B 58 24.76 -26.88 24.63
C THR B 58 26.13 -26.54 24.06
N GLN B 59 26.17 -26.23 22.77
CA GLN B 59 27.40 -25.86 22.05
C GLN B 59 28.00 -24.54 22.52
N LEU B 60 27.24 -23.80 23.33
CA LEU B 60 27.71 -22.52 23.86
C LEU B 60 28.22 -22.72 25.30
N GLY B 61 28.03 -23.93 25.83
CA GLY B 61 28.49 -24.21 27.17
C GLY B 61 27.40 -24.21 28.22
N THR B 62 26.15 -24.18 27.79
CA THR B 62 25.07 -24.22 28.75
C THR B 62 24.69 -25.69 28.96
N LYS B 63 24.32 -26.03 30.19
CA LYS B 63 23.90 -27.39 30.51
C LYS B 63 22.38 -27.39 30.25
N VAL B 64 21.94 -28.33 29.44
CA VAL B 64 20.53 -28.43 29.09
C VAL B 64 20.02 -29.86 29.25
N GLU B 65 18.77 -29.99 29.70
CA GLU B 65 18.17 -31.30 29.85
C GLU B 65 16.67 -31.11 29.76
N ARG B 66 15.94 -32.13 29.31
CA ARG B 66 14.49 -32.01 29.23
C ARG B 66 13.78 -33.35 29.45
N IAS B 67 12.45 -33.30 29.41
CA IAS B 67 11.61 -34.48 29.59
C IAS B 67 11.28 -35.26 28.32
O IAS B 67 11.87 -34.96 27.25
CB IAS B 67 10.39 -34.19 30.47
CG IAS B 67 9.45 -33.14 29.86
OD1 IAS B 67 9.66 -32.68 28.74
OXT IAS B 67 10.45 -36.19 28.43
N GLY B 68 8.41 -32.77 30.59
CA GLY B 68 7.46 -31.78 30.10
C GLY B 68 8.08 -30.40 30.12
N SER B 69 9.23 -30.28 30.77
CA SER B 69 9.93 -29.00 30.88
C SER B 69 11.38 -29.14 30.43
N VAL B 70 12.02 -27.99 30.21
CA VAL B 70 13.42 -27.94 29.80
C VAL B 70 14.19 -27.28 30.94
N TRP B 71 15.33 -27.88 31.30
CA TRP B 71 16.17 -27.35 32.36
C TRP B 71 17.33 -26.61 31.70
N ILE B 72 17.63 -25.41 32.18
CA ILE B 72 18.73 -24.65 31.62
C ILE B 72 19.69 -24.14 32.68
N ASP B 73 20.97 -24.43 32.51
CA ASP B 73 21.96 -23.93 33.44
C ASP B 73 22.99 -23.19 32.61
N ALA B 74 22.81 -21.87 32.52
CA ALA B 74 23.70 -21.05 31.71
C ALA B 74 24.79 -20.39 32.52
N SER B 75 24.95 -20.82 33.77
CA SER B 75 25.95 -20.25 34.66
C SER B 75 27.36 -20.37 34.09
N ASN B 76 27.56 -21.31 33.19
CA ASN B 76 28.88 -21.51 32.63
C ASN B 76 29.10 -21.42 31.13
N VAL B 77 28.27 -20.64 30.47
CA VAL B 77 28.40 -20.46 29.04
C VAL B 77 29.82 -19.96 28.80
N ASN B 78 30.55 -20.61 27.91
CA ASN B 78 31.92 -20.18 27.66
C ASN B 78 32.32 -20.09 26.18
N ASN B 79 31.40 -20.41 25.30
CA ASN B 79 31.67 -20.32 23.88
C ASN B 79 30.59 -19.39 23.29
N PHE B 80 31.01 -18.29 22.67
CA PHE B 80 30.06 -17.32 22.18
C PHE B 80 29.86 -17.26 20.70
N SER B 81 30.01 -18.39 20.02
CA SER B 81 29.84 -18.38 18.58
C SER B 81 28.84 -19.46 18.22
N ALA B 82 27.67 -19.06 17.72
CA ALA B 82 26.66 -20.04 17.34
C ALA B 82 27.14 -20.71 16.05
N PRO B 83 27.27 -22.03 16.07
CA PRO B 83 27.73 -22.78 14.89
C PRO B 83 26.80 -22.70 13.69
N TYR B 84 27.39 -22.53 12.51
CA TYR B 84 26.62 -22.42 11.27
C TYR B 84 25.61 -23.56 11.02
N ASP B 85 26.05 -24.81 11.16
CA ASP B 85 25.16 -25.95 10.91
C ASP B 85 23.89 -25.99 11.78
N LEU B 86 23.94 -25.48 13.00
CA LEU B 86 22.76 -25.48 13.86
C LEU B 86 21.93 -24.24 13.61
N VAL B 87 22.62 -23.15 13.28
CA VAL B 87 21.97 -21.87 13.01
C VAL B 87 21.22 -21.84 11.69
N LYS B 88 21.78 -22.47 10.67
CA LYS B 88 21.15 -22.51 9.36
C LYS B 88 19.76 -23.13 9.36
N THR B 89 19.46 -24.01 10.32
CA THR B 89 18.16 -24.68 10.36
C THR B 89 16.92 -23.94 10.87
N MET B 90 17.09 -22.77 11.48
CA MET B 90 15.92 -22.05 11.99
C MET B 90 16.13 -20.57 12.18
N ARG B 91 15.07 -19.81 11.94
CA ARG B 91 15.13 -18.37 12.09
C ARG B 91 15.47 -17.97 13.53
N ALA B 92 14.88 -18.66 14.50
CA ALA B 92 15.12 -18.34 15.91
C ALA B 92 16.56 -18.29 16.38
N SER B 93 17.50 -18.78 15.56
CA SER B 93 18.94 -18.77 15.90
C SER B 93 19.42 -17.38 16.27
N ILE B 94 18.89 -16.41 15.55
CA ILE B 94 19.27 -15.03 15.74
C ILE B 94 19.10 -14.55 17.19
N TRP B 95 18.18 -15.18 17.93
CA TRP B 95 17.95 -14.78 19.31
C TRP B 95 19.07 -15.09 20.29
N ALA B 96 20.11 -15.76 19.83
CA ALA B 96 21.23 -16.07 20.70
C ALA B 96 22.22 -14.89 20.70
N LEU B 97 22.10 -14.02 19.72
CA LEU B 97 23.01 -12.91 19.63
C LEU B 97 22.92 -11.93 20.79
N GLY B 98 21.78 -11.28 20.94
CA GLY B 98 21.60 -10.30 22.00
C GLY B 98 21.97 -10.74 23.41
N PRO B 99 21.45 -11.86 23.88
CA PRO B 99 21.79 -12.33 25.23
C PRO B 99 23.30 -12.50 25.45
N LEU B 100 23.97 -13.13 24.50
CA LEU B 100 25.41 -13.33 24.59
C LEU B 100 26.18 -12.02 24.68
N VAL B 101 25.80 -11.03 23.88
CA VAL B 101 26.51 -9.76 23.96
C VAL B 101 26.16 -9.03 25.24
N ALA B 102 24.92 -9.11 25.66
CA ALA B 102 24.45 -8.40 26.85
C ALA B 102 24.98 -8.95 28.14
N ARG B 103 25.14 -10.26 28.21
CA ARG B 103 25.63 -10.86 29.43
C ARG B 103 27.15 -11.08 29.43
N PHE B 104 27.71 -11.45 28.28
CA PHE B 104 29.15 -11.70 28.18
C PHE B 104 29.97 -10.74 27.31
N GLY B 105 29.35 -9.69 26.79
CA GLY B 105 30.07 -8.73 25.98
C GLY B 105 30.42 -9.23 24.58
N GLN B 106 29.89 -10.38 24.18
CA GLN B 106 30.16 -10.91 22.85
C GLN B 106 29.31 -12.11 22.40
N GLY B 107 28.95 -12.07 21.11
CA GLY B 107 28.15 -13.12 20.50
C GLY B 107 28.37 -13.07 19.01
N GLN B 108 28.35 -14.22 18.35
CA GLN B 108 28.59 -14.23 16.91
C GLN B 108 27.62 -15.20 16.26
N VAL B 109 26.93 -14.75 15.22
CA VAL B 109 25.98 -15.62 14.54
C VAL B 109 26.12 -15.49 13.04
N SER B 110 25.78 -16.55 12.31
CA SER B 110 25.84 -16.52 10.84
C SER B 110 24.52 -15.96 10.35
N LEU B 111 24.56 -15.30 9.20
CA LEU B 111 23.35 -14.69 8.67
C LEU B 111 22.98 -15.25 7.31
N PRO B 112 21.70 -15.06 6.90
CA PRO B 112 21.23 -15.56 5.61
C PRO B 112 22.06 -14.98 4.45
N GLY B 113 22.57 -15.85 3.59
CA GLY B 113 23.34 -15.41 2.44
C GLY B 113 22.41 -15.07 1.28
N GLY B 114 22.92 -14.34 0.28
CA GLY B 114 22.09 -13.98 -0.85
C GLY B 114 22.31 -12.56 -1.35
N CYS B 115 21.25 -11.77 -1.30
CA CYS B 115 21.31 -10.35 -1.72
C CYS B 115 20.14 -9.62 -1.04
N ALA B 116 19.16 -9.22 -1.84
CA ALA B 116 17.99 -8.53 -1.33
C ALA B 116 18.36 -7.53 -0.23
N ILE B 117 19.26 -6.60 -0.56
CA ILE B 117 19.66 -5.56 0.40
C ILE B 117 18.45 -4.75 0.86
N GLY B 118 18.18 -4.76 2.16
CA GLY B 118 17.06 -4.02 2.67
C GLY B 118 15.98 -4.96 3.21
N ALA B 119 15.91 -6.14 2.62
CA ALA B 119 14.92 -7.13 3.06
C ALA B 119 15.23 -7.71 4.45
N ARG B 120 16.24 -8.57 4.51
CA ARG B 120 16.67 -9.23 5.74
C ARG B 120 16.16 -8.73 7.10
N PRO B 121 15.25 -9.49 7.74
CA PRO B 121 14.75 -9.04 9.04
C PRO B 121 15.84 -8.99 10.13
N VAL B 122 16.94 -9.71 9.95
CA VAL B 122 17.99 -9.67 10.96
C VAL B 122 18.62 -8.27 11.07
N ASP B 123 18.41 -7.43 10.07
CA ASP B 123 18.98 -6.09 10.12
C ASP B 123 18.44 -5.36 11.33
N LEU B 124 17.13 -5.47 11.59
CA LEU B 124 16.55 -4.80 12.73
C LEU B 124 17.18 -5.22 14.05
N HIS B 125 17.56 -6.49 14.16
CA HIS B 125 18.18 -7.02 15.35
C HIS B 125 19.56 -6.41 15.49
N ILE B 126 20.31 -6.39 14.39
CA ILE B 126 21.67 -5.83 14.38
C ILE B 126 21.71 -4.35 14.75
N PHE B 127 20.91 -3.56 14.04
CA PHE B 127 20.84 -2.13 14.31
C PHE B 127 20.28 -1.85 15.68
N GLY B 128 19.40 -2.74 16.14
CA GLY B 128 18.83 -2.60 17.46
C GLY B 128 19.94 -2.76 18.49
N LEU B 129 20.76 -3.79 18.35
CA LEU B 129 21.87 -3.97 19.27
C LEU B 129 22.85 -2.81 19.16
N GLU B 130 23.04 -2.29 17.96
CA GLU B 130 23.95 -1.16 17.83
C GLU B 130 23.44 0.03 18.62
N LYS B 131 22.14 0.23 18.66
CA LYS B 131 21.59 1.37 19.38
C LYS B 131 21.83 1.18 20.86
N LEU B 132 21.79 -0.07 21.29
CA LEU B 132 22.01 -0.34 22.69
C LEU B 132 23.48 -0.19 23.03
N GLY B 133 24.28 0.21 22.05
CA GLY B 133 25.71 0.41 22.29
C GLY B 133 26.67 -0.71 21.90
N ALA B 134 26.17 -1.71 21.18
CA ALA B 134 27.06 -2.79 20.78
C ALA B 134 27.90 -2.40 19.60
N GLU B 135 29.13 -2.92 19.61
CA GLU B 135 30.04 -2.73 18.52
C GLU B 135 29.66 -3.86 17.60
N ILE B 136 29.47 -3.53 16.33
CA ILE B 136 29.08 -4.52 15.36
C ILE B 136 30.19 -4.79 14.36
N LYS B 137 30.30 -6.04 13.97
CA LYS B 137 31.26 -6.42 12.96
C LYS B 137 30.52 -7.32 11.99
N LEU B 138 30.52 -6.89 10.73
CA LEU B 138 29.88 -7.57 9.61
C LEU B 138 30.97 -8.03 8.68
N GLU B 139 31.36 -9.29 8.81
CA GLU B 139 32.38 -9.85 7.94
C GLU B 139 32.06 -11.31 7.71
N GLU B 140 32.55 -11.82 6.58
CA GLU B 140 32.37 -13.23 6.22
C GLU B 140 30.96 -13.79 6.46
N GLY B 141 29.94 -13.04 6.06
CA GLY B 141 28.55 -13.50 6.21
C GLY B 141 28.02 -13.82 7.60
N TYR B 142 28.35 -12.99 8.60
CA TYR B 142 27.86 -13.23 9.94
C TYR B 142 28.00 -11.97 10.77
N VAL B 143 27.55 -12.00 12.02
CA VAL B 143 27.67 -10.80 12.86
C VAL B 143 28.42 -11.07 14.14
N LYS B 144 29.12 -10.05 14.61
CA LYS B 144 29.85 -10.14 15.86
C LYS B 144 29.39 -8.93 16.64
N ALA B 145 28.64 -9.14 17.71
CA ALA B 145 28.25 -8.01 18.51
C ALA B 145 29.07 -8.14 19.79
N SER B 146 29.67 -7.05 20.22
CA SER B 146 30.46 -7.07 21.43
C SER B 146 30.38 -5.70 22.09
N VAL B 147 30.53 -5.68 23.40
CA VAL B 147 30.47 -4.44 24.16
C VAL B 147 31.50 -4.45 25.29
N ASN B 148 32.07 -3.29 25.58
CA ASN B 148 33.06 -3.14 26.66
C ASN B 148 32.29 -2.65 27.89
N GLY B 149 32.03 -3.56 28.82
CA GLY B 149 31.27 -3.22 30.00
C GLY B 149 29.83 -3.60 29.71
N ARG B 150 28.89 -2.73 30.08
CA ARG B 150 27.49 -3.00 29.83
C ARG B 150 26.93 -2.22 28.63
N LEU B 151 25.81 -2.72 28.11
CA LEU B 151 25.10 -2.06 27.03
C LEU B 151 24.47 -0.89 27.77
N LYS B 152 24.07 0.15 27.04
CA LYS B 152 23.42 1.31 27.64
C LYS B 152 22.00 1.43 27.13
N GLY B 153 21.08 1.82 28.01
CA GLY B 153 19.68 1.97 27.67
C GLY B 153 19.50 3.00 26.59
N ALA B 154 18.59 2.75 25.64
CA ALA B 154 18.41 3.70 24.56
C ALA B 154 16.96 3.75 24.18
N HIS B 155 16.59 4.85 23.53
CA HIS B 155 15.23 5.06 23.08
C HIS B 155 15.23 4.61 21.62
N ILE B 156 14.56 3.50 21.35
CA ILE B 156 14.51 2.95 20.00
C ILE B 156 13.15 3.03 19.31
N VAL B 157 13.12 3.56 18.10
CA VAL B 157 11.88 3.65 17.35
C VAL B 157 11.87 2.63 16.23
N MET B 158 11.07 1.58 16.38
CA MET B 158 10.95 0.54 15.38
C MET B 158 10.16 1.08 14.21
N ASP B 159 10.74 1.00 13.02
CA ASP B 159 10.08 1.46 11.84
C ASP B 159 9.07 0.40 11.39
N LYS B 160 9.46 -0.87 11.56
CA LYS B 160 8.60 -1.99 11.22
C LYS B 160 8.28 -2.73 12.50
N VAL B 161 7.02 -3.10 12.71
CA VAL B 161 6.66 -3.83 13.93
C VAL B 161 7.25 -5.22 13.75
N SER B 162 8.25 -5.56 14.56
CA SER B 162 8.90 -6.87 14.41
C SER B 162 8.97 -7.76 15.63
N VAL B 163 8.31 -8.92 15.54
CA VAL B 163 8.31 -9.87 16.64
C VAL B 163 9.73 -10.25 17.03
N GLY B 164 10.54 -10.59 16.03
CA GLY B 164 11.90 -10.99 16.30
C GLY B 164 12.76 -9.91 16.93
N ALA B 165 12.77 -8.72 16.34
CA ALA B 165 13.60 -7.64 16.88
C ALA B 165 13.16 -7.18 18.28
N THR B 166 11.85 -7.13 18.49
CA THR B 166 11.32 -6.72 19.78
C THR B 166 11.93 -7.65 20.82
N VAL B 167 11.91 -8.96 20.54
CA VAL B 167 12.48 -9.93 21.46
C VAL B 167 13.98 -9.70 21.68
N THR B 168 14.73 -9.52 20.61
CA THR B 168 16.16 -9.30 20.73
C THR B 168 16.45 -8.05 21.52
N ILE B 169 15.85 -6.93 21.13
CA ILE B 169 16.09 -5.68 21.86
C ILE B 169 15.63 -5.75 23.33
N MET B 170 14.42 -6.25 23.55
CA MET B 170 13.88 -6.36 24.90
C MET B 170 14.73 -7.24 25.79
N SER B 171 15.18 -8.39 25.27
CA SER B 171 16.00 -9.28 26.09
C SER B 171 17.33 -8.65 26.44
N ALA B 172 18.02 -8.13 25.44
CA ALA B 172 19.32 -7.51 25.68
C ALA B 172 19.19 -6.32 26.61
N ALA B 173 18.11 -5.55 26.51
CA ALA B 173 17.98 -4.37 27.35
C ALA B 173 17.88 -4.65 28.85
N THR B 174 17.43 -5.84 29.21
CA THR B 174 17.27 -6.16 30.62
C THR B 174 18.57 -6.07 31.42
N LEU B 175 19.72 -6.12 30.76
CA LEU B 175 20.99 -6.02 31.47
C LEU B 175 21.73 -4.75 31.15
N ALA B 176 21.10 -3.84 30.40
CA ALA B 176 21.76 -2.60 30.03
C ALA B 176 21.72 -1.56 31.13
N GLU B 177 22.60 -0.58 31.06
CA GLU B 177 22.62 0.50 32.06
C GLU B 177 21.59 1.56 31.69
N GLY B 178 20.56 1.69 32.52
CA GLY B 178 19.56 2.70 32.23
C GLY B 178 18.29 2.15 31.62
N THR B 179 17.48 3.08 31.12
CA THR B 179 16.19 2.77 30.53
C THR B 179 16.19 2.62 29.01
N THR B 180 15.47 1.61 28.53
CA THR B 180 15.31 1.38 27.10
C THR B 180 13.82 1.48 26.81
N ILE B 181 13.50 2.16 25.71
CA ILE B 181 12.11 2.31 25.32
C ILE B 181 12.03 1.81 23.89
N ILE B 182 11.10 0.89 23.64
CA ILE B 182 10.89 0.37 22.32
C ILE B 182 9.52 0.82 21.81
N GLU B 183 9.50 1.76 20.86
CA GLU B 183 8.25 2.23 20.29
C GLU B 183 7.90 1.35 19.11
N ASN B 184 6.61 1.15 18.91
CA ASN B 184 6.11 0.30 17.84
C ASN B 184 6.57 -1.13 18.07
N ALA B 185 6.43 -1.59 19.31
CA ALA B 185 6.81 -2.95 19.66
C ALA B 185 5.75 -3.97 19.24
N ALA B 186 6.21 -5.18 18.91
CA ALA B 186 5.30 -6.24 18.53
C ALA B 186 4.42 -6.43 19.74
N ARG B 187 3.13 -6.68 19.53
CA ARG B 187 2.19 -6.85 20.65
C ARG B 187 1.72 -8.28 20.93
N GLU B 188 2.18 -9.24 20.13
CA GLU B 188 1.79 -10.63 20.30
C GLU B 188 1.86 -11.20 21.72
N PRO B 189 0.95 -12.13 22.04
CA PRO B 189 0.94 -12.74 23.36
C PRO B 189 2.31 -13.36 23.67
N GLU B 190 2.98 -13.89 22.65
CA GLU B 190 4.28 -14.53 22.90
C GLU B 190 5.33 -13.54 23.38
N ILE B 191 5.20 -12.27 22.99
CA ILE B 191 6.13 -11.22 23.39
C ILE B 191 5.84 -10.95 24.87
N VAL B 192 4.56 -10.90 25.17
CA VAL B 192 4.11 -10.67 26.54
C VAL B 192 4.65 -11.77 27.43
N ASP B 193 4.66 -12.99 26.91
CA ASP B 193 5.14 -14.12 27.70
C ASP B 193 6.64 -14.03 27.94
N THR B 194 7.37 -13.64 26.91
CA THR B 194 8.81 -13.51 27.05
C THR B 194 9.08 -12.41 28.06
N ALA B 195 8.37 -11.29 27.95
CA ALA B 195 8.56 -10.20 28.90
C ALA B 195 8.35 -10.73 30.32
N ASN B 196 7.24 -11.44 30.54
CA ASN B 196 6.96 -11.99 31.86
C ASN B 196 8.01 -13.01 32.33
N PHE B 197 8.61 -13.76 31.41
CA PHE B 197 9.64 -14.72 31.80
C PHE B 197 10.86 -13.93 32.33
N LEU B 198 11.23 -12.87 31.61
CA LEU B 198 12.36 -12.04 31.99
C LEU B 198 12.12 -11.43 33.35
N VAL B 199 10.91 -10.88 33.53
CA VAL B 199 10.49 -10.28 34.80
C VAL B 199 10.60 -11.33 35.93
N ALA B 200 10.15 -12.54 35.66
CA ALA B 200 10.23 -13.60 36.65
C ALA B 200 11.68 -13.81 37.09
N LEU B 201 12.65 -13.56 36.21
CA LEU B 201 14.05 -13.75 36.55
C LEU B 201 14.64 -12.51 37.23
N GLY B 202 13.82 -11.47 37.41
CA GLY B 202 14.32 -10.26 38.03
C GLY B 202 14.43 -9.03 37.12
N ALA B 203 14.01 -9.14 35.86
CA ALA B 203 14.11 -8.00 34.98
C ALA B 203 13.02 -7.00 35.30
N LYS B 204 13.16 -5.77 34.80
CA LYS B 204 12.18 -4.71 35.04
C LYS B 204 11.65 -4.33 33.68
N ILE B 205 10.46 -4.80 33.38
CA ILE B 205 9.87 -4.54 32.09
C ILE B 205 8.43 -4.17 32.31
N SER B 206 7.90 -3.29 31.47
CA SER B 206 6.50 -2.92 31.59
C SER B 206 6.02 -2.44 30.22
N GLY B 207 4.73 -2.59 29.96
CA GLY B 207 4.20 -2.16 28.67
C GLY B 207 4.10 -3.30 27.67
N GLN B 208 4.62 -4.48 28.05
CA GLN B 208 4.56 -5.60 27.15
C GLN B 208 3.11 -5.82 26.75
N GLY B 209 2.89 -5.96 25.45
CA GLY B 209 1.56 -6.14 24.94
C GLY B 209 1.00 -4.84 24.40
N THR B 210 1.73 -3.75 24.59
CA THR B 210 1.25 -2.47 24.10
C THR B 210 2.23 -1.99 23.06
N ASP B 211 1.94 -0.84 22.48
CA ASP B 211 2.80 -0.27 21.46
C ASP B 211 4.21 0.12 21.92
N ARG B 212 4.42 0.34 23.23
CA ARG B 212 5.77 0.65 23.70
C ARG B 212 6.19 -0.08 24.97
N ILE B 213 7.33 -0.75 24.87
CA ILE B 213 7.90 -1.48 25.97
C ILE B 213 8.99 -0.60 26.59
N THR B 214 9.06 -0.60 27.93
CA THR B 214 10.06 0.17 28.69
C THR B 214 10.76 -0.82 29.59
N ILE B 215 12.08 -0.84 29.49
CA ILE B 215 12.91 -1.76 30.27
C ILE B 215 13.85 -0.94 31.11
N GLU B 216 14.08 -1.40 32.33
CA GLU B 216 14.98 -0.75 33.24
C GLU B 216 16.06 -1.77 33.53
N GLY B 217 17.24 -1.56 32.95
CA GLY B 217 18.33 -2.49 33.13
C GLY B 217 18.65 -2.82 34.58
N VAL B 218 19.07 -4.06 34.83
CA VAL B 218 19.45 -4.50 36.17
C VAL B 218 20.82 -5.18 36.12
N GLU B 219 21.46 -5.30 37.28
CA GLU B 219 22.79 -5.91 37.37
C GLU B 219 22.88 -7.27 36.75
N ARG B 220 21.94 -8.13 37.10
CA ARG B 220 21.93 -9.48 36.59
C ARG B 220 20.59 -10.10 36.80
N LEU B 221 20.36 -11.22 36.12
CA LEU B 221 19.09 -11.95 36.24
C LEU B 221 19.31 -13.28 36.95
N GLY B 222 18.37 -13.66 37.80
CA GLY B 222 18.48 -14.90 38.55
C GLY B 222 18.02 -16.13 37.81
N GLY B 223 17.33 -17.01 38.51
CA GLY B 223 16.84 -18.23 37.89
C GLY B 223 15.44 -18.48 38.37
N GLY B 224 14.94 -19.70 38.16
CA GLY B 224 13.60 -20.01 38.61
C GLY B 224 12.82 -21.01 37.77
N VAL B 225 11.51 -20.85 37.83
CA VAL B 225 10.57 -21.70 37.11
C VAL B 225 9.55 -20.80 36.41
N TYR B 226 9.29 -21.10 35.15
CA TYR B 226 8.32 -20.32 34.40
C TYR B 226 7.63 -21.29 33.45
N ARG B 227 6.34 -21.08 33.24
CA ARG B 227 5.57 -21.98 32.38
C ARG B 227 5.16 -21.26 31.09
N VAL B 228 5.58 -21.79 29.96
CA VAL B 228 5.28 -21.23 28.64
C VAL B 228 3.77 -21.17 28.38
N LEU B 229 3.28 -20.05 27.83
CA LEU B 229 1.85 -19.93 27.59
C LEU B 229 1.33 -20.90 26.54
N PRO B 230 0.03 -21.24 26.63
CA PRO B 230 -0.65 -22.16 25.72
C PRO B 230 -0.59 -21.69 24.28
N ASP B 231 -0.51 -22.63 23.34
CA ASP B 231 -0.47 -22.31 21.93
C ASP B 231 -1.88 -21.87 21.50
N ARG B 232 -2.08 -20.57 21.33
CA ARG B 232 -3.37 -20.00 20.94
C ARG B 232 -3.78 -20.42 19.53
N ILE B 233 -2.81 -20.77 18.69
CA ILE B 233 -3.13 -21.20 17.32
C ILE B 233 -3.54 -22.70 17.32
N GLU B 234 -2.89 -23.51 18.15
CA GLU B 234 -3.25 -24.92 18.21
C GLU B 234 -4.68 -24.95 18.72
N THR B 235 -4.93 -24.15 19.77
CA THR B 235 -6.24 -24.04 20.39
C THR B 235 -7.31 -23.69 19.37
N GLY B 236 -7.04 -22.67 18.57
CA GLY B 236 -8.00 -22.27 17.55
C GLY B 236 -8.22 -23.35 16.52
N THR B 237 -7.17 -24.09 16.17
CA THR B 237 -7.30 -25.15 15.18
C THR B 237 -8.30 -26.18 15.71
N PHE B 238 -8.18 -26.54 16.99
CA PHE B 238 -9.08 -27.52 17.57
C PHE B 238 -10.49 -27.02 17.82
N LEU B 239 -10.66 -25.72 18.04
CA LEU B 239 -11.99 -25.22 18.23
C LEU B 239 -12.71 -25.32 16.88
N VAL B 240 -11.97 -25.06 15.81
CA VAL B 240 -12.51 -25.08 14.46
C VAL B 240 -12.84 -26.50 14.04
N ALA B 241 -12.03 -27.44 14.53
CA ALA B 241 -12.22 -28.84 14.24
C ALA B 241 -13.61 -29.29 14.70
N ALA B 242 -14.03 -28.79 15.86
CA ALA B 242 -15.33 -29.11 16.43
C ALA B 242 -16.40 -28.29 15.73
N ALA B 243 -16.06 -27.02 15.52
CA ALA B 243 -16.95 -26.07 14.90
C ALA B 243 -17.38 -26.41 13.47
N ILE B 244 -16.58 -27.18 12.75
CA ILE B 244 -16.93 -27.54 11.37
C ILE B 244 -17.40 -28.97 11.25
N SER B 245 -17.61 -29.65 12.37
CA SER B 245 -18.06 -31.05 12.33
C SER B 245 -19.26 -31.32 13.27
N GLY B 246 -19.96 -30.26 13.63
CA GLY B 246 -21.12 -30.39 14.48
C GLY B 246 -20.70 -30.87 15.84
N GLY B 247 -19.39 -30.84 16.07
CA GLY B 247 -18.82 -31.33 17.31
C GLY B 247 -18.95 -30.47 18.55
N LYS B 248 -18.40 -31.02 19.63
CA LYS B 248 -18.40 -30.39 20.94
C LYS B 248 -17.04 -30.76 21.52
N ILE B 249 -16.32 -29.76 22.02
CA ILE B 249 -14.98 -30.01 22.54
C ILE B 249 -14.60 -29.11 23.71
N VAL B 250 -13.67 -29.58 24.52
CA VAL B 250 -13.19 -28.78 25.63
C VAL B 250 -11.66 -28.73 25.52
N CYS B 251 -11.13 -27.52 25.45
CA CYS B 251 -9.70 -27.35 25.36
C CYS B 251 -9.18 -27.05 26.77
N ARG B 252 -8.33 -27.94 27.26
CA ARG B 252 -7.71 -27.84 28.58
C ARG B 252 -6.33 -27.18 28.46
N ASN B 253 -5.84 -26.65 29.58
CA ASN B 253 -4.55 -25.97 29.57
C ASN B 253 -4.55 -24.90 28.50
N ALA B 254 -5.61 -24.09 28.49
CA ALA B 254 -5.71 -23.05 27.52
C ALA B 254 -5.72 -21.66 28.15
N GLN B 255 -5.59 -20.62 27.34
CA GLN B 255 -5.62 -19.27 27.90
C GLN B 255 -6.53 -18.41 27.06
N PRO B 256 -7.84 -18.39 27.41
CA PRO B 256 -8.91 -17.66 26.76
C PRO B 256 -8.59 -16.22 26.38
N ASP B 257 -7.94 -15.46 27.25
CA ASP B 257 -7.67 -14.07 26.89
C ASP B 257 -6.70 -13.80 25.73
N THR B 258 -6.21 -14.85 25.06
CA THR B 258 -5.31 -14.64 23.91
C THR B 258 -6.08 -14.91 22.63
N LEU B 259 -7.37 -15.17 22.76
CA LEU B 259 -8.22 -15.47 21.63
C LEU B 259 -9.52 -14.69 21.54
N ASP B 260 -9.58 -13.50 22.12
CA ASP B 260 -10.83 -12.74 22.08
C ASP B 260 -11.43 -12.66 20.69
N ALA B 261 -10.62 -12.30 19.70
CA ALA B 261 -11.12 -12.20 18.34
C ALA B 261 -11.55 -13.56 17.78
N VAL B 262 -10.78 -14.59 18.02
CA VAL B 262 -11.14 -15.91 17.49
C VAL B 262 -12.42 -16.46 18.12
N LEU B 263 -12.58 -16.32 19.43
CA LEU B 263 -13.79 -16.82 20.09
C LEU B 263 -15.02 -16.05 19.62
N ALA B 264 -14.91 -14.74 19.50
CA ALA B 264 -16.01 -13.91 19.04
C ALA B 264 -16.46 -14.36 17.65
N LYS B 265 -15.49 -14.51 16.75
CA LYS B 265 -15.75 -14.94 15.38
C LYS B 265 -16.42 -16.33 15.32
N LEU B 266 -16.01 -17.24 16.20
CA LEU B 266 -16.62 -18.56 16.26
C LEU B 266 -18.08 -18.40 16.76
N ARG B 267 -18.32 -17.49 17.69
CA ARG B 267 -19.67 -17.29 18.14
C ARG B 267 -20.52 -16.81 16.98
N GLU B 268 -19.98 -15.92 16.15
CA GLU B 268 -20.70 -15.41 14.98
C GLU B 268 -21.04 -16.57 14.03
N ALA B 269 -20.19 -17.59 14.03
CA ALA B 269 -20.41 -18.79 13.23
C ALA B 269 -21.54 -19.64 13.85
N GLY B 270 -21.99 -19.24 15.03
CA GLY B 270 -23.05 -20.00 15.66
C GLY B 270 -22.56 -20.96 16.73
N ALA B 271 -21.28 -20.88 17.09
CA ALA B 271 -20.73 -21.74 18.11
C ALA B 271 -21.13 -21.27 19.50
N ASP B 272 -21.55 -22.20 20.36
CA ASP B 272 -21.94 -21.92 21.73
C ASP B 272 -20.64 -22.08 22.52
N ILE B 273 -20.14 -20.99 23.10
CA ILE B 273 -18.87 -21.05 23.81
C ILE B 273 -18.84 -20.57 25.25
N GLU B 274 -18.15 -21.31 26.10
CA GLU B 274 -18.01 -20.93 27.49
C GLU B 274 -16.54 -21.08 27.80
N THR B 275 -16.02 -20.20 28.64
CA THR B 275 -14.60 -20.27 28.99
C THR B 275 -14.40 -20.23 30.49
N GLY B 276 -13.26 -20.73 30.93
CA GLY B 276 -12.93 -20.75 32.33
C GLY B 276 -11.57 -20.11 32.46
N GLU B 277 -10.95 -20.28 33.62
CA GLU B 277 -9.63 -19.74 33.88
C GLU B 277 -8.58 -20.38 32.97
N ASP B 278 -8.66 -21.69 32.78
CA ASP B 278 -7.67 -22.41 31.96
C ASP B 278 -8.27 -23.40 30.95
N TRP B 279 -9.49 -23.15 30.51
CA TRP B 279 -10.13 -24.03 29.54
C TRP B 279 -11.11 -23.24 28.70
N ILE B 280 -11.49 -23.82 27.57
CA ILE B 280 -12.46 -23.21 26.64
C ILE B 280 -13.29 -24.36 26.12
N SER B 281 -14.60 -24.18 26.02
CA SER B 281 -15.42 -25.24 25.47
C SER B 281 -16.23 -24.68 24.30
N LEU B 282 -16.44 -25.50 23.30
CA LEU B 282 -17.22 -25.08 22.14
C LEU B 282 -18.20 -26.18 21.76
N ASP B 283 -19.45 -25.80 21.53
CA ASP B 283 -20.51 -26.75 21.16
C ASP B 283 -21.37 -26.22 20.01
N MET B 284 -21.39 -26.95 18.89
CA MET B 284 -22.19 -26.59 17.73
C MET B 284 -23.60 -27.22 17.83
N HIS B 285 -23.80 -28.09 18.81
CA HIS B 285 -25.10 -28.75 18.98
C HIS B 285 -25.51 -29.42 17.68
N GLY B 286 -24.58 -30.13 17.06
CA GLY B 286 -24.87 -30.84 15.83
C GLY B 286 -25.21 -29.99 14.61
N LYS B 287 -24.97 -28.69 14.70
CA LYS B 287 -25.28 -27.78 13.59
C LYS B 287 -24.12 -27.41 12.70
N ARG B 288 -24.44 -27.07 11.46
CA ARG B 288 -23.41 -26.66 10.52
C ARG B 288 -23.07 -25.26 10.93
N PRO B 289 -21.83 -24.84 10.66
CA PRO B 289 -21.46 -23.46 11.04
C PRO B 289 -22.11 -22.48 10.06
N LYS B 290 -22.38 -21.26 10.52
CA LYS B 290 -22.95 -20.22 9.66
C LYS B 290 -21.79 -19.40 9.13
N ALA B 291 -21.80 -19.07 7.85
CA ALA B 291 -20.70 -18.31 7.25
C ALA B 291 -20.40 -17.02 7.97
N VAL B 292 -19.11 -16.71 8.09
CA VAL B 292 -18.67 -15.49 8.76
C VAL B 292 -17.81 -14.61 7.85
N THR B 293 -17.73 -13.32 8.19
CA THR B 293 -16.90 -12.36 7.48
C THR B 293 -15.66 -12.18 8.35
N VAL B 294 -14.47 -12.37 7.77
CA VAL B 294 -13.24 -12.25 8.54
C VAL B 294 -12.28 -11.24 7.94
N ARG B 295 -11.58 -10.49 8.79
CA ARG B 295 -10.58 -9.51 8.37
C ARG B 295 -9.32 -9.68 9.26
N THR B 296 -8.29 -10.34 8.74
CA THR B 296 -7.08 -10.55 9.52
C THR B 296 -6.43 -9.20 9.75
N ALA B 297 -5.87 -9.02 10.94
CA ALA B 297 -5.19 -7.77 11.28
C ALA B 297 -4.24 -8.04 12.44
N PRO B 298 -3.46 -7.03 12.86
CA PRO B 298 -2.50 -7.20 13.96
C PRO B 298 -3.17 -7.50 15.29
N HIS B 299 -2.53 -8.37 16.07
CA HIS B 299 -3.05 -8.73 17.37
C HIS B 299 -3.32 -7.41 18.07
N PRO B 300 -4.38 -7.34 18.90
CA PRO B 300 -5.37 -8.36 19.27
C PRO B 300 -6.54 -8.63 18.29
N ALA B 301 -6.43 -8.18 17.05
CA ALA B 301 -7.47 -8.42 16.05
C ALA B 301 -7.38 -9.88 15.61
N PHE B 302 -8.26 -10.32 14.73
CA PHE B 302 -8.23 -11.70 14.24
C PHE B 302 -6.85 -12.04 13.64
N PRO B 303 -6.20 -13.11 14.13
CA PRO B 303 -4.89 -13.56 13.69
C PRO B 303 -4.82 -14.21 12.32
N THR B 304 -3.82 -13.77 11.55
CA THR B 304 -3.62 -14.29 10.23
C THR B 304 -3.34 -15.81 10.27
N ASP B 305 -2.74 -16.27 11.36
CA ASP B 305 -2.43 -17.70 11.50
C ASP B 305 -3.63 -18.60 11.68
N MET B 306 -4.81 -17.99 11.82
CA MET B 306 -6.04 -18.76 11.99
C MET B 306 -6.83 -18.63 10.70
N GLN B 307 -6.29 -17.84 9.78
CA GLN B 307 -6.97 -17.60 8.53
C GLN B 307 -7.27 -18.84 7.69
N ALA B 308 -6.29 -19.72 7.47
CA ALA B 308 -6.53 -20.90 6.66
C ALA B 308 -7.69 -21.72 7.21
N GLN B 309 -7.69 -21.91 8.53
CA GLN B 309 -8.73 -22.68 9.21
C GLN B 309 -10.11 -22.07 9.09
N PHE B 310 -10.20 -20.75 9.19
CA PHE B 310 -11.52 -20.15 9.06
C PHE B 310 -11.99 -20.13 7.62
N THR B 311 -11.05 -20.27 6.68
CA THR B 311 -11.43 -20.35 5.29
C THR B 311 -12.14 -21.69 5.17
N LEU B 312 -11.54 -22.74 5.73
CA LEU B 312 -12.16 -24.05 5.68
C LEU B 312 -13.55 -24.00 6.33
N LEU B 313 -13.67 -23.35 7.49
CA LEU B 313 -14.96 -23.26 8.15
C LEU B 313 -16.01 -22.65 7.21
N ASN B 314 -15.69 -21.54 6.55
CA ASN B 314 -16.68 -20.92 5.64
C ASN B 314 -17.05 -21.84 4.46
N LEU B 315 -16.07 -22.57 3.91
CA LEU B 315 -16.29 -23.43 2.75
C LEU B 315 -17.24 -24.60 3.00
N VAL B 316 -17.45 -24.91 4.27
CA VAL B 316 -18.38 -25.99 4.64
C VAL B 316 -19.51 -25.37 5.45
N ALA B 317 -19.53 -24.04 5.53
CA ALA B 317 -20.57 -23.37 6.27
C ALA B 317 -21.83 -23.18 5.45
N GLU B 318 -22.82 -22.59 6.09
CA GLU B 318 -24.10 -22.29 5.50
C GLU B 318 -24.00 -20.86 5.02
N GLY B 319 -23.99 -20.66 3.70
CA GLY B 319 -23.92 -19.32 3.17
C GLY B 319 -22.61 -18.88 2.55
N THR B 320 -22.48 -17.59 2.30
CA THR B 320 -21.26 -17.04 1.71
C THR B 320 -20.54 -16.14 2.70
N GLY B 321 -19.21 -16.19 2.69
CA GLY B 321 -18.45 -15.36 3.58
C GLY B 321 -17.14 -15.03 2.92
N VAL B 322 -16.67 -13.80 3.10
CA VAL B 322 -15.42 -13.40 2.49
C VAL B 322 -14.34 -13.23 3.53
N ILE B 323 -13.15 -13.76 3.26
CA ILE B 323 -12.04 -13.61 4.18
C ILE B 323 -11.04 -12.63 3.56
N THR B 324 -10.95 -11.44 4.12
CA THR B 324 -10.02 -10.45 3.60
C THR B 324 -8.75 -10.56 4.43
N GLU B 325 -7.61 -10.39 3.77
CA GLU B 325 -6.33 -10.45 4.44
C GLU B 325 -5.70 -9.09 4.34
N THR B 326 -5.70 -8.32 5.42
CA THR B 326 -5.11 -6.99 5.39
C THR B 326 -3.60 -7.10 5.63
N ILE B 327 -3.20 -8.25 6.19
CA ILE B 327 -1.80 -8.56 6.50
C ILE B 327 -1.09 -9.16 5.28
N PHE B 328 -0.59 -10.39 5.44
CA PHE B 328 0.11 -11.12 4.37
C PHE B 328 -0.64 -10.99 3.04
N GLU B 329 -0.08 -10.28 2.08
CA GLU B 329 -0.75 -10.15 0.80
C GLU B 329 -1.26 -11.54 0.36
N ASN B 330 -0.31 -12.42 0.01
CA ASN B 330 -0.57 -13.81 -0.44
C ASN B 330 -0.68 -14.72 0.77
N ARG B 331 -1.61 -15.68 0.72
CA ARG B 331 -1.82 -16.58 1.85
C ARG B 331 -3.01 -17.52 1.65
N PHE B 332 -3.47 -17.70 0.42
CA PHE B 332 -4.59 -18.60 0.18
C PHE B 332 -4.18 -19.81 -0.66
N MET B 333 -2.92 -20.20 -0.58
CA MET B 333 -2.47 -21.34 -1.38
C MET B 333 -3.22 -22.61 -1.07
N HIS B 334 -3.97 -22.63 0.02
CA HIS B 334 -4.72 -23.82 0.35
C HIS B 334 -6.02 -23.89 -0.43
N VAL B 335 -6.61 -22.74 -0.77
CA VAL B 335 -7.88 -22.74 -1.48
C VAL B 335 -7.96 -23.75 -2.66
N PRO B 336 -7.03 -23.68 -3.62
CA PRO B 336 -7.08 -24.61 -4.74
C PRO B 336 -7.17 -26.06 -4.28
N GLU B 337 -6.42 -26.38 -3.24
CA GLU B 337 -6.43 -27.71 -2.66
C GLU B 337 -7.81 -28.02 -2.10
N LEU B 338 -8.47 -27.03 -1.52
CA LEU B 338 -9.80 -27.26 -1.00
C LEU B 338 -10.80 -27.37 -2.15
N ILE B 339 -10.57 -26.62 -3.22
CA ILE B 339 -11.49 -26.67 -4.36
C ILE B 339 -11.52 -28.09 -4.94
N ARG B 340 -10.35 -28.70 -5.02
CA ARG B 340 -10.21 -30.05 -5.54
C ARG B 340 -11.04 -31.03 -4.70
N MET B 341 -11.24 -30.65 -3.44
CA MET B 341 -12.02 -31.47 -2.52
C MET B 341 -13.48 -31.11 -2.66
N GLY B 342 -13.78 -30.22 -3.60
CA GLY B 342 -15.16 -29.86 -3.85
C GLY B 342 -15.69 -28.54 -3.32
N ALA B 343 -14.81 -27.69 -2.82
CA ALA B 343 -15.23 -26.39 -2.29
C ALA B 343 -15.49 -25.34 -3.37
N HIS B 344 -16.40 -24.42 -3.10
CA HIS B 344 -16.70 -23.37 -4.07
C HIS B 344 -16.18 -22.05 -3.55
N ALA B 345 -15.14 -21.53 -4.18
CA ALA B 345 -14.57 -20.27 -3.73
C ALA B 345 -13.92 -19.47 -4.85
N GLU B 346 -13.81 -18.17 -4.65
CA GLU B 346 -13.14 -17.31 -5.63
C GLU B 346 -12.13 -16.44 -4.91
N ILE B 347 -10.95 -16.31 -5.49
CA ILE B 347 -9.95 -15.45 -4.91
C ILE B 347 -10.06 -14.14 -5.68
N GLU B 348 -10.17 -13.03 -4.95
CA GLU B 348 -10.31 -11.70 -5.53
C GLU B 348 -9.35 -10.76 -4.79
N SER B 349 -8.08 -10.72 -5.19
CA SER B 349 -7.07 -9.88 -4.54
C SER B 349 -6.62 -10.49 -3.22
N ASN B 350 -6.66 -9.68 -2.17
CA ASN B 350 -6.28 -10.14 -0.84
C ASN B 350 -7.54 -10.71 -0.19
N THR B 351 -8.41 -11.29 -1.02
CA THR B 351 -9.67 -11.81 -0.53
C THR B 351 -10.08 -13.16 -1.11
N VAL B 352 -10.86 -13.93 -0.37
CA VAL B 352 -11.37 -15.19 -0.88
C VAL B 352 -12.85 -15.25 -0.55
N ILE B 353 -13.67 -15.25 -1.59
CA ILE B 353 -15.12 -15.33 -1.41
C ILE B 353 -15.48 -16.80 -1.27
N CYS B 354 -16.04 -17.17 -0.12
CA CYS B 354 -16.40 -18.55 0.16
C CYS B 354 -17.89 -18.86 0.06
N HIS B 355 -18.20 -19.97 -0.61
CA HIS B 355 -19.60 -20.40 -0.76
C HIS B 355 -19.67 -21.79 -0.16
N GLY B 356 -20.18 -21.85 1.06
CA GLY B 356 -20.27 -23.11 1.75
C GLY B 356 -21.07 -24.20 1.05
N VAL B 357 -20.52 -25.41 1.10
CA VAL B 357 -21.18 -26.59 0.54
C VAL B 357 -21.54 -27.47 1.73
N GLU B 358 -22.37 -28.48 1.51
CA GLU B 358 -22.76 -29.38 2.59
C GLU B 358 -21.74 -30.49 2.90
N LYS B 359 -21.06 -30.98 1.86
CA LYS B 359 -20.08 -32.06 2.02
C LYS B 359 -18.90 -31.93 1.03
N LEU B 360 -17.69 -32.07 1.56
CA LEU B 360 -16.47 -32.01 0.75
C LEU B 360 -16.11 -33.44 0.34
N SER B 361 -15.26 -33.59 -0.66
CA SER B 361 -14.85 -34.92 -1.13
C SER B 361 -13.38 -35.21 -0.88
N GLY B 362 -13.09 -36.45 -0.48
CA GLY B 362 -11.71 -36.82 -0.24
C GLY B 362 -10.87 -36.62 -1.50
N ALA B 363 -9.60 -36.29 -1.32
CA ALA B 363 -8.72 -36.09 -2.47
C ALA B 363 -7.28 -36.05 -1.99
N GLN B 364 -6.36 -36.01 -2.94
CA GLN B 364 -4.95 -35.94 -2.61
C GLN B 364 -4.54 -34.49 -2.62
N VAL B 365 -4.14 -34.02 -1.45
CA VAL B 365 -3.79 -32.64 -1.25
C VAL B 365 -2.48 -32.43 -0.48
N MET B 366 -1.93 -31.24 -0.65
CA MET B 366 -0.68 -30.91 -0.01
C MET B 366 -0.61 -29.41 0.10
N ALA B 367 0.04 -28.92 1.15
CA ALA B 367 0.21 -27.48 1.37
C ALA B 367 1.51 -27.27 2.13
N THR B 368 2.31 -26.28 1.74
CA THR B 368 3.57 -26.03 2.40
C THR B 368 3.41 -25.26 3.72
N ASP B 369 2.46 -24.33 3.76
CA ASP B 369 2.20 -23.56 4.97
C ASP B 369 1.70 -24.49 6.06
N LEU B 370 2.29 -24.31 7.24
CA LEU B 370 1.95 -25.07 8.43
C LEU B 370 0.42 -25.11 8.71
N ARG B 371 -0.18 -23.92 8.87
CA ARG B 371 -1.60 -23.81 9.17
C ARG B 371 -2.48 -24.31 8.03
N ALA B 372 -2.08 -24.00 6.80
CA ALA B 372 -2.86 -24.41 5.67
C ALA B 372 -2.89 -25.93 5.68
N SER B 373 -1.73 -26.52 5.96
CA SER B 373 -1.63 -27.96 5.97
C SER B 373 -2.52 -28.61 7.04
N ALA B 374 -2.53 -28.01 8.24
CA ALA B 374 -3.37 -28.55 9.30
C ALA B 374 -4.85 -28.44 8.91
N SER B 375 -5.19 -27.42 8.12
CA SER B 375 -6.57 -27.25 7.68
C SER B 375 -6.98 -28.41 6.77
N LEU B 376 -6.05 -28.81 5.89
CA LEU B 376 -6.31 -29.92 4.96
C LEU B 376 -6.60 -31.19 5.75
N VAL B 377 -5.82 -31.42 6.80
CA VAL B 377 -6.05 -32.58 7.64
C VAL B 377 -7.45 -32.47 8.26
N LEU B 378 -7.89 -31.26 8.61
CA LEU B 378 -9.23 -31.11 9.19
C LEU B 378 -10.25 -31.36 8.09
N ALA B 379 -10.00 -30.81 6.92
CA ALA B 379 -10.91 -31.00 5.78
C ALA B 379 -11.10 -32.48 5.50
N GLY B 380 -10.00 -33.21 5.55
CA GLY B 380 -10.06 -34.65 5.31
C GLY B 380 -10.91 -35.35 6.33
N CYS B 381 -10.94 -34.84 7.56
CA CYS B 381 -11.73 -35.46 8.63
C CYS B 381 -13.23 -35.37 8.43
N ILE B 382 -13.69 -34.34 7.74
CA ILE B 382 -15.12 -34.15 7.52
C ILE B 382 -15.53 -34.44 6.08
N ALA B 383 -14.55 -34.80 5.25
CA ALA B 383 -14.82 -35.08 3.85
C ALA B 383 -15.33 -36.48 3.66
N GLU B 384 -15.99 -36.68 2.52
CA GLU B 384 -16.54 -37.96 2.19
C GLU B 384 -15.44 -38.82 1.58
N GLY B 385 -15.13 -39.93 2.24
CA GLY B 385 -14.11 -40.82 1.72
C GLY B 385 -12.72 -40.70 2.33
N THR B 386 -11.72 -40.92 1.48
CA THR B 386 -10.34 -40.89 1.88
C THR B 386 -9.62 -39.65 1.41
N THR B 387 -8.84 -39.05 2.30
CA THR B 387 -8.05 -37.87 1.97
C THR B 387 -6.60 -38.18 2.31
N VAL B 388 -5.68 -37.77 1.44
CA VAL B 388 -4.26 -37.97 1.68
C VAL B 388 -3.52 -36.65 1.62
N VAL B 389 -3.07 -36.18 2.77
CA VAL B 389 -2.34 -34.93 2.86
C VAL B 389 -0.86 -35.31 2.84
N ASP B 390 -0.14 -34.79 1.85
CA ASP B 390 1.27 -35.10 1.73
C ASP B 390 2.11 -34.00 2.38
N ARG B 391 3.40 -34.27 2.58
CA ARG B 391 4.32 -33.31 3.19
C ARG B 391 3.80 -32.78 4.52
N ILE B 392 3.48 -33.71 5.42
CA ILE B 392 2.97 -33.33 6.72
C ILE B 392 4.07 -32.97 7.69
N TYR B 393 5.32 -32.99 7.25
CA TYR B 393 6.39 -32.62 8.15
C TYR B 393 6.23 -31.13 8.47
N HIS B 394 5.59 -30.38 7.58
CA HIS B 394 5.37 -28.97 7.87
C HIS B 394 4.55 -28.87 9.16
N ILE B 395 3.58 -29.77 9.32
CA ILE B 395 2.72 -29.82 10.49
C ILE B 395 3.49 -30.34 11.71
N ASP B 396 4.34 -31.33 11.49
CA ASP B 396 5.10 -31.89 12.59
C ASP B 396 6.02 -30.89 13.29
N ARG B 397 6.39 -29.82 12.58
CA ARG B 397 7.26 -28.83 13.18
C ARG B 397 6.53 -27.86 14.07
N GLY B 398 5.27 -27.60 13.75
CA GLY B 398 4.51 -26.65 14.55
C GLY B 398 3.42 -27.22 15.44
N TYR B 399 3.13 -28.52 15.31
CA TYR B 399 2.11 -29.18 16.14
C TYR B 399 2.65 -30.41 16.85
N GLU B 400 2.40 -30.48 18.15
CA GLU B 400 2.85 -31.60 18.94
C GLU B 400 1.85 -32.75 18.90
N ARG B 401 2.22 -33.83 18.21
CA ARG B 401 1.37 -35.01 18.09
C ARG B 401 -0.05 -34.67 17.65
N ILE B 402 -0.21 -34.01 16.49
CA ILE B 402 -1.54 -33.68 16.05
C ILE B 402 -2.38 -34.94 15.75
N GLU B 403 -1.78 -35.95 15.14
CA GLU B 403 -2.50 -37.17 14.81
C GLU B 403 -3.07 -37.85 16.08
N ASP B 404 -2.36 -37.76 17.20
CA ASP B 404 -2.80 -38.39 18.45
C ASP B 404 -3.94 -37.66 19.11
N LYS B 405 -3.97 -36.34 18.95
CA LYS B 405 -5.02 -35.51 19.53
C LYS B 405 -6.27 -35.57 18.67
N LEU B 406 -6.12 -35.65 17.35
CA LEU B 406 -7.28 -35.74 16.46
C LEU B 406 -8.01 -37.09 16.66
N ARG B 407 -7.22 -38.16 16.70
CA ARG B 407 -7.75 -39.51 16.90
C ARG B 407 -8.56 -39.55 18.18
N ALA B 408 -8.08 -38.87 19.21
CA ALA B 408 -8.78 -38.85 20.50
C ALA B 408 -10.11 -38.11 20.39
N LEU B 409 -10.26 -37.28 19.36
CA LEU B 409 -11.49 -36.54 19.18
C LEU B 409 -12.40 -37.33 18.22
N GLY B 410 -11.93 -38.52 17.84
CA GLY B 410 -12.71 -39.39 16.98
C GLY B 410 -12.27 -39.52 15.54
N ALA B 411 -11.23 -38.82 15.14
CA ALA B 411 -10.79 -38.87 13.75
C ALA B 411 -10.20 -40.21 13.37
N ASN B 412 -10.38 -40.57 12.10
CA ASN B 412 -9.83 -41.80 11.57
C ASN B 412 -8.63 -41.34 10.75
N ILE B 413 -7.46 -41.41 11.35
CA ILE B 413 -6.23 -40.95 10.70
C ILE B 413 -5.01 -41.86 10.97
N GLU B 414 -4.11 -41.97 10.01
CA GLU B 414 -2.92 -42.78 10.22
C GLU B 414 -1.81 -42.19 9.40
N ARG B 415 -0.59 -42.24 9.94
CA ARG B 415 0.58 -41.69 9.27
C ARG B 415 1.18 -42.73 8.34
N VAL B 416 1.61 -42.33 7.15
CA VAL B 416 2.19 -43.30 6.21
C VAL B 416 3.50 -42.86 5.56
N LYS B 417 4.39 -43.80 5.31
CA LYS B 417 5.69 -43.49 4.70
C LYS B 417 5.67 -43.63 3.19
N GLY B 418 6.86 -43.79 2.60
CA GLY B 418 6.97 -43.94 1.15
C GLY B 418 6.42 -42.81 0.31
N GLU B 419 7.19 -41.73 0.19
CA GLU B 419 6.84 -40.54 -0.61
C GLU B 419 5.36 -40.18 -0.74
N MET C 1 -13.70 -33.14 -19.36
CA MET C 1 -12.75 -32.07 -18.96
C MET C 1 -11.39 -32.28 -19.61
N ASP C 2 -11.21 -31.71 -20.80
CA ASP C 2 -9.94 -31.86 -21.49
C ASP C 2 -8.77 -31.53 -20.62
N LYS C 3 -7.62 -32.10 -20.97
CA LYS C 3 -6.38 -31.88 -20.26
C LYS C 3 -5.19 -32.29 -21.10
N PHE C 4 -4.01 -31.83 -20.73
CA PHE C 4 -2.82 -32.14 -21.48
C PHE C 4 -1.90 -33.08 -20.73
N ARG C 5 -1.48 -34.16 -21.40
CA ARG C 5 -0.53 -35.07 -20.77
C ARG C 5 0.76 -34.75 -21.53
N VAL C 6 1.82 -34.49 -20.77
CA VAL C 6 3.10 -34.14 -21.35
C VAL C 6 4.21 -35.11 -20.91
N GLN C 7 5.10 -35.45 -21.81
CA GLN C 7 6.21 -36.31 -21.45
C GLN C 7 7.46 -35.46 -21.62
N GLY C 8 8.27 -35.34 -20.56
CA GLY C 8 9.48 -34.55 -20.64
C GLY C 8 10.66 -35.38 -20.19
N PRO C 9 11.89 -34.86 -20.27
CA PRO C 9 12.21 -33.52 -20.75
C PRO C 9 12.50 -33.49 -22.25
N THR C 10 12.20 -32.36 -22.86
CA THR C 10 12.44 -32.20 -24.27
C THR C 10 12.99 -30.81 -24.52
N ARG C 11 13.90 -30.68 -25.46
CA ARG C 11 14.42 -29.36 -25.78
C ARG C 11 13.49 -28.76 -26.80
N LEU C 12 12.80 -27.67 -26.44
CA LEU C 12 11.88 -27.02 -27.35
C LEU C 12 12.67 -26.15 -28.27
N GLN C 13 12.61 -26.46 -29.56
CA GLN C 13 13.33 -25.68 -30.56
C GLN C 13 12.68 -25.74 -31.92
N GLY C 14 12.95 -24.71 -32.73
CA GLY C 14 12.39 -24.64 -34.07
C GLY C 14 11.82 -23.26 -34.32
N GLU C 15 10.60 -23.22 -34.86
CA GLU C 15 9.92 -21.97 -35.15
C GLU C 15 8.44 -22.04 -34.72
N VAL C 16 7.83 -20.88 -34.51
CA VAL C 16 6.45 -20.79 -34.13
C VAL C 16 5.92 -19.52 -34.74
N THR C 17 4.70 -19.56 -35.25
CA THR C 17 4.11 -18.36 -35.83
C THR C 17 3.11 -17.83 -34.82
N ILE C 18 3.38 -16.62 -34.34
CA ILE C 18 2.57 -15.92 -33.37
C ILE C 18 1.22 -15.47 -33.96
N SER C 19 0.12 -15.75 -33.25
CA SER C 19 -1.19 -15.34 -33.74
C SER C 19 -1.48 -13.90 -33.34
N GLY C 20 -2.58 -13.36 -33.87
CA GLY C 20 -2.98 -12.02 -33.48
C GLY C 20 -3.44 -12.05 -32.02
N ALA C 21 -3.24 -10.96 -31.31
CA ALA C 21 -3.67 -10.87 -29.93
C ALA C 21 -5.17 -10.74 -29.84
N LYS C 22 -5.83 -11.68 -29.17
CA LYS C 22 -7.28 -11.62 -29.01
C LYS C 22 -7.60 -10.35 -28.19
N ASN C 23 -6.65 -9.94 -27.38
CA ASN C 23 -6.84 -8.76 -26.57
C ASN C 23 -6.93 -7.49 -27.44
N ALA C 24 -6.51 -7.56 -28.69
CA ALA C 24 -6.62 -6.38 -29.53
C ALA C 24 -7.76 -6.65 -30.50
N ALA C 25 -7.91 -7.92 -30.90
CA ALA C 25 -9.00 -8.27 -31.80
C ALA C 25 -10.35 -7.94 -31.17
N LEU C 26 -10.57 -8.31 -29.91
CA LEU C 26 -11.86 -8.03 -29.28
C LEU C 26 -12.23 -6.55 -29.29
N PRO C 27 -11.41 -5.68 -28.69
CA PRO C 27 -11.79 -4.26 -28.73
C PRO C 27 -11.97 -3.68 -30.13
N ILE C 28 -11.22 -4.20 -31.10
CA ILE C 28 -11.31 -3.72 -32.48
C ILE C 28 -12.62 -4.19 -33.11
N LEU C 29 -12.97 -5.45 -32.91
CA LEU C 29 -14.20 -6.01 -33.46
C LEU C 29 -15.39 -5.18 -33.02
N PHE C 30 -15.47 -4.83 -31.74
CA PHE C 30 -16.60 -4.02 -31.28
C PHE C 30 -16.51 -2.61 -31.82
N ALA C 31 -15.28 -2.12 -31.93
CA ALA C 31 -15.07 -0.79 -32.50
C ALA C 31 -15.63 -0.79 -33.93
N ALA C 32 -15.52 -1.93 -34.63
CA ALA C 32 -16.03 -2.02 -35.99
C ALA C 32 -17.52 -1.61 -36.12
N LEU C 33 -18.27 -1.65 -35.01
CA LEU C 33 -19.67 -1.26 -34.99
C LEU C 33 -19.84 0.19 -35.47
N LEU C 34 -18.78 0.98 -35.35
CA LEU C 34 -18.80 2.35 -35.79
C LEU C 34 -18.60 2.50 -37.30
N ALA C 35 -18.04 1.47 -37.93
CA ALA C 35 -17.76 1.51 -39.37
C ALA C 35 -18.99 1.50 -40.26
N GLU C 36 -19.12 2.52 -41.11
CA GLU C 36 -20.26 2.60 -42.03
C GLU C 36 -20.10 1.77 -43.30
N GLU C 37 -18.86 1.49 -43.68
CA GLU C 37 -18.57 0.68 -44.85
C GLU C 37 -17.85 -0.57 -44.38
N PRO C 38 -17.79 -1.60 -45.23
CA PRO C 38 -17.13 -2.87 -44.88
C PRO C 38 -15.70 -2.80 -44.42
N VAL C 39 -15.41 -3.61 -43.41
CA VAL C 39 -14.11 -3.69 -42.83
C VAL C 39 -13.57 -5.11 -42.81
N GLU C 40 -12.29 -5.26 -43.12
CA GLU C 40 -11.66 -6.56 -43.09
C GLU C 40 -10.61 -6.46 -42.00
N ILE C 41 -10.81 -7.23 -40.93
CA ILE C 41 -9.87 -7.24 -39.83
C ILE C 41 -9.04 -8.51 -39.95
N GLN C 42 -7.79 -8.35 -40.32
CA GLN C 42 -6.88 -9.47 -40.53
C GLN C 42 -6.09 -9.89 -39.32
N ASN C 43 -5.67 -11.16 -39.32
CA ASN C 43 -4.86 -11.72 -38.25
C ASN C 43 -5.66 -11.84 -36.95
N VAL C 44 -6.84 -12.47 -37.04
CA VAL C 44 -7.73 -12.70 -35.89
C VAL C 44 -7.67 -14.15 -35.48
N PRO C 45 -7.26 -14.43 -34.23
CA PRO C 45 -7.19 -15.83 -33.84
C PRO C 45 -8.57 -16.45 -33.80
N LYS C 46 -8.59 -17.78 -33.82
CA LYS C 46 -9.84 -18.50 -33.75
C LYS C 46 -9.96 -18.95 -32.34
N LEU C 47 -10.65 -18.16 -31.54
CA LEU C 47 -10.86 -18.46 -30.14
C LEU C 47 -12.33 -18.26 -29.77
N LYS C 48 -12.74 -18.91 -28.69
CA LYS C 48 -14.10 -18.83 -28.17
C LYS C 48 -14.66 -17.39 -28.18
N ASP C 49 -14.03 -16.46 -27.45
CA ASP C 49 -14.54 -15.10 -27.40
C ASP C 49 -14.71 -14.44 -28.79
N ILE C 50 -13.95 -14.91 -29.78
CA ILE C 50 -14.08 -14.36 -31.11
C ILE C 50 -15.41 -14.84 -31.66
N ASP C 51 -15.73 -16.12 -31.46
CA ASP C 51 -17.01 -16.63 -31.95
C ASP C 51 -18.14 -15.90 -31.25
N THR C 52 -18.09 -15.84 -29.93
CA THR C 52 -19.15 -15.16 -29.22
C THR C 52 -19.34 -13.76 -29.81
N THR C 53 -18.24 -13.04 -30.00
CA THR C 53 -18.29 -11.68 -30.54
C THR C 53 -18.96 -11.68 -31.90
N MET C 54 -18.58 -12.58 -32.78
CA MET C 54 -19.22 -12.67 -34.09
C MET C 54 -20.73 -12.90 -34.00
N LYS C 55 -21.16 -13.77 -33.07
CA LYS C 55 -22.58 -14.05 -32.88
C LYS C 55 -23.29 -12.83 -32.32
N LEU C 56 -22.64 -12.11 -31.41
CA LEU C 56 -23.25 -10.94 -30.80
C LEU C 56 -23.43 -9.87 -31.84
N LEU C 57 -22.39 -9.63 -32.64
CA LEU C 57 -22.48 -8.64 -33.69
C LEU C 57 -23.60 -9.00 -34.64
N THR C 58 -23.62 -10.22 -35.13
CA THR C 58 -24.68 -10.63 -36.03
C THR C 58 -26.07 -10.37 -35.46
N GLN C 59 -26.23 -10.74 -34.19
CA GLN C 59 -27.48 -10.56 -33.47
C GLN C 59 -27.93 -9.07 -33.50
N LEU C 60 -26.96 -8.16 -33.62
CA LEU C 60 -27.22 -6.72 -33.66
C LEU C 60 -27.51 -6.24 -35.07
N GLY C 61 -27.45 -7.16 -36.03
CA GLY C 61 -27.75 -6.79 -37.40
C GLY C 61 -26.52 -6.53 -38.27
N THR C 62 -25.34 -6.86 -37.77
CA THR C 62 -24.16 -6.66 -38.56
C THR C 62 -23.86 -7.93 -39.33
N LYS C 63 -23.39 -7.80 -40.56
CA LYS C 63 -23.07 -8.97 -41.37
C LYS C 63 -21.63 -9.39 -41.10
N VAL C 64 -21.47 -10.60 -40.56
CA VAL C 64 -20.16 -11.13 -40.20
C VAL C 64 -19.80 -12.44 -40.91
N GLU C 65 -18.56 -12.57 -41.33
CA GLU C 65 -18.08 -13.82 -41.92
C GLU C 65 -16.59 -13.87 -41.76
N ARG C 66 -16.05 -15.04 -41.39
CA ARG C 66 -14.62 -15.21 -41.18
C ARG C 66 -14.05 -16.44 -41.86
N IAS C 67 -12.75 -16.62 -41.69
CA IAS C 67 -12.02 -17.75 -42.27
C IAS C 67 -11.87 -19.00 -41.43
O IAS C 67 -12.26 -18.96 -40.22
CB IAS C 67 -10.70 -17.30 -42.89
CG IAS C 67 -9.72 -16.79 -41.85
OD1 IAS C 67 -9.99 -16.91 -40.65
OXT IAS C 67 -11.35 -19.98 -41.97
N GLY C 68 -8.60 -16.22 -42.28
CA GLY C 68 -7.63 -15.68 -41.35
C GLY C 68 -8.04 -14.32 -40.81
N SER C 69 -9.08 -13.76 -41.42
CA SER C 69 -9.58 -12.47 -40.99
C SER C 69 -11.09 -12.53 -40.81
N VAL C 70 -11.64 -11.49 -40.21
CA VAL C 70 -13.08 -11.43 -40.00
C VAL C 70 -13.57 -10.28 -40.87
N TRP C 71 -14.50 -10.54 -41.78
CA TRP C 71 -15.03 -9.47 -42.63
C TRP C 71 -16.32 -8.96 -41.98
N ILE C 72 -16.34 -7.66 -41.67
CA ILE C 72 -17.48 -7.02 -41.00
C ILE C 72 -18.18 -5.97 -41.84
N ASP C 73 -19.52 -5.97 -41.82
CA ASP C 73 -20.31 -4.95 -42.51
C ASP C 73 -21.34 -4.48 -41.49
N ALA C 74 -21.09 -3.33 -40.88
CA ALA C 74 -21.99 -2.80 -39.88
C ALA C 74 -22.87 -1.70 -40.46
N SER C 75 -22.87 -1.60 -41.76
CA SER C 75 -23.68 -0.60 -42.43
C SER C 75 -25.14 -0.68 -42.02
N ASN C 76 -25.61 -1.87 -41.68
CA ASN C 76 -27.01 -2.04 -41.35
C ASN C 76 -27.37 -2.47 -39.94
N VAL C 77 -26.57 -2.08 -38.96
CA VAL C 77 -26.88 -2.43 -37.60
C VAL C 77 -28.26 -1.86 -37.33
N ASN C 78 -29.18 -2.70 -36.87
CA ASN C 78 -30.53 -2.27 -36.64
C ASN C 78 -31.16 -2.81 -35.38
N ASN C 79 -30.37 -3.40 -34.51
CA ASN C 79 -30.88 -3.88 -33.23
C ASN C 79 -29.80 -3.44 -32.23
N PHE C 80 -30.18 -2.68 -31.20
CA PHE C 80 -29.20 -2.16 -30.26
C PHE C 80 -29.17 -2.79 -28.88
N SER C 81 -29.64 -4.02 -28.76
CA SER C 81 -29.67 -4.65 -27.46
C SER C 81 -28.85 -5.92 -27.49
N ALA C 82 -27.79 -5.97 -26.70
CA ALA C 82 -26.95 -7.17 -26.64
C ALA C 82 -27.62 -8.14 -25.68
N PRO C 83 -28.24 -9.19 -26.22
CA PRO C 83 -28.94 -10.23 -25.44
C PRO C 83 -28.12 -10.81 -24.30
N TYR C 84 -28.79 -11.04 -23.16
CA TYR C 84 -28.14 -11.59 -21.99
C TYR C 84 -27.45 -12.92 -22.20
N ASP C 85 -28.06 -13.78 -23.00
CA ASP C 85 -27.49 -15.10 -23.25
C ASP C 85 -26.33 -15.14 -24.24
N LEU C 86 -25.81 -13.97 -24.59
CA LEU C 86 -24.67 -13.87 -25.50
C LEU C 86 -23.59 -13.03 -24.77
N VAL C 87 -24.04 -12.18 -23.85
CA VAL C 87 -23.17 -11.31 -23.08
C VAL C 87 -22.57 -11.96 -21.83
N LYS C 88 -23.38 -12.74 -21.12
CA LYS C 88 -22.95 -13.39 -19.87
C LYS C 88 -21.67 -14.20 -19.99
N THR C 89 -21.33 -14.59 -21.19
CA THR C 89 -20.13 -15.40 -21.37
C THR C 89 -18.80 -14.66 -21.42
N MET C 90 -18.81 -13.35 -21.63
CA MET C 90 -17.54 -12.61 -21.72
C MET C 90 -17.59 -11.14 -21.34
N ARG C 91 -16.50 -10.69 -20.73
CA ARG C 91 -16.37 -9.31 -20.30
C ARG C 91 -16.47 -8.39 -21.49
N ALA C 92 -15.72 -8.69 -22.54
CA ALA C 92 -15.69 -7.86 -23.73
C ALA C 92 -17.04 -7.37 -24.20
N SER C 93 -18.10 -8.05 -23.82
CA SER C 93 -19.47 -7.65 -24.21
C SER C 93 -19.80 -6.18 -23.99
N ILE C 94 -19.26 -5.62 -22.90
CA ILE C 94 -19.51 -4.25 -22.55
C ILE C 94 -19.08 -3.27 -23.63
N TRP C 95 -18.14 -3.67 -24.47
CA TRP C 95 -17.66 -2.78 -25.52
C TRP C 95 -18.63 -2.50 -26.65
N ALA C 96 -19.78 -3.15 -26.63
CA ALA C 96 -20.79 -2.90 -27.66
C ALA C 96 -21.62 -1.64 -27.31
N LEU C 97 -21.63 -1.29 -26.02
CA LEU C 97 -22.41 -0.16 -25.53
C LEU C 97 -21.99 1.19 -26.09
N GLY C 98 -20.72 1.55 -25.92
CA GLY C 98 -20.25 2.81 -26.39
C GLY C 98 -20.49 3.07 -27.86
N PRO C 99 -20.08 2.13 -28.74
CA PRO C 99 -20.26 2.30 -30.18
C PRO C 99 -21.74 2.45 -30.59
N LEU C 100 -22.63 1.67 -30.00
CA LEU C 100 -24.04 1.78 -30.36
C LEU C 100 -24.58 3.17 -30.00
N VAL C 101 -24.29 3.65 -28.79
CA VAL C 101 -24.81 4.95 -28.37
C VAL C 101 -24.21 6.08 -29.22
N ALA C 102 -22.92 6.00 -29.48
CA ALA C 102 -22.25 7.02 -30.25
C ALA C 102 -22.72 7.12 -31.71
N ARG C 103 -22.97 5.98 -32.34
CA ARG C 103 -23.38 5.96 -33.72
C ARG C 103 -24.89 5.99 -33.93
N PHE C 104 -25.63 5.34 -33.06
CA PHE C 104 -27.08 5.25 -33.21
C PHE C 104 -27.88 5.96 -32.18
N GLY C 105 -27.19 6.57 -31.23
CA GLY C 105 -27.87 7.28 -30.17
C GLY C 105 -28.47 6.47 -29.04
N GLN C 106 -28.36 5.15 -29.07
CA GLN C 106 -28.90 4.31 -28.00
C GLN C 106 -28.34 2.90 -28.00
N GLY C 107 -28.36 2.24 -26.86
CA GLY C 107 -27.84 0.89 -26.75
C GLY C 107 -28.02 0.27 -25.36
N GLN C 108 -27.82 -1.03 -25.27
CA GLN C 108 -27.94 -1.69 -23.99
C GLN C 108 -27.26 -3.02 -24.08
N VAL C 109 -26.59 -3.36 -23.00
CA VAL C 109 -25.86 -4.58 -22.90
C VAL C 109 -26.31 -5.24 -21.62
N SER C 110 -26.64 -6.52 -21.71
CA SER C 110 -27.09 -7.26 -20.56
C SER C 110 -25.97 -7.22 -19.56
N LEU C 111 -26.31 -7.07 -18.28
CA LEU C 111 -25.31 -7.01 -17.21
C LEU C 111 -25.35 -8.23 -16.27
N PRO C 112 -24.53 -9.26 -16.55
CA PRO C 112 -24.52 -10.44 -15.67
C PRO C 112 -23.85 -10.04 -14.36
N GLY C 113 -23.16 -11.00 -13.73
CA GLY C 113 -22.45 -10.75 -12.49
C GLY C 113 -23.34 -10.71 -11.25
N GLY C 114 -22.82 -10.18 -10.15
CA GLY C 114 -23.62 -10.10 -8.94
C GLY C 114 -23.04 -9.31 -7.78
N CYS C 115 -22.12 -9.93 -7.04
CA CYS C 115 -21.47 -9.33 -5.87
C CYS C 115 -20.32 -8.35 -6.18
N ALA C 116 -19.68 -7.85 -5.12
CA ALA C 116 -18.57 -6.91 -5.21
C ALA C 116 -18.94 -5.47 -5.56
N ILE C 117 -19.21 -4.66 -4.53
CA ILE C 117 -19.56 -3.24 -4.69
C ILE C 117 -18.25 -2.45 -4.69
N GLY C 118 -18.26 -1.27 -5.31
CA GLY C 118 -17.05 -0.46 -5.35
C GLY C 118 -16.17 -0.92 -6.47
N ALA C 119 -15.76 -2.18 -6.42
CA ALA C 119 -14.91 -2.77 -7.46
C ALA C 119 -15.76 -3.61 -8.40
N ARG C 120 -16.46 -2.93 -9.31
CA ARG C 120 -17.34 -3.59 -10.30
C ARG C 120 -17.01 -2.99 -11.67
N PRO C 121 -15.94 -3.48 -12.34
CA PRO C 121 -15.63 -2.90 -13.65
C PRO C 121 -16.95 -2.78 -14.34
N VAL C 122 -17.06 -1.78 -15.20
CA VAL C 122 -18.29 -1.46 -15.91
C VAL C 122 -18.70 -0.13 -15.31
N ASP C 123 -18.46 0.02 -14.01
CA ASP C 123 -18.76 1.26 -13.34
C ASP C 123 -18.06 2.33 -14.13
N LEU C 124 -16.82 2.05 -14.48
CA LEU C 124 -16.02 3.02 -15.22
C LEU C 124 -16.58 3.33 -16.60
N HIS C 125 -17.17 2.33 -17.25
CA HIS C 125 -17.74 2.54 -18.57
C HIS C 125 -18.98 3.42 -18.48
N ILE C 126 -19.81 3.11 -17.51
CA ILE C 126 -21.06 3.82 -17.26
C ILE C 126 -20.85 5.32 -17.10
N PHE C 127 -19.95 5.68 -16.22
CA PHE C 127 -19.65 7.07 -15.95
C PHE C 127 -18.87 7.76 -17.05
N GLY C 128 -18.16 6.96 -17.86
CA GLY C 128 -17.39 7.52 -18.93
C GLY C 128 -18.35 8.02 -19.98
N LEU C 129 -19.34 7.18 -20.28
CA LEU C 129 -20.33 7.53 -21.29
C LEU C 129 -21.20 8.68 -20.79
N GLU C 130 -21.50 8.67 -19.49
CA GLU C 130 -22.30 9.74 -18.94
C GLU C 130 -21.56 11.05 -19.09
N LYS C 131 -20.25 11.02 -18.80
CA LYS C 131 -19.42 12.21 -18.96
C LYS C 131 -19.44 12.66 -20.43
N LEU C 132 -19.58 11.73 -21.37
CA LEU C 132 -19.61 12.08 -22.78
C LEU C 132 -20.99 12.58 -23.16
N GLY C 133 -21.87 12.68 -22.16
CA GLY C 133 -23.19 13.20 -22.44
C GLY C 133 -24.38 12.25 -22.48
N ALA C 134 -24.17 10.95 -22.28
CA ALA C 134 -25.28 10.00 -22.31
C ALA C 134 -26.02 9.86 -20.96
N GLU C 135 -27.31 9.52 -21.01
CA GLU C 135 -28.14 9.31 -19.82
C GLU C 135 -28.12 7.81 -19.49
N ILE C 136 -27.53 7.43 -18.36
CA ILE C 136 -27.47 6.00 -18.01
C ILE C 136 -28.70 5.47 -17.30
N LYS C 137 -29.06 4.22 -17.59
CA LYS C 137 -30.20 3.58 -16.92
C LYS C 137 -29.88 2.13 -16.55
N LEU C 138 -30.08 1.77 -15.27
CA LEU C 138 -29.83 0.40 -14.80
C LEU C 138 -31.15 -0.24 -14.39
N GLU C 139 -31.74 -1.05 -15.26
CA GLU C 139 -33.01 -1.69 -14.95
C GLU C 139 -33.10 -3.00 -15.71
N GLU C 140 -33.89 -3.93 -15.18
CA GLU C 140 -34.11 -5.25 -15.79
C GLU C 140 -32.81 -5.99 -16.03
N GLY C 141 -31.79 -5.72 -15.23
CA GLY C 141 -30.51 -6.39 -15.41
C GLY C 141 -29.72 -5.86 -16.60
N TYR C 142 -30.18 -4.78 -17.19
CA TYR C 142 -29.53 -4.16 -18.34
C TYR C 142 -28.86 -2.81 -17.97
N VAL C 143 -27.76 -2.49 -18.66
CA VAL C 143 -27.08 -1.23 -18.49
C VAL C 143 -27.53 -0.54 -19.75
N LYS C 144 -28.30 0.54 -19.63
CA LYS C 144 -28.81 1.21 -20.82
C LYS C 144 -28.28 2.62 -20.98
N ALA C 145 -27.94 2.97 -22.21
CA ALA C 145 -27.40 4.28 -22.49
C ALA C 145 -28.07 4.97 -23.67
N SER C 146 -28.47 6.22 -23.47
CA SER C 146 -29.08 6.96 -24.54
C SER C 146 -28.49 8.37 -24.58
N VAL C 147 -28.67 9.06 -25.68
CA VAL C 147 -28.17 10.41 -25.76
C VAL C 147 -28.99 11.21 -26.75
N ASN C 148 -29.03 12.52 -26.54
CA ASN C 148 -29.76 13.43 -27.41
C ASN C 148 -28.71 13.96 -28.36
N GLY C 149 -28.91 13.74 -29.67
CA GLY C 149 -27.93 14.19 -30.64
C GLY C 149 -26.67 13.34 -30.49
N ARG C 150 -25.50 13.91 -30.74
CA ARG C 150 -24.26 13.17 -30.61
C ARG C 150 -23.77 13.31 -29.16
N LEU C 151 -22.77 12.50 -28.80
CA LEU C 151 -22.18 12.56 -27.48
C LEU C 151 -21.32 13.82 -27.51
N LYS C 152 -21.08 14.44 -26.36
CA LYS C 152 -20.30 15.67 -26.32
C LYS C 152 -18.87 15.48 -25.84
N GLY C 153 -17.91 15.83 -26.70
CA GLY C 153 -16.52 15.71 -26.32
C GLY C 153 -16.36 16.21 -24.89
N ALA C 154 -15.58 15.50 -24.09
CA ALA C 154 -15.40 15.92 -22.70
C ALA C 154 -13.99 15.63 -22.22
N HIS C 155 -13.55 16.40 -21.23
CA HIS C 155 -12.22 16.23 -20.66
C HIS C 155 -12.38 15.32 -19.47
N ILE C 156 -11.99 14.06 -19.63
CA ILE C 156 -12.18 13.07 -18.58
C ILE C 156 -10.96 12.57 -17.83
N VAL C 157 -11.05 12.57 -16.51
CA VAL C 157 -9.93 12.14 -15.69
C VAL C 157 -10.17 10.77 -15.08
N MET C 158 -9.46 9.77 -15.59
CA MET C 158 -9.59 8.38 -15.14
C MET C 158 -8.93 8.18 -13.81
N ASP C 159 -9.72 7.97 -12.77
CA ASP C 159 -9.14 7.79 -11.44
C ASP C 159 -8.27 6.55 -11.34
N LYS C 160 -8.72 5.45 -11.92
CA LYS C 160 -7.97 4.20 -11.93
C LYS C 160 -7.61 3.95 -13.38
N VAL C 161 -6.39 3.51 -13.66
CA VAL C 161 -6.03 3.22 -15.04
C VAL C 161 -6.86 2.00 -15.48
N SER C 162 -7.68 2.15 -16.52
CA SER C 162 -8.50 1.04 -16.98
C SER C 162 -8.54 0.82 -18.49
N VAL C 163 -8.06 -0.36 -18.89
CA VAL C 163 -8.02 -0.78 -20.28
C VAL C 163 -9.41 -0.76 -20.89
N GLY C 164 -10.37 -1.38 -20.19
CA GLY C 164 -11.73 -1.45 -20.69
C GLY C 164 -12.45 -0.13 -20.88
N ALA C 165 -12.31 0.78 -19.93
CA ALA C 165 -12.96 2.07 -20.02
C ALA C 165 -12.27 2.93 -21.06
N THR C 166 -10.95 2.82 -21.14
CA THR C 166 -10.19 3.58 -22.11
C THR C 166 -10.71 3.24 -23.49
N VAL C 167 -10.96 1.95 -23.74
CA VAL C 167 -11.48 1.56 -25.02
C VAL C 167 -12.87 2.14 -25.25
N THR C 168 -13.75 1.99 -24.26
CA THR C 168 -15.10 2.50 -24.38
C THR C 168 -15.14 3.99 -24.62
N ILE C 169 -14.42 4.76 -23.80
CA ILE C 169 -14.43 6.21 -23.98
C ILE C 169 -13.77 6.65 -25.30
N MET C 170 -12.61 6.09 -25.62
CA MET C 170 -11.92 6.44 -26.84
C MET C 170 -12.75 6.09 -28.08
N SER C 171 -13.31 4.89 -28.13
CA SER C 171 -14.12 4.47 -29.29
C SER C 171 -15.34 5.35 -29.48
N ALA C 172 -16.08 5.55 -28.39
CA ALA C 172 -17.28 6.37 -28.42
C ALA C 172 -16.98 7.83 -28.72
N ALA C 173 -15.84 8.33 -28.28
CA ALA C 173 -15.46 9.72 -28.51
C ALA C 173 -15.19 10.06 -29.98
N THR C 174 -14.85 9.06 -30.77
CA THR C 174 -14.51 9.32 -32.14
C THR C 174 -15.64 9.92 -32.94
N LEU C 175 -16.86 9.70 -32.47
CA LEU C 175 -18.05 10.22 -33.15
C LEU C 175 -18.75 11.34 -32.36
N ALA C 176 -18.09 11.85 -31.33
CA ALA C 176 -18.68 12.92 -30.54
C ALA C 176 -18.38 14.27 -31.13
N GLU C 177 -19.15 15.28 -30.72
CA GLU C 177 -18.91 16.64 -31.18
C GLU C 177 -17.85 17.22 -30.26
N GLY C 178 -16.73 17.64 -30.84
CA GLY C 178 -15.71 18.22 -30.01
C GLY C 178 -14.55 17.28 -29.70
N THR C 179 -13.69 17.78 -28.84
CA THR C 179 -12.49 17.08 -28.41
C THR C 179 -12.72 16.40 -27.08
N THR C 180 -12.18 15.20 -26.96
CA THR C 180 -12.27 14.44 -25.72
C THR C 180 -10.85 14.16 -25.29
N ILE C 181 -10.56 14.39 -24.01
CA ILE C 181 -9.23 14.15 -23.50
C ILE C 181 -9.34 13.14 -22.35
N ILE C 182 -8.58 12.06 -22.46
CA ILE C 182 -8.60 11.04 -21.41
C ILE C 182 -7.29 11.10 -20.64
N GLU C 183 -7.37 11.45 -19.37
CA GLU C 183 -6.17 11.56 -18.54
C GLU C 183 -5.96 10.24 -17.85
N ASN C 184 -4.70 9.84 -17.67
CA ASN C 184 -4.36 8.58 -16.99
C ASN C 184 -5.01 7.42 -17.74
N ALA C 185 -4.84 7.44 -19.06
CA ALA C 185 -5.39 6.42 -19.94
C ALA C 185 -4.53 5.17 -19.97
N ALA C 186 -5.16 4.00 -20.11
CA ALA C 186 -4.40 2.74 -20.20
C ALA C 186 -3.37 2.89 -21.32
N ARG C 187 -2.16 2.36 -21.13
CA ARG C 187 -1.09 2.51 -22.14
C ARG C 187 -0.73 1.28 -22.96
N GLU C 188 -1.37 0.14 -22.69
CA GLU C 188 -1.09 -1.12 -23.38
C GLU C 188 -1.08 -1.07 -24.90
N PRO C 189 -0.23 -1.91 -25.53
CA PRO C 189 -0.11 -1.99 -27.00
C PRO C 189 -1.48 -2.24 -27.67
N GLU C 190 -2.37 -2.97 -26.99
CA GLU C 190 -3.71 -3.27 -27.51
C GLU C 190 -4.58 -2.02 -27.58
N ILE C 191 -4.31 -1.04 -26.73
CA ILE C 191 -5.05 0.22 -26.75
C ILE C 191 -4.55 0.96 -27.98
N VAL C 192 -3.24 0.98 -28.13
CA VAL C 192 -2.63 1.62 -29.26
C VAL C 192 -3.13 1.05 -30.59
N ASP C 193 -3.29 -0.27 -30.65
CA ASP C 193 -3.72 -0.92 -31.87
C ASP C 193 -5.17 -0.55 -32.16
N THR C 194 -5.97 -0.41 -31.11
CA THR C 194 -7.38 -0.07 -31.30
C THR C 194 -7.45 1.36 -31.82
N ALA C 195 -6.65 2.24 -31.22
CA ALA C 195 -6.60 3.64 -31.65
C ALA C 195 -6.28 3.67 -33.14
N ASN C 196 -5.23 2.96 -33.53
CA ASN C 196 -4.81 2.93 -34.91
C ASN C 196 -5.88 2.38 -35.85
N PHE C 197 -6.65 1.42 -35.36
CA PHE C 197 -7.69 0.86 -36.19
C PHE C 197 -8.72 1.95 -36.42
N LEU C 198 -9.08 2.65 -35.34
CA LEU C 198 -10.05 3.71 -35.48
C LEU C 198 -9.53 4.79 -36.42
N VAL C 199 -8.25 5.12 -36.31
CA VAL C 199 -7.70 6.13 -37.18
C VAL C 199 -7.76 5.63 -38.61
N ALA C 200 -7.51 4.33 -38.81
CA ALA C 200 -7.58 3.74 -40.13
C ALA C 200 -8.98 3.91 -40.73
N LEU C 201 -10.01 4.01 -39.87
CA LEU C 201 -11.38 4.18 -40.35
C LEU C 201 -11.80 5.63 -40.52
N GLY C 202 -10.87 6.54 -40.26
CA GLY C 202 -11.17 7.94 -40.43
C GLY C 202 -11.22 8.73 -39.15
N ALA C 203 -10.91 8.09 -38.02
CA ALA C 203 -10.94 8.78 -36.74
C ALA C 203 -9.71 9.68 -36.51
N LYS C 204 -9.86 10.65 -35.62
CA LYS C 204 -8.77 11.55 -35.27
C LYS C 204 -8.36 11.32 -33.82
N ILE C 205 -7.29 10.56 -33.63
CA ILE C 205 -6.80 10.21 -32.29
C ILE C 205 -5.28 10.44 -32.21
N SER C 206 -4.81 10.93 -31.07
CA SER C 206 -3.37 11.10 -30.91
C SER C 206 -3.07 10.91 -29.44
N GLY C 207 -1.85 10.47 -29.15
CA GLY C 207 -1.49 10.27 -27.77
C GLY C 207 -1.65 8.83 -27.31
N GLN C 208 -2.20 7.97 -28.16
CA GLN C 208 -2.37 6.59 -27.76
C GLN C 208 -1.00 6.07 -27.36
N GLY C 209 -0.97 5.27 -26.29
CA GLY C 209 0.29 4.75 -25.82
C GLY C 209 0.84 5.58 -24.68
N THR C 210 0.26 6.75 -24.43
CA THR C 210 0.76 7.59 -23.36
C THR C 210 -0.30 7.75 -22.27
N ASP C 211 -0.04 8.60 -21.29
CA ASP C 211 -0.98 8.84 -20.21
C ASP C 211 -2.25 9.50 -20.73
N ARG C 212 -2.17 10.31 -21.78
CA ARG C 212 -3.39 10.95 -22.24
C ARG C 212 -3.69 10.89 -23.72
N ILE C 213 -4.92 10.49 -23.99
CA ILE C 213 -5.38 10.35 -25.33
C ILE C 213 -6.28 11.51 -25.65
N THR C 214 -6.18 12.00 -26.89
CA THR C 214 -7.01 13.09 -27.37
C THR C 214 -7.73 12.65 -28.62
N ILE C 215 -9.06 12.76 -28.57
CA ILE C 215 -9.89 12.38 -29.71
C ILE C 215 -10.65 13.60 -30.20
N GLU C 216 -10.65 13.76 -31.52
CA GLU C 216 -11.33 14.83 -32.22
C GLU C 216 -12.47 14.15 -32.96
N GLY C 217 -13.70 14.31 -32.46
CA GLY C 217 -14.85 13.66 -33.11
C GLY C 217 -15.06 14.02 -34.57
N VAL C 218 -15.43 13.03 -35.37
CA VAL C 218 -15.68 13.26 -36.79
C VAL C 218 -17.13 12.83 -37.08
N GLU C 219 -17.62 13.24 -38.25
CA GLU C 219 -18.99 12.93 -38.69
C GLU C 219 -19.27 11.44 -38.64
N ARG C 220 -18.43 10.66 -39.30
CA ARG C 220 -18.64 9.23 -39.38
C ARG C 220 -17.35 8.51 -39.71
N LEU C 221 -17.36 7.20 -39.54
CA LEU C 221 -16.18 6.42 -39.84
C LEU C 221 -16.47 5.51 -41.03
N GLY C 222 -15.48 5.34 -41.89
CA GLY C 222 -15.68 4.52 -43.07
C GLY C 222 -15.40 3.04 -42.89
N GLY C 223 -14.59 2.49 -43.80
CA GLY C 223 -14.25 1.09 -43.77
C GLY C 223 -12.82 0.88 -44.17
N GLY C 224 -12.47 -0.36 -44.45
CA GLY C 224 -11.10 -0.63 -44.86
C GLY C 224 -10.54 -1.92 -44.33
N VAL C 225 -9.22 -2.00 -44.31
CA VAL C 225 -8.54 -3.22 -43.86
C VAL C 225 -7.57 -2.86 -42.74
N TYR C 226 -7.44 -3.74 -41.77
CA TYR C 226 -6.52 -3.48 -40.67
C TYR C 226 -6.06 -4.82 -40.11
N ARG C 227 -4.75 -4.93 -39.84
CA ARG C 227 -4.18 -6.15 -39.31
C ARG C 227 -3.95 -6.05 -37.78
N VAL C 228 -4.56 -6.98 -37.02
CA VAL C 228 -4.45 -7.06 -35.55
C VAL C 228 -2.98 -7.33 -35.16
N LEU C 229 -2.46 -6.61 -34.18
CA LEU C 229 -1.06 -6.80 -33.78
C LEU C 229 -0.82 -8.16 -33.18
N PRO C 230 0.41 -8.64 -33.25
CA PRO C 230 0.78 -9.95 -32.71
C PRO C 230 0.58 -10.03 -31.19
N ASP C 231 0.27 -11.21 -30.70
CA ASP C 231 0.06 -11.46 -29.29
C ASP C 231 1.45 -11.43 -28.64
N ARG C 232 1.74 -10.36 -27.92
CA ARG C 232 3.02 -10.23 -27.26
C ARG C 232 3.21 -11.27 -26.14
N ILE C 233 2.12 -11.65 -25.47
CA ILE C 233 2.24 -12.63 -24.38
C ILE C 233 2.50 -14.02 -24.96
N GLU C 234 1.79 -14.37 -26.03
CA GLU C 234 2.04 -15.65 -26.66
C GLU C 234 3.52 -15.70 -27.07
N THR C 235 4.03 -14.59 -27.60
CA THR C 235 5.42 -14.53 -28.02
C THR C 235 6.34 -14.77 -26.83
N GLY C 236 6.06 -14.08 -25.73
CA GLY C 236 6.85 -14.23 -24.52
C GLY C 236 6.83 -15.65 -24.04
N THR C 237 5.67 -16.30 -24.13
CA THR C 237 5.52 -17.70 -23.71
C THR C 237 6.45 -18.65 -24.50
N PHE C 238 6.54 -18.45 -25.80
CA PHE C 238 7.40 -19.31 -26.59
C PHE C 238 8.87 -18.94 -26.45
N LEU C 239 9.20 -17.67 -26.25
CA LEU C 239 10.61 -17.33 -26.05
C LEU C 239 11.08 -18.02 -24.75
N VAL C 240 10.21 -18.02 -23.73
CA VAL C 240 10.53 -18.66 -22.46
C VAL C 240 10.63 -20.19 -22.64
N ALA C 241 9.79 -20.72 -23.53
CA ALA C 241 9.79 -22.15 -23.83
C ALA C 241 11.19 -22.60 -24.23
N ALA C 242 11.84 -21.80 -25.07
CA ALA C 242 13.19 -22.08 -25.53
C ALA C 242 14.22 -21.71 -24.47
N ALA C 243 14.03 -20.56 -23.85
CA ALA C 243 14.95 -20.06 -22.83
C ALA C 243 15.14 -21.05 -21.67
N ILE C 244 14.10 -21.80 -21.35
CA ILE C 244 14.18 -22.77 -20.26
C ILE C 244 14.45 -24.19 -20.70
N SER C 245 14.74 -24.43 -21.98
CA SER C 245 15.01 -25.82 -22.40
C SER C 245 16.31 -25.92 -23.18
N GLY C 246 17.14 -24.89 -23.11
CA GLY C 246 18.41 -24.90 -23.82
C GLY C 246 18.17 -24.89 -25.31
N GLY C 247 16.96 -24.51 -25.71
CA GLY C 247 16.65 -24.52 -27.12
C GLY C 247 16.93 -23.28 -27.91
N LYS C 248 16.55 -23.35 -29.19
CA LYS C 248 16.65 -22.25 -30.15
C LYS C 248 15.28 -22.12 -30.81
N ILE C 249 14.81 -20.88 -30.96
CA ILE C 249 13.52 -20.65 -31.59
C ILE C 249 13.45 -19.30 -32.29
N VAL C 250 12.63 -19.25 -33.32
CA VAL C 250 12.40 -18.01 -34.03
C VAL C 250 10.89 -17.80 -34.02
N CYS C 251 10.46 -16.64 -33.54
CA CYS C 251 9.05 -16.33 -33.52
C CYS C 251 8.73 -15.48 -34.75
N ARG C 252 7.88 -16.01 -35.62
CA ARG C 252 7.48 -15.34 -36.85
C ARG C 252 6.18 -14.58 -36.64
N ASN C 253 5.98 -13.51 -37.41
CA ASN C 253 4.80 -12.70 -37.25
C ASN C 253 4.76 -12.03 -35.87
N ALA C 254 5.92 -11.55 -35.43
CA ALA C 254 6.01 -10.91 -34.15
C ALA C 254 6.26 -9.41 -34.26
N GLN C 255 6.08 -8.71 -33.15
CA GLN C 255 6.31 -7.29 -33.16
C GLN C 255 7.19 -6.97 -31.95
N PRO C 256 8.52 -6.99 -32.15
CA PRO C 256 9.56 -6.73 -31.16
C PRO C 256 9.38 -5.52 -30.25
N ASP C 257 8.91 -4.41 -30.79
CA ASP C 257 8.80 -3.25 -29.95
C ASP C 257 7.68 -3.31 -28.90
N THR C 258 6.98 -4.42 -28.80
CA THR C 258 5.96 -4.51 -27.76
C THR C 258 6.56 -5.29 -26.59
N LEU C 259 7.83 -5.67 -26.76
CA LEU C 259 8.52 -6.49 -25.79
C LEU C 259 9.91 -6.06 -25.31
N ASP C 260 10.19 -4.76 -25.29
CA ASP C 260 11.50 -4.36 -24.83
C ASP C 260 11.76 -4.93 -23.43
N ALA C 261 10.86 -4.74 -22.48
CA ALA C 261 11.08 -5.25 -21.13
C ALA C 261 11.35 -6.78 -21.07
N VAL C 262 10.49 -7.56 -21.71
CA VAL C 262 10.64 -9.02 -21.75
C VAL C 262 11.92 -9.50 -22.45
N LEU C 263 12.26 -8.90 -23.57
CA LEU C 263 13.49 -9.30 -24.28
C LEU C 263 14.73 -8.94 -23.45
N ALA C 264 14.74 -7.75 -22.85
CA ALA C 264 15.84 -7.33 -22.01
C ALA C 264 15.99 -8.31 -20.87
N LYS C 265 14.87 -8.69 -20.27
CA LYS C 265 14.91 -9.63 -19.15
C LYS C 265 15.47 -11.01 -19.55
N LEU C 266 15.15 -11.48 -20.75
CA LEU C 266 15.66 -12.77 -21.22
C LEU C 266 17.17 -12.74 -21.50
N ARG C 267 17.68 -11.60 -21.96
CA ARG C 267 19.13 -11.48 -22.22
C ARG C 267 19.84 -11.58 -20.87
N GLU C 268 19.25 -10.94 -19.85
CA GLU C 268 19.78 -10.97 -18.51
C GLU C 268 19.86 -12.41 -18.07
N ALA C 269 18.90 -13.22 -18.53
CA ALA C 269 18.85 -14.64 -18.22
C ALA C 269 19.97 -15.35 -18.99
N GLY C 270 20.61 -14.65 -19.91
CA GLY C 270 21.68 -15.22 -20.69
C GLY C 270 21.29 -15.64 -22.09
N ALA C 271 20.07 -15.30 -22.50
CA ALA C 271 19.61 -15.65 -23.82
C ALA C 271 20.32 -14.78 -24.84
N ASP C 272 20.59 -15.36 -26.01
CA ASP C 272 21.23 -14.67 -27.10
C ASP C 272 20.06 -14.36 -28.02
N ILE C 273 19.64 -13.10 -28.06
CA ILE C 273 18.50 -12.68 -28.86
C ILE C 273 18.73 -11.77 -30.07
N GLU C 274 18.01 -12.07 -31.14
CA GLU C 274 18.05 -11.33 -32.40
C GLU C 274 16.65 -10.96 -32.91
N THR C 275 16.50 -9.72 -33.35
CA THR C 275 15.21 -9.26 -33.80
C THR C 275 15.25 -8.72 -35.22
N GLY C 276 14.12 -8.85 -35.91
CA GLY C 276 13.93 -8.35 -37.25
C GLY C 276 12.74 -7.40 -37.26
N GLU C 277 12.22 -7.09 -38.45
CA GLU C 277 11.08 -6.18 -38.54
C GLU C 277 9.85 -6.93 -38.05
N ASP C 278 9.76 -8.20 -38.41
CA ASP C 278 8.63 -9.03 -38.03
C ASP C 278 8.99 -10.40 -37.43
N TRP C 279 10.13 -10.47 -36.73
CA TRP C 279 10.54 -11.71 -36.08
C TRP C 279 11.52 -11.50 -34.93
N ILE C 280 11.61 -12.50 -34.05
CA ILE C 280 12.50 -12.46 -32.90
C ILE C 280 13.11 -13.85 -32.78
N SER C 281 14.42 -13.95 -32.58
CA SER C 281 15.01 -15.28 -32.41
C SER C 281 15.69 -15.33 -31.03
N LEU C 282 15.72 -16.52 -30.45
CA LEU C 282 16.32 -16.68 -29.15
C LEU C 282 17.10 -17.97 -29.12
N ASP C 283 18.34 -17.89 -28.65
CA ASP C 283 19.21 -19.07 -28.59
C ASP C 283 19.89 -19.14 -27.22
N MET C 284 19.77 -20.30 -26.58
CA MET C 284 20.38 -20.49 -25.28
C MET C 284 21.72 -21.18 -25.47
N HIS C 285 21.97 -21.65 -26.69
CA HIS C 285 23.21 -22.31 -27.03
C HIS C 285 23.43 -23.45 -26.08
N GLY C 286 22.36 -24.18 -25.78
CA GLY C 286 22.43 -25.33 -24.90
C GLY C 286 22.62 -25.08 -23.42
N LYS C 287 22.64 -23.81 -22.99
CA LYS C 287 22.85 -23.50 -21.58
C LYS C 287 21.58 -23.32 -20.75
N ARG C 288 21.70 -23.51 -19.44
CA ARG C 288 20.59 -23.29 -18.52
C ARG C 288 20.40 -21.79 -18.39
N PRO C 289 19.17 -21.34 -18.16
CA PRO C 289 19.04 -19.89 -18.03
C PRO C 289 19.65 -19.43 -16.70
N LYS C 290 20.04 -18.17 -16.65
CA LYS C 290 20.60 -17.61 -15.43
C LYS C 290 19.46 -16.91 -14.67
N ALA C 291 19.41 -17.04 -13.34
CA ALA C 291 18.37 -16.40 -12.52
C ALA C 291 18.30 -14.87 -12.71
N VAL C 292 17.08 -14.36 -12.75
CA VAL C 292 16.89 -12.92 -12.95
C VAL C 292 16.00 -12.33 -11.88
N THR C 293 16.04 -11.00 -11.80
CA THR C 293 15.23 -10.25 -10.86
C THR C 293 14.11 -9.61 -11.69
N VAL C 294 12.87 -9.83 -11.27
CA VAL C 294 11.74 -9.31 -12.00
C VAL C 294 10.80 -8.50 -11.14
N ARG C 295 10.30 -7.41 -11.73
CA ARG C 295 9.35 -6.53 -11.09
C ARG C 295 8.28 -6.19 -12.12
N THR C 296 7.09 -6.78 -11.98
CA THR C 296 6.00 -6.49 -12.90
C THR C 296 5.63 -5.05 -12.63
N ALA C 297 5.19 -4.34 -13.66
CA ALA C 297 4.82 -2.96 -13.52
C ALA C 297 4.06 -2.57 -14.76
N PRO C 298 3.44 -1.38 -14.77
CA PRO C 298 2.66 -0.91 -15.93
C PRO C 298 3.45 -0.87 -17.21
N HIS C 299 2.78 -1.20 -18.31
CA HIS C 299 3.44 -1.17 -19.61
C HIS C 299 3.95 0.26 -19.83
N PRO C 300 5.11 0.42 -20.48
CA PRO C 300 6.08 -0.50 -21.08
C PRO C 300 7.00 -1.29 -20.15
N ALA C 301 6.75 -1.30 -18.84
CA ALA C 301 7.60 -2.08 -17.94
C ALA C 301 7.25 -3.58 -18.11
N PHE C 302 8.00 -4.46 -17.43
CA PHE C 302 7.73 -5.89 -17.52
C PHE C 302 6.23 -6.17 -17.23
N PRO C 303 5.56 -6.92 -18.12
CA PRO C 303 4.15 -7.28 -18.00
C PRO C 303 3.79 -8.39 -17.01
N THR C 304 2.79 -8.13 -16.19
CA THR C 304 2.33 -9.10 -15.21
C THR C 304 1.89 -10.39 -15.92
N ASP C 305 1.47 -10.30 -17.18
CA ASP C 305 1.04 -11.49 -17.88
C ASP C 305 2.16 -12.43 -18.27
N MET C 306 3.39 -12.02 -18.02
CA MET C 306 4.56 -12.83 -18.32
C MET C 306 5.19 -13.29 -17.01
N GLN C 307 4.56 -12.91 -15.90
CA GLN C 307 5.11 -13.24 -14.61
C GLN C 307 5.21 -14.72 -14.31
N ALA C 308 4.13 -15.47 -14.47
CA ALA C 308 4.16 -16.90 -14.18
C ALA C 308 5.26 -17.61 -14.96
N GLN C 309 5.35 -17.28 -16.24
CA GLN C 309 6.36 -17.90 -17.09
C GLN C 309 7.79 -17.63 -16.63
N PHE C 310 8.03 -16.42 -16.12
CA PHE C 310 9.34 -16.10 -15.64
C PHE C 310 9.57 -16.69 -14.28
N THR C 311 8.49 -16.99 -13.56
CA THR C 311 8.71 -17.64 -12.28
C THR C 311 9.26 -19.02 -12.65
N LEU C 312 8.65 -19.65 -13.66
CA LEU C 312 9.11 -20.95 -14.09
C LEU C 312 10.56 -20.81 -14.49
N LEU C 313 10.87 -19.83 -15.33
CA LEU C 313 12.25 -19.65 -15.76
C LEU C 313 13.23 -19.62 -14.60
N ASN C 314 12.94 -18.85 -13.55
CA ASN C 314 13.87 -18.80 -12.39
C ASN C 314 13.94 -20.14 -11.65
N LEU C 315 12.81 -20.84 -11.57
CA LEU C 315 12.75 -22.10 -10.84
C LEU C 315 13.58 -23.21 -11.42
N VAL C 316 13.95 -23.08 -12.71
CA VAL C 316 14.82 -24.06 -13.37
C VAL C 316 16.12 -23.42 -13.84
N ALA C 317 16.44 -22.26 -13.26
CA ALA C 317 17.65 -21.53 -13.62
C ALA C 317 18.79 -21.70 -12.63
N GLU C 318 19.91 -21.08 -12.97
CA GLU C 318 21.09 -21.13 -12.16
C GLU C 318 21.01 -19.96 -11.16
N GLY C 319 20.95 -20.25 -9.87
CA GLY C 319 20.91 -19.20 -8.90
C GLY C 319 19.55 -18.81 -8.35
N THR C 320 19.54 -17.80 -7.49
CA THR C 320 18.32 -17.33 -6.88
C THR C 320 17.85 -16.05 -7.54
N GLY C 321 16.54 -15.94 -7.72
CA GLY C 321 15.97 -14.77 -8.35
C GLY C 321 14.64 -14.41 -7.72
N VAL C 322 14.32 -13.13 -7.72
CA VAL C 322 13.07 -12.75 -7.09
C VAL C 322 12.06 -12.09 -7.98
N ILE C 323 10.89 -12.69 -8.00
CA ILE C 323 9.80 -12.18 -8.79
C ILE C 323 9.00 -11.24 -7.91
N THR C 324 8.82 -10.01 -8.37
CA THR C 324 8.04 -9.05 -7.62
C THR C 324 6.82 -8.58 -8.45
N GLU C 325 5.63 -8.68 -7.86
CA GLU C 325 4.38 -8.31 -8.54
C GLU C 325 3.78 -7.00 -8.01
N THR C 326 4.02 -5.90 -8.71
CA THR C 326 3.48 -4.62 -8.26
C THR C 326 2.10 -4.36 -8.86
N ILE C 327 1.60 -5.31 -9.66
CA ILE C 327 0.28 -5.16 -10.30
C ILE C 327 -0.83 -6.00 -9.66
N PHE C 328 -0.68 -7.31 -9.59
CA PHE C 328 -1.76 -8.10 -9.00
C PHE C 328 -1.42 -8.63 -7.63
N GLU C 329 -2.41 -8.57 -6.74
CA GLU C 329 -2.22 -9.05 -5.37
C GLU C 329 -1.76 -10.51 -5.34
N ASN C 330 -2.72 -11.43 -5.38
CA ASN C 330 -2.42 -12.85 -5.32
C ASN C 330 -2.31 -13.48 -6.71
N ARG C 331 -1.27 -13.15 -7.45
CA ARG C 331 -1.09 -13.76 -8.75
C ARG C 331 0.07 -14.77 -8.71
N PHE C 332 0.01 -15.70 -7.76
CA PHE C 332 1.04 -16.73 -7.60
C PHE C 332 0.50 -18.14 -7.38
N MET C 333 -0.70 -18.43 -7.88
CA MET C 333 -1.25 -19.77 -7.68
C MET C 333 -0.46 -20.80 -8.49
N HIS C 334 0.49 -20.37 -9.30
CA HIS C 334 1.29 -21.30 -10.09
C HIS C 334 2.41 -21.87 -9.22
N VAL C 335 2.80 -21.10 -8.21
CA VAL C 335 3.89 -21.50 -7.33
C VAL C 335 3.70 -22.82 -6.59
N PRO C 336 2.52 -23.05 -5.99
CA PRO C 336 2.36 -24.34 -5.29
C PRO C 336 2.46 -25.54 -6.24
N GLU C 337 1.86 -25.43 -7.42
CA GLU C 337 1.88 -26.52 -8.39
C GLU C 337 3.29 -26.80 -8.85
N LEU C 338 4.08 -25.73 -8.97
CA LEU C 338 5.45 -25.92 -9.36
C LEU C 338 6.23 -26.59 -8.24
N ILE C 339 5.91 -26.27 -7.01
CA ILE C 339 6.63 -26.93 -5.92
C ILE C 339 6.39 -28.43 -5.92
N ARG C 340 5.18 -28.85 -6.28
CA ARG C 340 4.92 -30.27 -6.31
C ARG C 340 5.67 -30.92 -7.45
N MET C 341 6.22 -30.13 -8.37
CA MET C 341 7.01 -30.68 -9.46
C MET C 341 8.48 -30.66 -9.07
N GLY C 342 8.71 -30.39 -7.79
CA GLY C 342 10.05 -30.37 -7.26
C GLY C 342 10.77 -29.04 -7.23
N ALA C 343 10.05 -27.94 -7.42
CA ALA C 343 10.66 -26.62 -7.42
C ALA C 343 10.88 -26.08 -6.02
N HIS C 344 11.99 -25.37 -5.81
CA HIS C 344 12.29 -24.77 -4.52
C HIS C 344 11.99 -23.27 -4.56
N ALA C 345 10.89 -22.89 -3.91
CA ALA C 345 10.46 -21.50 -3.85
C ALA C 345 9.77 -21.08 -2.53
N GLU C 346 9.93 -19.81 -2.14
CA GLU C 346 9.28 -19.29 -0.93
C GLU C 346 8.47 -18.07 -1.28
N ILE C 347 7.20 -18.05 -0.90
CA ILE C 347 6.38 -16.88 -1.17
C ILE C 347 6.54 -15.98 0.03
N GLU C 348 6.80 -14.71 -0.22
CA GLU C 348 6.96 -13.76 0.85
C GLU C 348 6.27 -12.48 0.38
N SER C 349 4.98 -12.37 0.73
CA SER C 349 4.13 -11.24 0.37
C SER C 349 3.80 -11.18 -1.12
N ASN C 350 4.09 -10.04 -1.76
CA ASN C 350 3.82 -9.87 -3.19
C ASN C 350 5.10 -10.31 -3.88
N THR C 351 5.74 -11.30 -3.30
CA THR C 351 7.00 -11.79 -3.81
C THR C 351 7.12 -13.30 -3.75
N VAL C 352 7.98 -13.85 -4.60
CA VAL C 352 8.25 -15.27 -4.60
C VAL C 352 9.75 -15.41 -4.79
N ILE C 353 10.45 -15.98 -3.82
CA ILE C 353 11.88 -16.15 -4.00
C ILE C 353 12.07 -17.48 -4.70
N CYS C 354 12.86 -17.47 -5.77
CA CYS C 354 13.11 -18.66 -6.56
C CYS C 354 14.51 -19.22 -6.44
N HIS C 355 14.60 -20.53 -6.18
CA HIS C 355 15.87 -21.22 -6.05
C HIS C 355 15.95 -22.28 -7.14
N GLY C 356 16.48 -21.88 -8.29
CA GLY C 356 16.58 -22.78 -9.42
C GLY C 356 17.17 -24.12 -9.13
N VAL C 357 16.54 -25.15 -9.68
CA VAL C 357 17.00 -26.52 -9.53
C VAL C 357 17.41 -27.02 -10.91
N GLU C 358 18.19 -28.08 -10.92
CA GLU C 358 18.62 -28.67 -12.18
C GLU C 358 17.38 -29.11 -12.94
N LYS C 359 16.52 -29.90 -12.30
CA LYS C 359 15.36 -30.38 -13.01
C LYS C 359 14.10 -30.57 -12.20
N LEU C 360 12.97 -30.47 -12.90
CA LEU C 360 11.65 -30.66 -12.30
C LEU C 360 11.16 -32.09 -12.53
N SER C 361 10.22 -32.53 -11.71
CA SER C 361 9.66 -33.87 -11.83
C SER C 361 8.21 -33.80 -12.25
N GLY C 362 7.83 -34.64 -13.21
CA GLY C 362 6.45 -34.67 -13.66
C GLY C 362 5.53 -34.81 -12.47
N ALA C 363 4.30 -34.35 -12.64
CA ALA C 363 3.30 -34.39 -11.59
C ALA C 363 1.97 -33.95 -12.13
N GLN C 364 0.91 -34.18 -11.38
CA GLN C 364 -0.40 -33.77 -11.85
C GLN C 364 -0.62 -32.37 -11.31
N VAL C 365 -0.92 -31.46 -12.23
CA VAL C 365 -1.06 -30.07 -11.83
C VAL C 365 -2.22 -29.40 -12.53
N MET C 366 -2.65 -28.29 -11.97
CA MET C 366 -3.77 -27.57 -12.55
C MET C 366 -3.69 -26.14 -12.06
N ALA C 367 -4.17 -25.20 -12.87
CA ALA C 367 -4.15 -23.78 -12.50
C ALA C 367 -5.28 -23.11 -13.25
N THR C 368 -5.96 -22.16 -12.61
CA THR C 368 -7.08 -21.50 -13.26
C THR C 368 -6.65 -20.30 -14.09
N ASP C 369 -5.56 -19.67 -13.71
CA ASP C 369 -5.08 -18.53 -14.47
C ASP C 369 -4.53 -19.04 -15.80
N LEU C 370 -4.94 -18.37 -16.86
CA LEU C 370 -4.50 -18.68 -18.20
C LEU C 370 -2.98 -18.85 -18.34
N ARG C 371 -2.23 -17.86 -17.89
CA ARG C 371 -0.78 -17.85 -18.01
C ARG C 371 -0.09 -18.82 -17.07
N ALA C 372 -0.65 -19.00 -15.88
CA ALA C 372 -0.08 -19.91 -14.92
C ALA C 372 -0.22 -21.31 -15.50
N SER C 373 -1.35 -21.55 -16.16
CA SER C 373 -1.62 -22.83 -16.76
C SER C 373 -0.66 -23.14 -17.92
N ALA C 374 -0.47 -22.16 -18.81
CA ALA C 374 0.43 -22.33 -19.93
C ALA C 374 1.82 -22.63 -19.42
N SER C 375 2.15 -22.06 -18.27
CA SER C 375 3.47 -22.28 -17.69
C SER C 375 3.61 -23.69 -17.17
N LEU C 376 2.51 -24.28 -16.73
CA LEU C 376 2.55 -25.64 -16.21
C LEU C 376 2.82 -26.58 -17.35
N VAL C 377 2.26 -26.27 -18.51
CA VAL C 377 2.47 -27.08 -19.68
C VAL C 377 3.94 -27.03 -20.06
N LEU C 378 4.55 -25.85 -19.95
CA LEU C 378 5.95 -25.71 -20.29
C LEU C 378 6.75 -26.48 -19.27
N ALA C 379 6.37 -26.36 -17.99
CA ALA C 379 7.07 -27.06 -16.92
C ALA C 379 7.10 -28.55 -17.23
N GLY C 380 5.97 -29.08 -17.66
CA GLY C 380 5.90 -30.48 -17.99
C GLY C 380 6.83 -30.86 -19.13
N CYS C 381 7.04 -29.95 -20.09
CA CYS C 381 7.91 -30.23 -21.24
C CYS C 381 9.36 -30.39 -20.86
N ILE C 382 9.75 -29.80 -19.75
CA ILE C 382 11.13 -29.92 -19.34
C ILE C 382 11.32 -30.70 -18.05
N ALA C 383 10.23 -31.13 -17.43
CA ALA C 383 10.29 -31.93 -16.21
C ALA C 383 10.56 -33.40 -16.59
N GLU C 384 11.12 -34.15 -15.65
CA GLU C 384 11.43 -35.55 -15.88
C GLU C 384 10.14 -36.37 -15.70
N GLY C 385 9.79 -37.12 -16.74
CA GLY C 385 8.61 -37.94 -16.64
C GLY C 385 7.32 -37.40 -17.24
N THR C 386 6.22 -37.86 -16.65
CA THR C 386 4.88 -37.55 -17.08
C THR C 386 4.23 -36.46 -16.27
N THR C 387 3.67 -35.48 -16.97
CA THR C 387 2.97 -34.40 -16.32
C THR C 387 1.59 -34.31 -16.93
N VAL C 388 0.59 -34.10 -16.08
CA VAL C 388 -0.77 -33.98 -16.55
C VAL C 388 -1.32 -32.68 -16.03
N VAL C 389 -1.63 -31.78 -16.96
CA VAL C 389 -2.18 -30.46 -16.63
C VAL C 389 -3.66 -30.52 -16.89
N ASP C 390 -4.44 -30.37 -15.83
CA ASP C 390 -5.89 -30.45 -15.93
C ASP C 390 -6.52 -29.10 -16.22
N ARG C 391 -7.80 -29.12 -16.59
CA ARG C 391 -8.56 -27.93 -16.90
C ARG C 391 -7.87 -26.96 -17.86
N ILE C 392 -7.31 -27.51 -18.94
CA ILE C 392 -6.60 -26.71 -19.91
C ILE C 392 -7.50 -25.79 -20.75
N TYR C 393 -8.80 -25.81 -20.50
CA TYR C 393 -9.68 -24.94 -21.30
C TYR C 393 -9.32 -23.49 -21.00
N HIS C 394 -8.72 -23.23 -19.83
CA HIS C 394 -8.31 -21.88 -19.53
C HIS C 394 -7.32 -21.45 -20.59
N ILE C 395 -6.46 -22.37 -21.01
CA ILE C 395 -5.46 -22.09 -22.05
C ILE C 395 -6.12 -21.99 -23.43
N ASP C 396 -7.07 -22.87 -23.71
CA ASP C 396 -7.76 -22.85 -25.01
C ASP C 396 -8.46 -21.54 -25.37
N ARG C 397 -8.89 -20.79 -24.36
CA ARG C 397 -9.61 -19.56 -24.61
C ARG C 397 -8.66 -18.41 -24.91
N GLY C 398 -7.39 -18.57 -24.54
CA GLY C 398 -6.42 -17.52 -24.79
C GLY C 398 -5.29 -17.83 -25.75
N TYR C 399 -5.07 -19.10 -26.04
CA TYR C 399 -4.00 -19.52 -26.96
C TYR C 399 -4.58 -20.36 -28.07
N GLU C 400 -4.19 -20.04 -29.29
CA GLU C 400 -4.65 -20.76 -30.46
C GLU C 400 -3.87 -22.09 -30.54
N ARG C 401 -4.53 -23.17 -30.13
CA ARG C 401 -4.01 -24.55 -30.11
C ARG C 401 -2.53 -24.63 -29.80
N ILE C 402 -2.23 -24.35 -28.55
CA ILE C 402 -0.88 -24.34 -28.08
C ILE C 402 -0.22 -25.71 -28.21
N GLU C 403 -1.02 -26.77 -28.19
CA GLU C 403 -0.43 -28.09 -28.30
C GLU C 403 0.19 -28.33 -29.68
N ASP C 404 -0.40 -27.79 -30.74
CA ASP C 404 0.16 -28.00 -32.07
C ASP C 404 1.46 -27.21 -32.21
N LYS C 405 1.49 -26.02 -31.66
CA LYS C 405 2.65 -25.17 -31.77
C LYS C 405 3.77 -25.77 -30.98
N LEU C 406 3.46 -26.23 -29.78
CA LEU C 406 4.46 -26.85 -28.92
C LEU C 406 5.05 -28.10 -29.55
N ARG C 407 4.18 -28.95 -30.09
CA ARG C 407 4.61 -30.19 -30.73
C ARG C 407 5.58 -29.92 -31.90
N ALA C 408 5.33 -28.85 -32.66
CA ALA C 408 6.19 -28.48 -33.78
C ALA C 408 7.54 -28.04 -33.24
N LEU C 409 7.60 -27.69 -31.96
CA LEU C 409 8.85 -27.28 -31.34
C LEU C 409 9.55 -28.51 -30.74
N GLY C 410 8.91 -29.66 -30.83
CA GLY C 410 9.55 -30.85 -30.31
C GLY C 410 8.86 -31.53 -29.15
N ALA C 411 7.94 -30.83 -28.48
CA ALA C 411 7.23 -31.38 -27.35
C ALA C 411 6.45 -32.67 -27.62
N ASN C 412 6.32 -33.50 -26.59
CA ASN C 412 5.54 -34.74 -26.65
C ASN C 412 4.32 -34.40 -25.81
N ILE C 413 3.26 -33.99 -26.48
CA ILE C 413 2.08 -33.59 -25.76
C ILE C 413 0.81 -34.14 -26.39
N GLU C 414 -0.10 -34.53 -25.50
CA GLU C 414 -1.36 -35.15 -25.90
C GLU C 414 -2.55 -34.52 -25.19
N ARG C 415 -3.63 -34.26 -25.93
CA ARG C 415 -4.84 -33.71 -25.35
C ARG C 415 -5.70 -34.91 -25.03
N VAL C 416 -6.18 -34.98 -23.80
CA VAL C 416 -7.00 -36.11 -23.41
C VAL C 416 -8.31 -35.71 -22.76
N LYS C 417 -9.33 -36.51 -22.97
CA LYS C 417 -10.67 -36.28 -22.42
C LYS C 417 -10.89 -36.98 -21.08
N GLY C 418 -12.16 -37.23 -20.73
CA GLY C 418 -12.48 -37.91 -19.49
C GLY C 418 -11.93 -37.35 -18.18
N GLU C 419 -12.54 -36.27 -17.71
CA GLU C 419 -12.20 -35.60 -16.44
C GLU C 419 -10.72 -35.53 -16.03
N MET D 1 17.61 36.09 10.17
CA MET D 1 16.94 35.12 9.24
C MET D 1 16.59 35.83 7.93
N ASP D 2 17.39 35.59 6.90
CA ASP D 2 17.10 36.23 5.62
C ASP D 2 15.74 35.82 5.10
N LYS D 3 15.23 36.63 4.18
CA LYS D 3 13.96 36.38 3.54
C LYS D 3 13.77 37.26 2.31
N PHE D 4 12.90 36.83 1.41
CA PHE D 4 12.65 37.57 0.18
C PHE D 4 11.37 38.39 0.22
N ARG D 5 11.46 39.63 -0.25
CA ARG D 5 10.30 40.48 -0.30
C ARG D 5 10.05 40.63 -1.79
N VAL D 6 8.87 40.19 -2.22
CA VAL D 6 8.53 40.25 -3.63
C VAL D 6 7.37 41.19 -3.96
N GLN D 7 7.49 41.83 -5.11
CA GLN D 7 6.50 42.79 -5.62
C GLN D 7 5.78 42.24 -6.86
N GLY D 8 4.49 41.97 -6.72
CA GLY D 8 3.75 41.45 -7.87
C GLY D 8 2.68 42.42 -8.35
N PRO D 9 2.08 42.16 -9.53
CA PRO D 9 2.36 41.03 -10.42
C PRO D 9 3.34 41.40 -11.50
N THR D 10 4.23 40.49 -11.84
CA THR D 10 5.18 40.80 -12.88
C THR D 10 5.25 39.65 -13.87
N ARG D 11 5.44 39.96 -15.14
CA ARG D 11 5.52 38.89 -16.16
C ARG D 11 6.97 38.46 -16.27
N LEU D 12 7.27 37.25 -15.83
CA LEU D 12 8.63 36.74 -15.89
C LEU D 12 8.94 36.32 -17.32
N GLN D 13 9.93 36.96 -17.94
CA GLN D 13 10.27 36.61 -19.32
C GLN D 13 11.70 36.98 -19.61
N GLY D 14 12.22 36.45 -20.71
CA GLY D 14 13.59 36.74 -21.05
C GLY D 14 14.38 35.46 -21.13
N GLU D 15 15.56 35.42 -20.49
CA GLU D 15 16.41 34.24 -20.50
C GLU D 15 16.99 33.93 -19.12
N VAL D 16 17.42 32.68 -18.94
CA VAL D 16 18.04 32.25 -17.68
C VAL D 16 19.04 31.17 -18.06
N THR D 17 20.21 31.18 -17.42
CA THR D 17 21.20 30.15 -17.71
C THR D 17 21.16 29.20 -16.54
N ILE D 18 20.86 27.95 -16.86
CA ILE D 18 20.74 26.88 -15.89
C ILE D 18 22.07 26.44 -15.29
N SER D 19 22.12 26.35 -13.96
CA SER D 19 23.32 25.95 -13.28
C SER D 19 23.56 24.45 -13.35
N GLY D 20 24.73 24.02 -12.90
CA GLY D 20 25.00 22.60 -12.86
C GLY D 20 24.15 22.08 -11.71
N ALA D 21 23.78 20.81 -11.77
CA ALA D 21 22.97 20.25 -10.71
C ALA D 21 23.84 19.83 -9.54
N LYS D 22 23.57 20.41 -8.38
CA LYS D 22 24.34 20.05 -7.20
C LYS D 22 24.07 18.56 -6.91
N ASN D 23 22.92 18.07 -7.32
CA ASN D 23 22.60 16.67 -7.07
C ASN D 23 23.47 15.71 -7.90
N ALA D 24 24.16 16.23 -8.92
CA ALA D 24 25.09 15.41 -9.71
C ALA D 24 26.51 15.72 -9.24
N ALA D 25 26.78 17.00 -8.96
CA ALA D 25 28.09 17.42 -8.50
C ALA D 25 28.47 16.69 -7.21
N LEU D 26 27.59 16.65 -6.23
CA LEU D 26 27.94 15.97 -5.00
C LEU D 26 28.41 14.51 -5.16
N PRO D 27 27.62 13.66 -5.84
CA PRO D 27 28.12 12.28 -5.97
C PRO D 27 29.41 12.22 -6.80
N ILE D 28 29.52 13.10 -7.81
CA ILE D 28 30.70 13.15 -8.67
C ILE D 28 31.94 13.57 -7.87
N LEU D 29 31.79 14.63 -7.06
CA LEU D 29 32.90 15.12 -6.25
C LEU D 29 33.53 14.04 -5.39
N PHE D 30 32.69 13.24 -4.73
CA PHE D 30 33.17 12.17 -3.87
C PHE D 30 33.72 11.04 -4.68
N ALA D 31 33.19 10.86 -5.88
CA ALA D 31 33.67 9.81 -6.75
C ALA D 31 35.08 10.22 -7.17
N ALA D 32 35.32 11.52 -7.25
CA ALA D 32 36.65 12.00 -7.64
C ALA D 32 37.79 11.47 -6.73
N LEU D 33 37.43 10.92 -5.56
CA LEU D 33 38.39 10.36 -4.60
C LEU D 33 39.10 9.16 -5.21
N LEU D 34 38.47 8.56 -6.20
CA LEU D 34 39.02 7.39 -6.90
C LEU D 34 40.06 7.78 -7.94
N ALA D 35 40.05 9.06 -8.34
CA ALA D 35 40.97 9.54 -9.37
C ALA D 35 42.42 9.57 -8.92
N GLU D 36 43.29 9.04 -9.76
CA GLU D 36 44.70 9.03 -9.43
C GLU D 36 45.41 10.26 -10.02
N GLU D 37 44.82 10.86 -11.04
CA GLU D 37 45.40 12.07 -11.62
C GLU D 37 44.38 13.18 -11.49
N PRO D 38 44.84 14.44 -11.47
CA PRO D 38 43.95 15.59 -11.34
C PRO D 38 42.73 15.60 -12.23
N VAL D 39 41.62 16.06 -11.67
CA VAL D 39 40.35 16.12 -12.41
C VAL D 39 39.71 17.49 -12.32
N GLU D 40 39.21 17.96 -13.45
CA GLU D 40 38.52 19.24 -13.47
C GLU D 40 37.04 18.94 -13.65
N ILE D 41 36.27 19.29 -12.63
CA ILE D 41 34.83 19.07 -12.67
C ILE D 41 34.20 20.40 -12.99
N GLN D 42 33.73 20.54 -14.23
CA GLN D 42 33.13 21.78 -14.69
C GLN D 42 31.65 21.93 -14.39
N ASN D 43 31.20 23.18 -14.39
CA ASN D 43 29.80 23.49 -14.17
C ASN D 43 29.26 23.06 -12.80
N VAL D 44 29.92 23.49 -11.73
CA VAL D 44 29.52 23.14 -10.39
C VAL D 44 28.98 24.41 -9.73
N PRO D 45 27.75 24.38 -9.23
CA PRO D 45 27.19 25.56 -8.58
C PRO D 45 27.91 25.93 -7.29
N LYS D 46 27.72 27.16 -6.87
CA LYS D 46 28.34 27.61 -5.64
C LYS D 46 27.30 27.51 -4.53
N LEU D 47 27.26 26.36 -3.86
CA LEU D 47 26.31 26.14 -2.78
C LEU D 47 26.96 25.55 -1.53
N LYS D 48 26.30 25.74 -0.38
CA LYS D 48 26.79 25.26 0.91
C LYS D 48 27.32 23.81 0.92
N ASP D 49 26.62 22.86 0.31
CA ASP D 49 27.10 21.50 0.33
C ASP D 49 28.38 21.32 -0.47
N ILE D 50 28.56 22.15 -1.49
CA ILE D 50 29.77 22.03 -2.30
C ILE D 50 30.94 22.50 -1.44
N ASP D 51 30.75 23.57 -0.67
CA ASP D 51 31.82 24.09 0.16
C ASP D 51 32.19 23.06 1.20
N THR D 52 31.16 22.46 1.78
CA THR D 52 31.35 21.46 2.81
C THR D 52 32.12 20.26 2.27
N THR D 53 31.76 19.82 1.07
CA THR D 53 32.43 18.71 0.41
C THR D 53 33.90 19.05 0.14
N MET D 54 34.18 20.28 -0.25
CA MET D 54 35.56 20.67 -0.54
C MET D 54 36.42 20.64 0.73
N LYS D 55 35.83 21.06 1.84
CA LYS D 55 36.55 21.08 3.10
C LYS D 55 36.82 19.63 3.53
N LEU D 56 35.80 18.80 3.45
CA LEU D 56 35.93 17.41 3.81
C LEU D 56 37.02 16.74 2.95
N LEU D 57 36.94 16.91 1.63
CA LEU D 57 37.95 16.32 0.76
C LEU D 57 39.31 16.82 1.20
N THR D 58 39.42 18.12 1.46
CA THR D 58 40.70 18.67 1.88
C THR D 58 41.23 17.93 3.12
N GLN D 59 40.36 17.67 4.10
CA GLN D 59 40.77 16.97 5.32
C GLN D 59 41.36 15.60 5.01
N LEU D 60 40.85 14.98 3.96
CA LEU D 60 41.34 13.67 3.61
C LEU D 60 42.68 13.76 2.91
N GLY D 61 43.14 14.96 2.62
CA GLY D 61 44.43 15.10 1.97
C GLY D 61 44.33 15.38 0.49
N THR D 62 43.13 15.61 0.00
CA THR D 62 42.99 15.92 -1.41
C THR D 62 43.13 17.44 -1.62
N LYS D 63 43.87 17.84 -2.65
CA LYS D 63 44.08 19.24 -2.95
C LYS D 63 42.86 19.68 -3.74
N VAL D 64 42.20 20.72 -3.26
CA VAL D 64 40.98 21.21 -3.89
C VAL D 64 41.01 22.72 -4.16
N GLU D 65 40.52 23.13 -5.31
CA GLU D 65 40.44 24.57 -5.58
C GLU D 65 39.27 24.78 -6.51
N ARG D 66 38.69 25.96 -6.53
CA ARG D 66 37.54 26.20 -7.37
C ARG D 66 37.40 27.68 -7.72
N IAS D 67 36.41 27.98 -8.55
CA IAS D 67 36.13 29.34 -9.02
C IAS D 67 35.19 30.21 -8.19
O IAS D 67 34.72 29.74 -7.14
CB IAS D 67 35.79 29.35 -10.51
CG IAS D 67 34.49 28.64 -10.80
OD1 IAS D 67 33.75 28.26 -9.87
OXT IAS D 67 34.93 31.35 -8.63
N GLY D 68 34.19 28.46 -12.08
CA GLY D 68 32.97 27.78 -12.45
C GLY D 68 33.07 26.29 -12.20
N SER D 69 34.30 25.80 -12.08
CA SER D 69 34.49 24.39 -11.84
C SER D 69 35.21 24.12 -10.53
N VAL D 70 35.35 22.84 -10.16
CA VAL D 70 36.08 22.45 -8.95
C VAL D 70 37.16 21.50 -9.44
N TRP D 71 38.40 21.90 -9.19
CA TRP D 71 39.55 21.16 -9.61
C TRP D 71 39.93 20.26 -8.43
N ILE D 72 40.23 18.99 -8.71
CA ILE D 72 40.55 18.03 -7.68
C ILE D 72 41.82 17.22 -7.95
N ASP D 73 42.67 17.13 -6.94
CA ASP D 73 43.87 16.31 -7.06
C ASP D 73 43.88 15.40 -5.85
N ALA D 74 43.38 14.19 -6.05
CA ALA D 74 43.27 13.20 -5.00
C ALA D 74 44.41 12.22 -5.07
N SER D 75 45.41 12.54 -5.87
CA SER D 75 46.54 11.64 -6.02
C SER D 75 47.19 11.36 -4.69
N ASN D 76 47.04 12.27 -3.73
CA ASN D 76 47.67 12.09 -2.45
C ASN D 76 46.80 12.02 -1.22
N VAL D 77 45.63 11.40 -1.38
CA VAL D 77 44.73 11.24 -0.24
C VAL D 77 45.49 10.38 0.76
N ASN D 78 45.64 10.87 1.98
CA ASN D 78 46.39 10.13 3.00
C ASN D 78 45.72 10.04 4.36
N ASN D 79 44.50 10.51 4.49
CA ASN D 79 43.77 10.45 5.76
C ASN D 79 42.42 9.89 5.35
N PHE D 80 42.01 8.81 5.98
CA PHE D 80 40.79 8.17 5.56
C PHE D 80 39.62 8.27 6.51
N SER D 81 39.60 9.29 7.34
CA SER D 81 38.51 9.41 8.27
C SER D 81 37.77 10.75 8.13
N ALA D 82 36.52 10.71 7.67
CA ALA D 82 35.74 11.93 7.55
C ALA D 82 35.30 12.38 8.96
N PRO D 83 35.87 13.49 9.45
CA PRO D 83 35.56 14.03 10.78
C PRO D 83 34.06 14.30 11.00
N TYR D 84 33.64 14.17 12.24
CA TYR D 84 32.26 14.38 12.60
C TYR D 84 31.65 15.77 12.39
N ASP D 85 32.34 16.82 12.78
CA ASP D 85 31.75 18.14 12.59
C ASP D 85 31.69 18.48 11.10
N LEU D 86 32.57 17.85 10.33
CA LEU D 86 32.62 18.04 8.88
C LEU D 86 31.60 17.17 8.12
N VAL D 87 31.02 16.18 8.80
CA VAL D 87 30.07 15.25 8.20
C VAL D 87 28.62 15.51 8.61
N LYS D 88 28.44 15.90 9.85
CA LYS D 88 27.12 16.15 10.42
C LYS D 88 26.25 17.13 9.65
N THR D 89 26.86 17.95 8.80
CA THR D 89 26.11 18.96 8.08
C THR D 89 25.36 18.51 6.81
N MET D 90 25.73 17.36 6.27
CA MET D 90 25.08 16.88 5.05
C MET D 90 25.08 15.38 4.83
N ARG D 91 24.03 14.90 4.18
CA ARG D 91 23.82 13.48 3.90
C ARG D 91 24.87 12.97 2.94
N ALA D 92 25.28 13.82 2.00
CA ALA D 92 26.26 13.44 0.99
C ALA D 92 27.57 12.89 1.55
N SER D 93 27.86 13.18 2.82
CA SER D 93 29.09 12.72 3.45
C SER D 93 29.32 11.22 3.36
N ILE D 94 28.23 10.47 3.40
CA ILE D 94 28.33 9.04 3.33
C ILE D 94 29.04 8.58 2.06
N TRP D 95 29.00 9.39 0.99
CA TRP D 95 29.66 8.99 -0.25
C TRP D 95 31.17 8.91 -0.20
N ALA D 96 31.77 9.36 0.88
CA ALA D 96 33.22 9.32 1.04
C ALA D 96 33.67 7.93 1.48
N LEU D 97 32.75 7.17 2.08
CA LEU D 97 33.10 5.85 2.58
C LEU D 97 33.54 4.84 1.52
N GLY D 98 32.69 4.62 0.53
CA GLY D 98 32.99 3.66 -0.52
C GLY D 98 34.27 3.90 -1.29
N PRO D 99 34.49 5.11 -1.84
CA PRO D 99 35.74 5.33 -2.59
C PRO D 99 36.98 5.06 -1.74
N LEU D 100 37.00 5.55 -0.51
CA LEU D 100 38.14 5.32 0.35
C LEU D 100 38.48 3.84 0.48
N VAL D 101 37.47 3.00 0.78
CA VAL D 101 37.70 1.56 0.94
C VAL D 101 38.11 0.91 -0.38
N ALA D 102 37.51 1.33 -1.47
CA ALA D 102 37.81 0.74 -2.77
C ALA D 102 39.22 1.04 -3.27
N ARG D 103 39.68 2.26 -3.05
CA ARG D 103 40.98 2.68 -3.51
C ARG D 103 42.11 2.51 -2.51
N PHE D 104 41.79 2.64 -1.22
CA PHE D 104 42.83 2.54 -0.21
C PHE D 104 42.68 1.36 0.74
N GLY D 105 41.63 0.57 0.54
CA GLY D 105 41.39 -0.58 1.38
C GLY D 105 40.81 -0.23 2.73
N GLN D 106 40.54 1.04 2.98
CA GLN D 106 39.98 1.42 4.27
C GLN D 106 39.44 2.82 4.34
N GLY D 107 38.44 3.01 5.19
CA GLY D 107 37.83 4.32 5.36
C GLY D 107 36.81 4.24 6.46
N GLN D 108 36.45 5.39 7.01
CA GLN D 108 35.45 5.43 8.05
C GLN D 108 34.78 6.79 7.99
N VAL D 109 33.48 6.81 8.19
CA VAL D 109 32.73 8.05 8.18
C VAL D 109 31.95 8.17 9.48
N SER D 110 31.87 9.36 10.03
CA SER D 110 31.16 9.55 11.28
C SER D 110 29.69 9.37 11.00
N LEU D 111 28.99 8.81 11.97
CA LEU D 111 27.57 8.52 11.82
C LEU D 111 26.57 9.42 12.58
N PRO D 112 25.41 9.75 11.94
CA PRO D 112 24.35 10.57 12.54
C PRO D 112 23.66 9.88 13.73
N GLY D 113 22.93 8.80 13.44
CA GLY D 113 22.26 8.01 14.47
C GLY D 113 21.35 8.58 15.55
N GLY D 114 20.11 8.90 15.20
CA GLY D 114 19.16 9.42 16.17
C GLY D 114 18.23 8.30 16.63
N CYS D 115 17.22 8.00 15.82
CA CYS D 115 16.28 6.91 16.10
C CYS D 115 16.05 6.19 14.76
N ALA D 116 14.78 5.93 14.45
CA ALA D 116 14.34 5.27 13.21
C ALA D 116 15.14 4.05 12.76
N ILE D 117 14.93 2.93 13.47
CA ILE D 117 15.61 1.68 13.15
C ILE D 117 14.96 0.99 11.94
N GLY D 118 15.76 0.30 11.15
CA GLY D 118 15.25 -0.37 9.97
C GLY D 118 14.69 0.68 9.04
N ALA D 119 15.22 1.89 9.16
CA ALA D 119 14.78 3.00 8.34
C ALA D 119 15.98 3.92 8.12
N ARG D 120 17.07 3.69 8.85
CA ARG D 120 18.27 4.52 8.69
C ARG D 120 18.84 4.21 7.31
N PRO D 121 18.73 5.17 6.38
CA PRO D 121 19.18 5.10 4.98
C PRO D 121 20.62 4.70 4.73
N VAL D 122 21.45 4.75 5.77
CA VAL D 122 22.85 4.40 5.61
C VAL D 122 23.06 2.89 5.59
N ASP D 123 22.03 2.14 6.00
CA ASP D 123 22.10 0.70 6.04
C ASP D 123 22.45 0.12 4.68
N LEU D 124 21.76 0.60 3.65
CA LEU D 124 22.01 0.11 2.29
C LEU D 124 23.48 0.33 1.84
N HIS D 125 24.07 1.46 2.21
CA HIS D 125 25.44 1.74 1.83
C HIS D 125 26.31 0.70 2.48
N ILE D 126 26.05 0.48 3.77
CA ILE D 126 26.78 -0.49 4.56
C ILE D 126 26.69 -1.90 3.95
N PHE D 127 25.48 -2.42 3.85
CA PHE D 127 25.29 -3.76 3.31
C PHE D 127 25.79 -3.87 1.87
N GLY D 128 25.78 -2.74 1.17
CA GLY D 128 26.26 -2.73 -0.20
C GLY D 128 27.75 -3.01 -0.23
N LEU D 129 28.51 -2.24 0.52
CA LEU D 129 29.93 -2.44 0.59
C LEU D 129 30.26 -3.85 1.13
N GLU D 130 29.43 -4.34 2.06
CA GLU D 130 29.70 -5.69 2.57
C GLU D 130 29.54 -6.73 1.45
N LYS D 131 28.54 -6.57 0.58
CA LYS D 131 28.34 -7.50 -0.52
C LYS D 131 29.54 -7.47 -1.47
N LEU D 132 30.26 -6.34 -1.47
CA LEU D 132 31.43 -6.18 -2.30
C LEU D 132 32.67 -6.75 -1.60
N GLY D 133 32.49 -7.32 -0.41
CA GLY D 133 33.62 -7.92 0.28
C GLY D 133 34.24 -7.15 1.43
N ALA D 134 33.73 -5.96 1.74
CA ALA D 134 34.28 -5.16 2.83
C ALA D 134 33.85 -5.59 4.24
N GLU D 135 34.76 -5.49 5.20
CA GLU D 135 34.43 -5.79 6.57
C GLU D 135 33.79 -4.50 7.10
N ILE D 136 32.67 -4.62 7.81
CA ILE D 136 32.02 -3.44 8.35
C ILE D 136 32.15 -3.42 9.86
N LYS D 137 32.41 -2.26 10.42
CA LYS D 137 32.54 -2.20 11.84
C LYS D 137 31.79 -0.96 12.33
N LEU D 138 30.84 -1.15 13.24
CA LEU D 138 30.10 -0.03 13.76
C LEU D 138 30.52 0.16 15.21
N GLU D 139 31.10 1.32 15.50
CA GLU D 139 31.57 1.64 16.84
C GLU D 139 31.96 3.10 16.85
N GLU D 140 32.10 3.68 18.05
CA GLU D 140 32.47 5.09 18.15
C GLU D 140 31.55 5.96 17.31
N GLY D 141 30.33 5.53 17.05
CA GLY D 141 29.44 6.34 16.22
C GLY D 141 30.05 6.58 14.85
N TYR D 142 30.80 5.59 14.38
CA TYR D 142 31.46 5.63 13.09
C TYR D 142 31.07 4.39 12.30
N VAL D 143 31.25 4.46 10.99
CA VAL D 143 30.99 3.30 10.17
C VAL D 143 32.35 3.07 9.56
N LYS D 144 33.06 2.07 10.04
CA LYS D 144 34.38 1.79 9.51
C LYS D 144 34.27 0.59 8.60
N ALA D 145 34.93 0.67 7.45
CA ALA D 145 34.94 -0.40 6.46
C ALA D 145 36.38 -0.62 6.05
N SER D 146 36.73 -1.85 5.69
CA SER D 146 38.07 -2.18 5.27
C SER D 146 37.98 -3.41 4.38
N VAL D 147 39.04 -3.73 3.64
CA VAL D 147 38.99 -4.91 2.80
C VAL D 147 40.38 -5.50 2.64
N ASN D 148 40.44 -6.81 2.42
CA ASN D 148 41.72 -7.47 2.18
C ASN D 148 41.89 -7.46 0.68
N GLY D 149 42.97 -6.84 0.19
CA GLY D 149 43.18 -6.76 -1.24
C GLY D 149 42.15 -5.82 -1.85
N ARG D 150 41.59 -6.18 -3.00
CA ARG D 150 40.55 -5.35 -3.63
C ARG D 150 39.14 -5.82 -3.25
N LEU D 151 38.13 -5.03 -3.58
CA LEU D 151 36.75 -5.41 -3.35
C LEU D 151 36.47 -6.50 -4.38
N LYS D 152 35.49 -7.36 -4.11
CA LYS D 152 35.15 -8.43 -5.03
C LYS D 152 33.76 -8.17 -5.66
N GLY D 153 33.76 -8.09 -6.98
CA GLY D 153 32.52 -7.85 -7.70
C GLY D 153 31.44 -8.82 -7.26
N ALA D 154 30.25 -8.30 -7.03
CA ALA D 154 29.12 -9.10 -6.59
C ALA D 154 27.88 -8.75 -7.37
N HIS D 155 26.87 -9.61 -7.22
CA HIS D 155 25.59 -9.42 -7.88
C HIS D 155 24.67 -8.99 -6.75
N ILE D 156 24.29 -7.72 -6.78
CA ILE D 156 23.49 -7.13 -5.73
C ILE D 156 22.05 -6.74 -6.06
N VAL D 157 21.11 -7.23 -5.27
CA VAL D 157 19.72 -6.90 -5.50
C VAL D 157 19.27 -5.84 -4.49
N MET D 158 18.90 -4.65 -4.99
CA MET D 158 18.45 -3.55 -4.15
C MET D 158 16.99 -3.78 -3.85
N ASP D 159 16.62 -3.84 -2.58
CA ASP D 159 15.22 -4.06 -2.23
C ASP D 159 14.46 -2.77 -2.45
N LYS D 160 15.05 -1.67 -2.03
CA LYS D 160 14.40 -0.38 -2.20
C LYS D 160 15.24 0.34 -3.24
N VAL D 161 14.61 1.04 -4.15
CA VAL D 161 15.40 1.79 -5.13
C VAL D 161 16.03 2.90 -4.30
N SER D 162 17.35 3.03 -4.36
CA SER D 162 18.03 4.05 -3.57
C SER D 162 19.06 4.82 -4.35
N VAL D 163 18.85 6.13 -4.48
CA VAL D 163 19.80 6.96 -5.20
C VAL D 163 21.17 6.85 -4.53
N GLY D 164 21.24 7.18 -3.25
CA GLY D 164 22.48 7.16 -2.51
C GLY D 164 23.27 5.88 -2.52
N ALA D 165 22.58 4.76 -2.31
CA ALA D 165 23.24 3.46 -2.27
C ALA D 165 23.71 3.05 -3.69
N THR D 166 22.93 3.41 -4.70
CA THR D 166 23.30 3.08 -6.05
C THR D 166 24.67 3.71 -6.30
N VAL D 167 24.84 4.94 -5.81
CA VAL D 167 26.08 5.66 -6.01
C VAL D 167 27.24 5.05 -5.26
N THR D 168 26.99 4.64 -4.03
CA THR D 168 28.06 4.05 -3.26
C THR D 168 28.47 2.73 -3.88
N ILE D 169 27.50 1.88 -4.18
CA ILE D 169 27.85 0.61 -4.78
C ILE D 169 28.50 0.73 -6.16
N MET D 170 27.92 1.53 -7.03
CA MET D 170 28.46 1.72 -8.37
C MET D 170 29.87 2.30 -8.32
N SER D 171 30.06 3.37 -7.56
CA SER D 171 31.37 3.98 -7.46
C SER D 171 32.43 3.01 -6.96
N ALA D 172 32.16 2.34 -5.83
CA ALA D 172 33.12 1.41 -5.26
C ALA D 172 33.43 0.26 -6.20
N ALA D 173 32.43 -0.19 -6.94
CA ALA D 173 32.63 -1.32 -7.86
C ALA D 173 33.61 -1.06 -9.01
N THR D 174 33.80 0.20 -9.39
CA THR D 174 34.72 0.54 -10.47
C THR D 174 36.17 0.04 -10.26
N LEU D 175 36.53 -0.21 -9.01
CA LEU D 175 37.86 -0.66 -8.66
C LEU D 175 37.91 -2.07 -8.10
N ALA D 176 36.76 -2.75 -8.11
CA ALA D 176 36.68 -4.12 -7.59
C ALA D 176 37.17 -5.14 -8.61
N GLU D 177 37.47 -6.35 -8.14
CA GLU D 177 37.92 -7.43 -9.03
C GLU D 177 36.69 -8.10 -9.61
N GLY D 178 36.58 -8.08 -10.92
CA GLY D 178 35.44 -8.69 -11.56
C GLY D 178 34.28 -7.78 -11.87
N THR D 179 33.12 -8.41 -12.04
CA THR D 179 31.89 -7.74 -12.39
C THR D 179 30.89 -7.56 -11.27
N THR D 180 30.24 -6.40 -11.23
CA THR D 180 29.22 -6.06 -10.26
C THR D 180 27.92 -5.75 -10.99
N ILE D 181 26.82 -6.34 -10.51
CA ILE D 181 25.53 -6.08 -11.14
C ILE D 181 24.59 -5.56 -10.08
N ILE D 182 24.02 -4.37 -10.30
CA ILE D 182 23.10 -3.80 -9.35
C ILE D 182 21.70 -3.93 -9.92
N GLU D 183 20.83 -4.68 -9.23
CA GLU D 183 19.47 -4.84 -9.71
C GLU D 183 18.59 -3.83 -9.01
N ASN D 184 17.58 -3.35 -9.73
CA ASN D 184 16.69 -2.36 -9.18
C ASN D 184 17.46 -1.09 -8.79
N ALA D 185 18.34 -0.63 -9.66
CA ALA D 185 19.14 0.56 -9.41
C ALA D 185 18.35 1.82 -9.69
N ALA D 186 18.70 2.90 -8.98
CA ALA D 186 18.07 4.22 -9.15
C ALA D 186 18.38 4.66 -10.58
N ARG D 187 17.38 5.19 -11.27
CA ARG D 187 17.55 5.58 -12.67
C ARG D 187 17.69 7.06 -12.94
N GLU D 188 17.67 7.88 -11.89
CA GLU D 188 17.81 9.32 -12.04
C GLU D 188 18.93 9.77 -12.98
N PRO D 189 18.74 10.94 -13.64
CA PRO D 189 19.73 11.52 -14.57
C PRO D 189 21.04 11.80 -13.84
N GLU D 190 20.96 12.03 -12.52
CA GLU D 190 22.16 12.29 -11.74
C GLU D 190 23.02 11.02 -11.55
N ILE D 191 22.38 9.85 -11.61
CA ILE D 191 23.05 8.55 -11.48
C ILE D 191 23.79 8.32 -12.80
N VAL D 192 23.10 8.62 -13.88
CA VAL D 192 23.67 8.46 -15.20
C VAL D 192 24.87 9.39 -15.37
N ASP D 193 24.77 10.59 -14.81
CA ASP D 193 25.87 11.54 -14.93
C ASP D 193 27.03 11.03 -14.14
N THR D 194 26.76 10.51 -12.94
CA THR D 194 27.84 9.97 -12.14
C THR D 194 28.46 8.77 -12.86
N ALA D 195 27.66 7.95 -13.53
CA ALA D 195 28.20 6.80 -14.27
C ALA D 195 29.15 7.31 -15.36
N ASN D 196 28.69 8.28 -16.13
CA ASN D 196 29.50 8.82 -17.21
C ASN D 196 30.79 9.49 -16.73
N PHE D 197 30.75 10.08 -15.54
CA PHE D 197 31.93 10.70 -14.99
C PHE D 197 32.97 9.58 -14.74
N LEU D 198 32.58 8.55 -14.01
CA LEU D 198 33.47 7.42 -13.74
C LEU D 198 33.98 6.81 -15.05
N VAL D 199 33.10 6.68 -16.04
CA VAL D 199 33.52 6.14 -17.32
C VAL D 199 34.55 7.10 -17.90
N ALA D 200 34.33 8.41 -17.76
CA ALA D 200 35.28 9.36 -18.31
C ALA D 200 36.68 9.15 -17.71
N LEU D 201 36.72 8.70 -16.46
CA LEU D 201 38.01 8.47 -15.79
C LEU D 201 38.63 7.12 -16.11
N GLY D 202 37.91 6.28 -16.84
CA GLY D 202 38.45 4.98 -17.18
C GLY D 202 37.68 3.80 -16.61
N ALA D 203 36.52 4.06 -16.04
CA ALA D 203 35.72 2.98 -15.50
C ALA D 203 34.91 2.31 -16.62
N LYS D 204 34.50 1.06 -16.38
CA LYS D 204 33.69 0.30 -17.33
C LYS D 204 32.30 0.09 -16.74
N ILE D 205 31.34 0.90 -17.18
CA ILE D 205 29.98 0.82 -16.67
C ILE D 205 28.99 0.88 -17.80
N SER D 206 27.86 0.19 -17.66
CA SER D 206 26.83 0.21 -18.68
C SER D 206 25.49 -0.05 -18.04
N GLY D 207 24.43 0.35 -18.74
CA GLY D 207 23.12 0.19 -18.18
C GLY D 207 22.72 1.35 -17.29
N GLN D 208 23.57 2.35 -17.09
CA GLN D 208 23.19 3.45 -16.23
C GLN D 208 21.93 4.07 -16.82
N GLY D 209 20.99 4.46 -15.96
CA GLY D 209 19.75 4.99 -16.47
C GLY D 209 18.69 3.90 -16.56
N THR D 210 19.08 2.64 -16.41
CA THR D 210 18.10 1.56 -16.46
C THR D 210 17.98 0.87 -15.10
N ASP D 211 17.23 -0.24 -15.10
CA ASP D 211 16.97 -1.05 -13.93
C ASP D 211 18.21 -1.72 -13.34
N ARG D 212 19.12 -2.14 -14.23
CA ARG D 212 20.34 -2.80 -13.76
C ARG D 212 21.61 -2.28 -14.38
N ILE D 213 22.53 -1.90 -13.50
CA ILE D 213 23.82 -1.38 -13.89
C ILE D 213 24.88 -2.48 -13.80
N THR D 214 25.80 -2.49 -14.76
CA THR D 214 26.83 -3.49 -14.74
C THR D 214 28.17 -2.78 -14.75
N ILE D 215 29.01 -3.09 -13.75
CA ILE D 215 30.31 -2.48 -13.65
C ILE D 215 31.36 -3.55 -13.77
N GLU D 216 32.39 -3.26 -14.55
CA GLU D 216 33.50 -4.18 -14.74
C GLU D 216 34.70 -3.49 -14.13
N GLY D 217 35.13 -4.00 -12.99
CA GLY D 217 36.23 -3.39 -12.28
C GLY D 217 37.52 -3.22 -13.05
N VAL D 218 38.17 -2.09 -12.87
CA VAL D 218 39.46 -1.86 -13.50
C VAL D 218 40.55 -1.61 -12.44
N GLU D 219 41.81 -1.69 -12.87
CA GLU D 219 42.98 -1.50 -12.01
C GLU D 219 42.95 -0.19 -11.29
N ARG D 220 42.70 0.87 -12.04
CA ARG D 220 42.66 2.21 -11.49
C ARG D 220 41.98 3.18 -12.43
N LEU D 221 41.59 4.33 -11.89
CA LEU D 221 40.95 5.40 -12.65
C LEU D 221 41.91 6.56 -12.73
N GLY D 222 41.98 7.20 -13.88
CA GLY D 222 42.90 8.30 -14.06
C GLY D 222 42.25 9.64 -13.78
N GLY D 223 42.56 10.64 -14.61
CA GLY D 223 41.99 11.96 -14.41
C GLY D 223 41.37 12.52 -15.67
N GLY D 224 41.17 13.84 -15.70
CA GLY D 224 40.59 14.43 -16.88
C GLY D 224 39.66 15.58 -16.58
N VAL D 225 38.67 15.74 -17.46
CA VAL D 225 37.68 16.79 -17.36
C VAL D 225 36.27 16.22 -17.61
N TYR D 226 35.30 16.70 -16.81
CA TYR D 226 33.91 16.28 -16.95
C TYR D 226 32.99 17.45 -16.58
N ARG D 227 31.93 17.65 -17.35
CA ARG D 227 31.00 18.75 -17.11
C ARG D 227 29.69 18.23 -16.46
N VAL D 228 29.43 18.68 -15.24
CA VAL D 228 28.25 18.27 -14.51
C VAL D 228 26.99 18.65 -15.27
N LEU D 229 26.02 17.73 -15.36
CA LEU D 229 24.79 18.01 -16.09
C LEU D 229 23.97 19.16 -15.48
N PRO D 230 23.11 19.80 -16.29
CA PRO D 230 22.27 20.92 -15.86
C PRO D 230 21.24 20.51 -14.81
N ASP D 231 20.84 21.45 -13.98
CA ASP D 231 19.87 21.20 -12.91
C ASP D 231 18.45 21.14 -13.52
N ARG D 232 17.97 19.93 -13.81
CA ARG D 232 16.66 19.74 -14.39
C ARG D 232 15.55 20.34 -13.55
N ILE D 233 15.71 20.33 -12.22
CA ILE D 233 14.67 20.89 -11.37
C ILE D 233 14.68 22.42 -11.46
N GLU D 234 15.87 23.01 -11.49
CA GLU D 234 15.99 24.45 -11.59
C GLU D 234 15.36 24.82 -12.92
N THR D 235 15.64 24.04 -13.95
CA THR D 235 15.11 24.33 -15.27
C THR D 235 13.61 24.35 -15.21
N GLY D 236 13.05 23.30 -14.62
CA GLY D 236 11.61 23.19 -14.49
C GLY D 236 10.99 24.35 -13.77
N THR D 237 11.69 24.84 -12.74
CA THR D 237 11.20 25.97 -11.94
C THR D 237 11.04 27.21 -12.83
N PHE D 238 12.04 27.47 -13.65
CA PHE D 238 11.98 28.65 -14.50
C PHE D 238 10.95 28.54 -15.62
N LEU D 239 10.78 27.34 -16.18
CA LEU D 239 9.80 27.16 -17.24
C LEU D 239 8.42 27.47 -16.63
N VAL D 240 8.23 27.08 -15.38
CA VAL D 240 6.96 27.31 -14.70
C VAL D 240 6.80 28.80 -14.41
N ALA D 241 7.92 29.49 -14.15
CA ALA D 241 7.87 30.92 -13.87
C ALA D 241 7.26 31.65 -15.06
N ALA D 242 7.67 31.27 -16.27
CA ALA D 242 7.15 31.89 -17.47
C ALA D 242 5.72 31.42 -17.76
N ALA D 243 5.52 30.11 -17.67
CA ALA D 243 4.23 29.48 -17.91
C ALA D 243 3.08 29.99 -17.05
N ILE D 244 3.38 30.40 -15.82
CA ILE D 244 2.32 30.91 -14.94
C ILE D 244 2.24 32.43 -14.95
N SER D 245 2.97 33.10 -15.84
CA SER D 245 2.96 34.56 -15.89
C SER D 245 2.78 35.12 -17.30
N GLY D 246 2.25 34.28 -18.19
CA GLY D 246 2.03 34.70 -19.55
C GLY D 246 3.34 35.03 -20.22
N GLY D 247 4.44 34.63 -19.57
CA GLY D 247 5.76 34.92 -20.11
C GLY D 247 6.28 34.07 -21.24
N LYS D 248 7.49 34.40 -21.68
CA LYS D 248 8.22 33.69 -22.71
C LYS D 248 9.63 33.65 -22.13
N ILE D 249 10.28 32.49 -22.22
CA ILE D 249 11.62 32.34 -21.66
C ILE D 249 12.45 31.32 -22.43
N VAL D 250 13.75 31.50 -22.39
CA VAL D 250 14.64 30.54 -23.05
C VAL D 250 15.63 30.15 -21.99
N CYS D 251 15.72 28.85 -21.75
CA CYS D 251 16.64 28.31 -20.77
C CYS D 251 17.89 27.87 -21.53
N ARG D 252 19.03 28.50 -21.21
CA ARG D 252 20.32 28.19 -21.84
C ARG D 252 21.05 27.16 -20.98
N ASN D 253 21.97 26.41 -21.58
CA ASN D 253 22.74 25.41 -20.84
C ASN D 253 21.78 24.46 -20.18
N ALA D 254 20.85 23.94 -20.97
CA ALA D 254 19.88 23.01 -20.42
C ALA D 254 20.04 21.68 -21.13
N GLN D 255 19.37 20.64 -20.62
CA GLN D 255 19.43 19.34 -21.25
C GLN D 255 18.00 18.80 -21.34
N PRO D 256 17.31 19.12 -22.43
CA PRO D 256 15.93 18.72 -22.69
C PRO D 256 15.57 17.25 -22.37
N ASP D 257 16.44 16.31 -22.73
CA ASP D 257 16.10 14.91 -22.50
C ASP D 257 15.97 14.45 -21.04
N THR D 258 16.22 15.34 -20.10
CA THR D 258 16.09 14.98 -18.69
C THR D 258 14.74 15.45 -18.20
N LEU D 259 13.96 16.05 -19.10
CA LEU D 259 12.67 16.63 -18.75
C LEU D 259 11.45 16.24 -19.59
N ASP D 260 11.53 15.13 -20.30
CA ASP D 260 10.44 14.69 -21.13
C ASP D 260 9.06 14.88 -20.46
N ALA D 261 8.90 14.30 -19.28
CA ALA D 261 7.64 14.36 -18.56
C ALA D 261 7.24 15.76 -18.15
N VAL D 262 8.20 16.60 -17.82
CA VAL D 262 7.85 17.95 -17.44
C VAL D 262 7.48 18.80 -18.63
N LEU D 263 8.22 18.67 -19.71
CA LEU D 263 7.91 19.44 -20.90
C LEU D 263 6.54 19.05 -21.44
N ALA D 264 6.28 17.75 -21.52
CA ALA D 264 4.99 17.28 -22.02
C ALA D 264 3.90 17.85 -21.14
N LYS D 265 4.14 17.80 -19.83
CA LYS D 265 3.13 18.31 -18.92
C LYS D 265 2.85 19.79 -19.15
N LEU D 266 3.88 20.57 -19.49
CA LEU D 266 3.70 22.00 -19.74
C LEU D 266 2.95 22.27 -21.04
N ARG D 267 3.17 21.41 -22.05
CA ARG D 267 2.48 21.56 -23.32
C ARG D 267 1.00 21.39 -23.06
N GLU D 268 0.66 20.37 -22.25
CA GLU D 268 -0.72 20.11 -21.87
C GLU D 268 -1.31 21.33 -21.17
N ALA D 269 -0.46 22.09 -20.46
CA ALA D 269 -0.95 23.27 -19.77
C ALA D 269 -1.18 24.39 -20.77
N GLY D 270 -0.77 24.17 -22.02
CA GLY D 270 -0.95 25.16 -23.05
C GLY D 270 0.32 25.87 -23.49
N ALA D 271 1.47 25.46 -22.97
CA ALA D 271 2.71 26.11 -23.32
C ALA D 271 3.17 25.69 -24.70
N ASP D 272 3.72 26.67 -25.42
CA ASP D 272 4.27 26.51 -26.75
C ASP D 272 5.77 26.31 -26.51
N ILE D 273 6.22 25.07 -26.70
CA ILE D 273 7.61 24.75 -26.42
C ILE D 273 8.49 24.24 -27.55
N GLU D 274 9.72 24.74 -27.59
CA GLU D 274 10.69 24.36 -28.59
C GLU D 274 11.94 24.02 -27.82
N THR D 275 12.66 23.01 -28.28
CA THR D 275 13.90 22.62 -27.64
C THR D 275 15.00 22.50 -28.66
N GLY D 276 16.23 22.62 -28.19
CA GLY D 276 17.39 22.51 -29.05
C GLY D 276 18.31 21.46 -28.46
N GLU D 277 19.59 21.55 -28.77
CA GLU D 277 20.58 20.60 -28.28
C GLU D 277 20.91 20.90 -26.80
N ASP D 278 20.98 22.18 -26.44
CA ASP D 278 21.30 22.58 -25.08
C ASP D 278 20.47 23.75 -24.56
N TRP D 279 19.26 23.92 -25.10
CA TRP D 279 18.37 24.99 -24.67
C TRP D 279 16.92 24.56 -24.84
N ILE D 280 16.02 25.20 -24.07
CA ILE D 280 14.58 24.94 -24.12
C ILE D 280 13.87 26.27 -24.10
N SER D 281 12.88 26.46 -24.95
CA SER D 281 12.17 27.74 -24.92
C SER D 281 10.70 27.48 -24.66
N LEU D 282 10.09 28.33 -23.86
CA LEU D 282 8.68 28.18 -23.56
C LEU D 282 7.97 29.52 -23.73
N ASP D 283 6.87 29.50 -24.51
CA ASP D 283 6.06 30.70 -24.77
C ASP D 283 4.58 30.48 -24.41
N MET D 284 4.01 31.35 -23.59
CA MET D 284 2.58 31.23 -23.25
C MET D 284 1.76 32.15 -24.16
N HIS D 285 2.44 32.99 -24.93
CA HIS D 285 1.77 33.94 -25.80
C HIS D 285 0.75 34.74 -24.96
N GLY D 286 1.22 35.28 -23.84
CA GLY D 286 0.38 36.08 -22.96
C GLY D 286 -0.87 35.42 -22.40
N LYS D 287 -1.00 34.11 -22.52
CA LYS D 287 -2.18 33.41 -22.04
C LYS D 287 -2.00 32.70 -20.70
N ARG D 288 -3.12 32.50 -20.00
CA ARG D 288 -3.10 31.81 -18.72
C ARG D 288 -2.82 30.34 -19.01
N PRO D 289 -2.31 29.61 -18.03
CA PRO D 289 -2.04 28.20 -18.29
C PRO D 289 -3.33 27.42 -18.03
N LYS D 290 -3.49 26.26 -18.68
CA LYS D 290 -4.69 25.44 -18.47
C LYS D 290 -4.42 24.43 -17.36
N ALA D 291 -5.45 24.09 -16.61
CA ALA D 291 -5.28 23.14 -15.54
C ALA D 291 -4.85 21.78 -16.09
N VAL D 292 -3.96 21.10 -15.37
CA VAL D 292 -3.44 19.80 -15.77
C VAL D 292 -3.55 18.74 -14.68
N THR D 293 -3.50 17.48 -15.10
CA THR D 293 -3.54 16.36 -14.18
C THR D 293 -2.09 15.88 -14.03
N VAL D 294 -1.66 15.75 -12.78
CA VAL D 294 -0.30 15.34 -12.50
C VAL D 294 -0.19 14.21 -11.48
N ARG D 295 0.65 13.23 -11.79
CA ARG D 295 0.88 12.10 -10.91
C ARG D 295 2.38 11.89 -10.82
N THR D 296 2.97 12.22 -9.68
CA THR D 296 4.42 12.04 -9.51
C THR D 296 4.75 10.55 -9.50
N ALA D 297 5.92 10.22 -10.02
CA ALA D 297 6.33 8.84 -10.07
C ALA D 297 7.85 8.77 -10.29
N PRO D 298 8.42 7.57 -10.30
CA PRO D 298 9.87 7.41 -10.51
C PRO D 298 10.34 7.83 -11.90
N HIS D 299 11.49 8.51 -11.96
CA HIS D 299 12.06 8.97 -13.22
C HIS D 299 12.10 7.78 -14.16
N PRO D 300 11.89 7.99 -15.48
CA PRO D 300 11.61 9.20 -16.25
C PRO D 300 10.23 9.82 -16.15
N ALA D 301 9.39 9.34 -15.22
CA ALA D 301 8.04 9.90 -15.07
C ALA D 301 8.09 11.29 -14.40
N PHE D 302 6.94 11.92 -14.21
CA PHE D 302 6.91 13.26 -13.63
C PHE D 302 7.62 13.26 -12.27
N PRO D 303 8.58 14.16 -12.07
CA PRO D 303 9.33 14.26 -10.82
C PRO D 303 8.63 14.92 -9.59
N THR D 304 8.76 14.27 -8.45
CA THR D 304 8.15 14.82 -7.26
C THR D 304 8.75 16.18 -6.89
N ASP D 305 9.98 16.44 -7.32
CA ASP D 305 10.62 17.71 -7.01
C ASP D 305 10.04 18.90 -7.79
N MET D 306 9.18 18.64 -8.78
CA MET D 306 8.57 19.70 -9.56
C MET D 306 7.13 19.83 -9.14
N GLN D 307 6.70 18.94 -8.25
CA GLN D 307 5.33 18.92 -7.80
C GLN D 307 4.76 20.21 -7.18
N ALA D 308 5.47 20.83 -6.24
CA ALA D 308 4.97 22.06 -5.64
C ALA D 308 4.82 23.14 -6.69
N GLN D 309 5.73 23.18 -7.65
CA GLN D 309 5.68 24.18 -8.71
C GLN D 309 4.45 24.01 -9.60
N PHE D 310 4.15 22.77 -9.99
CA PHE D 310 2.99 22.53 -10.80
C PHE D 310 1.71 22.72 -10.01
N THR D 311 1.77 22.56 -8.70
CA THR D 311 0.59 22.77 -7.85
C THR D 311 0.24 24.23 -7.98
N LEU D 312 1.27 25.08 -7.98
CA LEU D 312 1.08 26.52 -8.12
C LEU D 312 0.53 26.84 -9.52
N LEU D 313 1.00 26.12 -10.51
CA LEU D 313 0.55 26.35 -11.87
C LEU D 313 -0.95 26.11 -11.98
N ASN D 314 -1.41 25.02 -11.37
CA ASN D 314 -2.82 24.69 -11.40
C ASN D 314 -3.65 25.72 -10.68
N LEU D 315 -3.16 26.14 -9.51
CA LEU D 315 -3.89 27.10 -8.68
C LEU D 315 -4.11 28.48 -9.31
N VAL D 316 -3.40 28.78 -10.39
CA VAL D 316 -3.57 30.05 -11.11
C VAL D 316 -3.95 29.75 -12.57
N ALA D 317 -4.23 28.50 -12.84
CA ALA D 317 -4.57 28.09 -14.19
C ALA D 317 -6.07 28.18 -14.41
N GLU D 318 -6.46 27.84 -15.63
CA GLU D 318 -7.84 27.83 -16.04
C GLU D 318 -8.41 26.44 -15.80
N GLY D 319 -9.29 26.30 -14.82
CA GLY D 319 -9.92 25.02 -14.57
C GLY D 319 -9.46 24.25 -13.36
N THR D 320 -9.93 23.02 -13.24
CA THR D 320 -9.56 22.16 -12.12
C THR D 320 -8.61 21.03 -12.51
N GLY D 321 -7.63 20.80 -11.62
CA GLY D 321 -6.64 19.75 -11.80
C GLY D 321 -6.22 19.16 -10.46
N VAL D 322 -6.09 17.83 -10.42
CA VAL D 322 -5.70 17.15 -9.20
C VAL D 322 -4.25 16.68 -9.27
N ILE D 323 -3.47 17.07 -8.25
CA ILE D 323 -2.07 16.68 -8.18
C ILE D 323 -1.91 15.47 -7.26
N THR D 324 -1.25 14.42 -7.73
CA THR D 324 -1.08 13.23 -6.91
C THR D 324 0.38 12.92 -6.58
N GLU D 325 0.66 12.64 -5.31
CA GLU D 325 2.01 12.35 -4.85
C GLU D 325 2.14 10.89 -4.38
N THR D 326 2.88 10.08 -5.14
CA THR D 326 3.08 8.66 -4.79
C THR D 326 4.49 8.40 -4.28
N ILE D 327 5.22 9.47 -3.98
CA ILE D 327 6.59 9.37 -3.46
C ILE D 327 6.62 9.92 -2.04
N PHE D 328 6.31 11.21 -1.91
CA PHE D 328 6.31 11.92 -0.62
C PHE D 328 4.92 12.32 -0.09
N GLU D 329 4.36 11.47 0.75
CA GLU D 329 3.05 11.69 1.34
C GLU D 329 2.71 13.10 1.83
N ASN D 330 3.66 13.81 2.44
CA ASN D 330 3.38 15.15 2.96
C ASN D 330 3.96 16.30 2.16
N ARG D 331 4.34 16.02 0.93
CA ARG D 331 4.93 17.05 0.08
C ARG D 331 3.79 18.03 -0.30
N PHE D 332 3.02 18.47 0.69
CA PHE D 332 1.90 19.41 0.44
C PHE D 332 1.88 20.60 1.37
N MET D 333 2.93 20.73 2.15
CA MET D 333 3.03 21.81 3.11
C MET D 333 2.95 23.20 2.51
N HIS D 334 2.98 23.29 1.18
CA HIS D 334 2.93 24.60 0.53
C HIS D 334 1.50 25.06 0.26
N VAL D 335 0.56 24.13 0.23
CA VAL D 335 -0.81 24.50 -0.06
C VAL D 335 -1.40 25.48 0.97
N PRO D 336 -1.31 25.15 2.26
CA PRO D 336 -1.87 26.06 3.28
C PRO D 336 -1.41 27.48 3.02
N GLU D 337 -0.14 27.58 2.68
CA GLU D 337 0.51 28.84 2.39
C GLU D 337 -0.02 29.50 1.13
N LEU D 338 -0.28 28.69 0.12
CA LEU D 338 -0.83 29.23 -1.13
C LEU D 338 -2.30 29.64 -0.93
N ILE D 339 -3.06 28.87 -0.15
CA ILE D 339 -4.44 29.23 0.11
C ILE D 339 -4.48 30.62 0.76
N ARG D 340 -3.56 30.85 1.69
CA ARG D 340 -3.44 32.12 2.39
C ARG D 340 -3.22 33.25 1.39
N MET D 341 -2.79 32.90 0.19
CA MET D 341 -2.54 33.90 -0.83
C MET D 341 -3.76 33.96 -1.76
N GLY D 342 -4.82 33.30 -1.33
CA GLY D 342 -6.06 33.31 -2.10
C GLY D 342 -6.32 32.19 -3.09
N ALA D 343 -5.61 31.09 -3.00
CA ALA D 343 -5.83 29.99 -3.92
C ALA D 343 -6.97 29.15 -3.37
N HIS D 344 -7.59 28.37 -4.23
CA HIS D 344 -8.70 27.49 -3.82
C HIS D 344 -8.27 26.06 -4.10
N ALA D 345 -8.04 25.28 -3.04
CA ALA D 345 -7.59 23.90 -3.19
C ALA D 345 -8.03 23.03 -2.00
N GLU D 346 -8.17 21.73 -2.25
CA GLU D 346 -8.56 20.78 -1.21
C GLU D 346 -7.56 19.67 -1.19
N ILE D 347 -7.15 19.26 0.00
CA ILE D 347 -6.22 18.16 0.10
C ILE D 347 -7.06 16.94 0.45
N GLU D 348 -6.69 15.79 -0.08
CA GLU D 348 -7.43 14.58 0.19
C GLU D 348 -6.44 13.47 -0.06
N SER D 349 -5.85 12.98 1.02
CA SER D 349 -4.86 11.91 0.93
C SER D 349 -3.58 12.41 0.27
N ASN D 350 -3.04 11.59 -0.63
CA ASN D 350 -1.83 11.89 -1.39
C ASN D 350 -2.24 12.72 -2.60
N THR D 351 -3.24 13.57 -2.41
CA THR D 351 -3.81 14.36 -3.49
C THR D 351 -4.18 15.80 -3.12
N VAL D 352 -4.20 16.69 -4.11
CA VAL D 352 -4.62 18.06 -3.86
C VAL D 352 -5.43 18.55 -5.07
N ILE D 353 -6.73 18.76 -4.83
CA ILE D 353 -7.64 19.23 -5.87
C ILE D 353 -7.41 20.73 -6.02
N CYS D 354 -7.05 21.18 -7.21
CA CYS D 354 -6.79 22.61 -7.43
C CYS D 354 -7.87 23.27 -8.30
N HIS D 355 -8.26 24.47 -7.91
CA HIS D 355 -9.26 25.24 -8.65
C HIS D 355 -8.59 26.58 -8.93
N GLY D 356 -8.22 26.76 -10.19
CA GLY D 356 -7.53 27.97 -10.61
C GLY D 356 -8.29 29.24 -10.34
N VAL D 357 -7.56 30.30 -10.00
CA VAL D 357 -8.16 31.60 -9.73
C VAL D 357 -7.42 32.58 -10.65
N GLU D 358 -8.06 33.70 -10.99
CA GLU D 358 -7.47 34.68 -11.89
C GLU D 358 -6.14 35.23 -11.38
N LYS D 359 -6.11 35.68 -10.13
CA LYS D 359 -4.87 36.19 -9.57
C LYS D 359 -4.81 35.97 -8.07
N LEU D 360 -3.59 35.87 -7.55
CA LEU D 360 -3.33 35.64 -6.12
C LEU D 360 -3.04 36.96 -5.38
N SER D 361 -3.12 36.93 -4.05
CA SER D 361 -2.86 38.14 -3.27
C SER D 361 -1.63 37.94 -2.39
N GLY D 362 -0.80 38.98 -2.33
CA GLY D 362 0.38 38.93 -1.50
C GLY D 362 0.04 38.57 -0.06
N ALA D 363 1.03 38.03 0.65
CA ALA D 363 0.84 37.62 2.02
C ALA D 363 2.22 37.22 2.55
N GLN D 364 2.26 36.81 3.81
CA GLN D 364 3.49 36.38 4.42
C GLN D 364 3.44 34.88 4.47
N VAL D 365 4.44 34.24 3.86
CA VAL D 365 4.46 32.80 3.78
C VAL D 365 5.82 32.24 4.07
N MET D 366 5.85 30.95 4.38
CA MET D 366 7.10 30.27 4.66
C MET D 366 6.93 28.76 4.44
N ALA D 367 7.97 28.11 3.90
CA ALA D 367 7.93 26.67 3.63
C ALA D 367 9.32 26.09 3.89
N THR D 368 9.38 24.95 4.58
CA THR D 368 10.65 24.32 4.88
C THR D 368 11.26 23.57 3.67
N ASP D 369 10.40 22.98 2.84
CA ASP D 369 10.85 22.27 1.65
C ASP D 369 11.43 23.28 0.64
N LEU D 370 12.62 22.96 0.15
CA LEU D 370 13.34 23.75 -0.84
C LEU D 370 12.47 24.17 -2.03
N ARG D 371 11.78 23.19 -2.64
CA ARG D 371 10.93 23.40 -3.83
C ARG D 371 9.61 24.08 -3.54
N ALA D 372 9.02 23.73 -2.39
CA ALA D 372 7.78 24.35 -1.99
C ALA D 372 8.05 25.85 -1.82
N SER D 373 9.18 26.14 -1.18
CA SER D 373 9.60 27.52 -0.91
C SER D 373 9.84 28.28 -2.22
N ALA D 374 10.55 27.69 -3.18
CA ALA D 374 10.81 28.38 -4.44
C ALA D 374 9.51 28.71 -5.11
N SER D 375 8.52 27.86 -4.89
CA SER D 375 7.21 28.07 -5.49
C SER D 375 6.51 29.29 -4.89
N LEU D 376 6.77 29.55 -3.60
CA LEU D 376 6.18 30.68 -2.88
C LEU D 376 6.75 31.99 -3.41
N VAL D 377 8.01 31.93 -3.84
CA VAL D 377 8.62 33.12 -4.39
C VAL D 377 7.99 33.35 -5.78
N LEU D 378 7.65 32.27 -6.48
CA LEU D 378 7.06 32.43 -7.81
C LEU D 378 5.64 32.99 -7.59
N ALA D 379 4.92 32.43 -6.62
CA ALA D 379 3.57 32.90 -6.31
C ALA D 379 3.67 34.39 -5.97
N GLY D 380 4.69 34.77 -5.21
CA GLY D 380 4.88 36.16 -4.85
C GLY D 380 5.02 37.02 -6.10
N CYS D 381 5.78 36.56 -7.09
CA CYS D 381 6.00 37.29 -8.35
C CYS D 381 4.76 37.61 -9.18
N ILE D 382 3.74 36.74 -9.13
CA ILE D 382 2.54 36.98 -9.90
C ILE D 382 1.38 37.35 -9.00
N ALA D 383 1.66 37.41 -7.70
CA ALA D 383 0.65 37.77 -6.73
C ALA D 383 0.38 39.27 -6.81
N GLU D 384 -0.77 39.70 -6.27
CA GLU D 384 -1.12 41.11 -6.27
C GLU D 384 -0.52 41.65 -4.97
N GLY D 385 0.29 42.70 -5.10
CA GLY D 385 0.88 43.31 -3.92
C GLY D 385 2.28 42.88 -3.57
N THR D 386 2.53 42.77 -2.26
CA THR D 386 3.84 42.40 -1.73
C THR D 386 3.84 41.11 -0.91
N THR D 387 4.65 40.17 -1.36
CA THR D 387 4.77 38.89 -0.70
C THR D 387 6.11 38.80 0.03
N VAL D 388 6.11 38.13 1.19
CA VAL D 388 7.32 37.96 1.95
C VAL D 388 7.44 36.49 2.30
N VAL D 389 8.48 35.87 1.74
CA VAL D 389 8.81 34.46 1.93
C VAL D 389 9.95 34.38 2.94
N ASP D 390 9.65 33.82 4.11
CA ASP D 390 10.61 33.70 5.20
C ASP D 390 11.51 32.45 5.08
N ARG D 391 12.54 32.39 5.95
CA ARG D 391 13.49 31.29 6.00
C ARG D 391 13.91 30.81 4.62
N ILE D 392 14.25 31.76 3.75
CA ILE D 392 14.67 31.44 2.38
C ILE D 392 16.06 30.80 2.30
N TYR D 393 16.64 30.46 3.44
CA TYR D 393 17.95 29.82 3.35
C TYR D 393 17.77 28.45 2.73
N HIS D 394 16.56 27.89 2.84
CA HIS D 394 16.28 26.58 2.26
C HIS D 394 16.53 26.67 0.74
N ILE D 395 16.12 27.77 0.13
CA ILE D 395 16.29 28.02 -1.30
C ILE D 395 17.75 28.26 -1.60
N ASP D 396 18.44 28.97 -0.72
CA ASP D 396 19.86 29.25 -0.91
C ASP D 396 20.72 27.99 -0.99
N ARG D 397 20.29 26.94 -0.30
CA ARG D 397 21.03 25.71 -0.30
C ARG D 397 20.94 24.98 -1.63
N GLY D 398 19.79 25.10 -2.30
CA GLY D 398 19.59 24.39 -3.56
C GLY D 398 19.50 25.12 -4.88
N TYR D 399 19.53 26.44 -4.86
CA TYR D 399 19.47 27.23 -6.09
C TYR D 399 20.57 28.25 -6.04
N GLU D 400 21.25 28.41 -7.15
CA GLU D 400 22.33 29.35 -7.25
C GLU D 400 21.83 30.74 -7.74
N ARG D 401 21.90 31.74 -6.86
CA ARG D 401 21.50 33.12 -7.17
C ARG D 401 20.11 33.17 -7.80
N ILE D 402 19.10 32.58 -7.15
CA ILE D 402 17.77 32.59 -7.75
C ILE D 402 17.25 34.01 -7.93
N GLU D 403 17.58 34.89 -7.01
CA GLU D 403 17.13 36.29 -7.08
C GLU D 403 17.65 36.98 -8.32
N ASP D 404 18.95 36.84 -8.53
CA ASP D 404 19.59 37.46 -9.68
C ASP D 404 18.99 36.93 -10.98
N LYS D 405 18.65 35.65 -11.01
CA LYS D 405 18.08 35.06 -12.19
C LYS D 405 16.63 35.52 -12.35
N LEU D 406 15.90 35.58 -11.23
CA LEU D 406 14.51 36.01 -11.24
C LEU D 406 14.43 37.51 -11.63
N ARG D 407 15.31 38.31 -11.07
CA ARG D 407 15.33 39.74 -11.39
C ARG D 407 15.50 39.95 -12.89
N ALA D 408 16.42 39.21 -13.51
CA ALA D 408 16.69 39.34 -14.95
C ALA D 408 15.54 38.87 -15.85
N LEU D 409 14.50 38.31 -15.24
CA LEU D 409 13.35 37.86 -16.01
C LEU D 409 12.25 38.90 -15.84
N GLY D 410 12.51 39.86 -14.95
CA GLY D 410 11.55 40.92 -14.73
C GLY D 410 10.89 40.98 -13.37
N ALA D 411 11.30 40.15 -12.43
CA ALA D 411 10.69 40.18 -11.11
C ALA D 411 11.15 41.35 -10.25
N ASN D 412 10.31 41.73 -9.30
CA ASN D 412 10.64 42.79 -8.40
C ASN D 412 10.84 42.03 -7.09
N ILE D 413 12.10 41.77 -6.75
CA ILE D 413 12.44 41.01 -5.55
C ILE D 413 13.63 41.61 -4.82
N GLU D 414 13.59 41.55 -3.50
CA GLU D 414 14.66 42.11 -2.68
C GLU D 414 14.88 41.25 -1.44
N ARG D 415 16.14 40.87 -1.17
CA ARG D 415 16.46 40.05 0.02
C ARG D 415 16.56 40.93 1.26
N VAL D 416 16.04 40.45 2.39
CA VAL D 416 16.09 41.24 3.62
C VAL D 416 16.51 40.41 4.84
N LYS D 417 17.17 41.07 5.79
CA LYS D 417 17.66 40.43 7.01
C LYS D 417 16.69 40.63 8.16
N GLY D 418 17.21 40.47 9.38
CA GLY D 418 16.42 40.68 10.59
C GLY D 418 15.16 39.84 10.77
N GLU D 419 15.35 38.58 11.13
CA GLU D 419 14.26 37.60 11.37
C GLU D 419 13.04 37.64 10.42
C1 TAV E . -20.02 10.51 1.30
C2 TAV E . -18.75 10.94 1.00
C3 TAV E . -18.57 12.14 0.19
C4 TAV E . -19.74 12.85 -0.29
C5 TAV E . -21.04 12.37 0.05
C6 TAV E . -21.18 11.24 0.81
C9 TAV E . -17.26 12.64 -0.16
C10 TAV E . -19.58 14.04 -1.09
C13 TAV E . -18.32 14.49 -1.41
C14 TAV E . -17.14 13.77 -0.94
S18 TAV E . -20.31 9.01 2.30
O19 TAV E . -21.72 8.93 2.59
N20 TAV E . -19.44 9.37 3.69
C21 TAV E . -21.59 11.75 5.64
C22 TAV E . -21.23 10.75 4.76
C23 TAV E . -19.87 10.41 4.58
C24 TAV E . -18.87 11.12 5.29
C25 TAV E . -19.22 12.14 6.19
C26 TAV E . -20.60 12.44 6.37
C29 TAV E . -17.42 10.73 5.05
S31 TAV E . -20.64 13.78 9.18
C32 TAV E . -17.66 8.01 11.53
C33 TAV E . -18.97 8.24 11.19
C34 TAV E . -19.38 9.54 10.70
C35 TAV E . -18.38 10.59 10.59
C36 TAV E . -17.01 10.31 10.97
C37 TAV E . -16.68 9.06 11.43
C41 TAV E . -20.75 9.82 10.33
C42 TAV E . -18.80 11.90 10.11
C45 TAV E . -20.11 12.14 9.76
C46 TAV E . -21.11 11.07 9.88
N49 TAV E . -16.81 9.72 5.88
O50 TAV E . -16.80 11.28 4.15
O51 TAV E . -20.84 13.34 7.64
O52 TAV E . -21.93 14.07 9.77
O53 TAV E . -19.50 14.70 9.22
O54 TAV E . -19.64 7.91 1.61
C56 TAV E . -16.97 9.69 7.36
C57 TAV E . -15.39 9.51 5.42
C61 TAV E . -14.98 7.99 5.59
O62 TAV E . -15.81 7.10 5.80
O63 TAV E . -13.61 7.66 5.50
C64 TAV E . -12.90 10.64 5.44
O65 TAV E . -12.72 10.94 4.26
O66 TAV E . -11.79 10.39 6.28
C67 TAV E . -14.36 10.58 6.06
C1 TAV F . 13.95 -13.44 11.68
C2 TAV F . 13.32 -13.57 10.44
C3 TAV F . 14.00 -14.30 9.36
C4 TAV F . 15.33 -14.88 9.62
C5 TAV F . 15.92 -14.72 10.91
C6 TAV F . 15.26 -14.03 11.90
C9 TAV F . 13.41 -14.47 8.04
C10 TAV F . 16.01 -15.62 8.57
C13 TAV F . 15.42 -15.76 7.33
C14 TAV F . 14.10 -15.18 7.06
S18 TAV F . 13.19 -12.54 13.05
O19 TAV F . 13.96 -12.82 14.28
N20 TAV F . 11.69 -13.23 13.18
C21 TAV F . 12.08 -16.53 14.95
C22 TAV F . 12.32 -15.20 14.59
C23 TAV F . 11.52 -14.57 13.61
C24 TAV F . 10.47 -15.30 12.99
C25 TAV F . 10.23 -16.63 13.36
C26 TAV F . 11.02 -17.22 14.35
C29 TAV F . 9.64 -14.61 11.95
S31 TAV F . 9.14 -19.48 15.30
C32 TAV F . 4.58 -14.66 17.16
C33 TAV F . 5.76 -15.05 17.75
C34 TAV F . 6.57 -16.08 17.16
C35 TAV F . 6.12 -16.73 15.93
C36 TAV F . 4.88 -16.29 15.34
C37 TAV F . 4.13 -15.30 15.93
C41 TAV F . 7.81 -16.51 17.77
C42 TAV F . 6.94 -17.78 15.35
C45 TAV F . 8.13 -18.15 15.98
C46 TAV F . 8.57 -17.51 17.21
N49 TAV F . 8.44 -13.89 12.38
O50 TAV F . 9.97 -14.65 10.76
O51 TAV F . 10.37 -18.55 14.80
O52 TAV F . 9.59 -20.31 16.39
O53 TAV F . 8.50 -20.02 14.08
O54 TAV F . 13.00 -11.18 12.59
C56 TAV F . 7.46 -14.46 13.35
C57 TAV F . 7.79 -13.29 11.17
C61 TAV F . 7.15 -11.91 11.55
O62 TAV F . 7.80 -10.90 11.79
O63 TAV F . 5.73 -11.88 11.65
C64 TAV F . 6.37 -13.85 8.95
O65 TAV F . 6.58 -14.55 7.95
O66 TAV F . 5.72 -12.62 8.82
C67 TAV F . 6.83 -14.31 10.38
C1 TAV G . -14.89 -5.28 -17.89
C2 TAV G . -14.66 -6.02 -16.73
C3 TAV G . -15.67 -6.97 -16.26
C4 TAV G . -16.90 -7.12 -17.02
C5 TAV G . -17.09 -6.35 -18.21
C6 TAV G . -16.13 -5.46 -18.63
C9 TAV G . -15.49 -7.75 -15.06
C10 TAV G . -17.91 -8.05 -16.55
C13 TAV G . -17.71 -8.78 -15.41
C14 TAV G . -16.48 -8.64 -14.65
S18 TAV G . -13.68 -4.08 -18.49
O19 TAV G . -14.09 -3.60 -19.80
N20 TAV G . -12.30 -4.99 -18.58
C21 TAV G . -12.67 -6.87 -21.83
C22 TAV G . -12.87 -5.92 -20.84
C23 TAV G . -12.14 -5.96 -19.62
C24 TAV G . -11.21 -7.00 -19.42
C25 TAV G . -11.01 -7.96 -20.41
C26 TAV G . -11.71 -7.89 -21.61
C29 TAV G . -10.41 -7.10 -18.14
S31 TAV G . -9.90 -9.62 -23.46
C32 TAV G . -4.38 -5.86 -21.66
C33 TAV G . -5.42 -5.56 -22.50
C34 TAV G . -6.49 -6.51 -22.71
C35 TAV G . -6.45 -7.80 -22.02
C36 TAV G . -5.34 -8.08 -21.13
C37 TAV G . -4.34 -7.14 -20.96
C41 TAV G . -7.59 -6.22 -23.59
C42 TAV G . -7.53 -8.75 -22.25
C45 TAV G . -8.58 -8.43 -23.11
C46 TAV G . -8.59 -7.14 -23.79
N49 TAV G . -9.10 -6.40 -18.05
O50 TAV G . -10.85 -7.76 -17.18
O51 TAV G . -11.09 -8.85 -22.66
O52 TAV G . -10.18 -9.56 -24.87
O53 TAV G . -9.64 -10.86 -22.73
O54 TAV G . -13.53 -3.15 -17.40
C56 TAV G . -8.13 -6.35 -19.17
C57 TAV G . -8.51 -6.72 -16.72
C61 TAV G . -7.76 -5.52 -16.03
O62 TAV G . -7.30 -4.58 -16.64
O63 TAV G . -7.65 -5.55 -14.61
C64 TAV G . -7.34 -8.79 -15.45
O65 TAV G . -8.05 -8.67 -14.43
O66 TAV G . -6.21 -9.61 -15.44
C67 TAV G . -7.70 -8.10 -16.79
C1 TAV H . 21.58 9.07 2.82
C2 TAV H . 20.40 9.36 3.52
C3 TAV H . 20.50 9.92 4.89
C4 TAV H . 21.82 10.15 5.48
C5 TAV H . 23.00 9.83 4.70
C6 TAV H . 22.88 9.31 3.42
C9 TAV H . 19.32 10.24 5.69
C10 TAV H . 21.94 10.70 6.81
C13 TAV H . 20.80 10.99 7.54
C14 TAV H . 19.47 10.77 6.98
S18 TAV H . 21.53 8.36 1.13
O19 TAV H . 22.88 8.39 0.58
N20 TAV H . 20.56 9.44 0.33
C21 TAV H . 22.75 12.47 -0.15
C22 TAV H . 22.39 11.17 0.14
C23 TAV H . 21.02 10.77 0.08
C24 TAV H . 20.02 11.71 -0.26
C25 TAV H . 20.40 13.04 -0.54
C26 TAV H . 21.75 13.40 -0.49
C29 TAV H . 18.58 11.25 -0.32
S31 TAV H . 21.58 16.00 -2.19
C32 TAV H . 18.24 12.66 -7.22
C33 TAV H . 19.56 12.62 -6.87
C34 TAV H . 20.06 13.40 -5.76
C35 TAV H . 19.12 14.23 -5.01
C36 TAV H . 17.72 14.23 -5.40
C37 TAV H . 17.30 13.47 -6.48
C41 TAV H . 21.46 13.40 -5.37
C42 TAV H . 19.61 15.03 -3.90
C45 TAV H . 20.95 14.98 -3.55
C46 TAV H . 21.90 14.15 -4.31
N49 TAV H . 18.14 10.75 -1.62
O50 TAV H . 17.83 11.28 0.68
O51 TAV H . 21.90 14.81 -1.12
O52 TAV H . 22.82 16.60 -2.62
O53 TAV H . 20.48 16.80 -1.60
O54 TAV H . 20.83 7.10 1.23
C56 TAV H . 18.44 11.48 -2.89
C57 TAV H . 16.71 10.28 -1.53
C61 TAV H . 16.48 9.05 -2.56
O62 TAV H . 16.89 7.92 -2.38
O63 TAV H . 15.75 9.31 -3.78
C64 TAV H . 14.23 10.92 -1.44
O65 TAV H . 13.32 11.07 -2.25
O66 TAV H . 14.03 10.24 -0.24
C67 TAV H . 15.66 11.43 -1.70
#